data_5YU3
#
_entry.id   5YU3
#
_cell.length_a   271.529
_cell.length_b   64.783
_cell.length_c   106.858
_cell.angle_alpha   90.00
_cell.angle_beta   104.20
_cell.angle_gamma   90.00
#
_symmetry.space_group_name_H-M   'C 1 2 1'
#
loop_
_entity.id
_entity.type
_entity.pdbx_description
1 polymer 'Lysine cyclodeaminase'
2 non-polymer 'SODIUM ION'
3 non-polymer NICOTINAMIDE-ADENINE-DINUCLEOTIDE
4 non-polymer PROLINE
5 water water
#
_entity_poly.entity_id   1
_entity_poly.type   'polypeptide(L)'
_entity_poly.pdbx_seq_one_letter_code
;METWVLGRRDVAEVVAAVGRDELMRRIIDRLTGGLAEIGRGERHLSPLRGGLERSEPVPGIWEWMPHREPGDHITLKTVG
YSPANPARFGLPTILGTVARYDDTTGALTALMDGVLLTALRTGAASAVASRLLARPDSHTLGLIGTGAQAVTQLHALSLV
LPLQRALVWDTDPAHRESFARRAAFTGVSVEIAEPARIAAEADVISTATSVAVGQGPVLPDTGVREHLHINAVGADLVGK
TELPLGLLERAFVTADHPEQALREGECQQLSADRLGPQLAHLCADPAAAAGRQDTLSVFDSTGFAFEDALAMEVFLEAAA
ERDLGIRVGIEHHPGDALDPYALQ
;
_entity_poly.pdbx_strand_id   A,B,C,D
#
# COMPACT_ATOMS: atom_id res chain seq x y z
N MET A 1 -6.70 15.14 28.61
CA MET A 1 -6.38 15.55 27.24
C MET A 1 -5.13 14.87 26.71
N GLU A 2 -5.22 14.29 25.52
CA GLU A 2 -4.05 13.69 24.89
C GLU A 2 -3.99 14.12 23.44
N THR A 3 -2.78 14.09 22.88
CA THR A 3 -2.59 14.46 21.49
C THR A 3 -3.02 13.30 20.60
N TRP A 4 -3.79 13.62 19.57
CA TRP A 4 -4.17 12.64 18.56
C TRP A 4 -3.03 12.52 17.56
N VAL A 5 -2.36 11.38 17.53
CA VAL A 5 -1.23 11.16 16.62
C VAL A 5 -1.71 10.23 15.52
N LEU A 6 -1.57 10.67 14.27
CA LEU A 6 -1.77 9.79 13.12
C LEU A 6 -0.41 9.24 12.72
N GLY A 7 -0.18 7.95 12.98
CA GLY A 7 1.05 7.34 12.51
C GLY A 7 1.09 7.25 11.00
N ARG A 8 2.29 7.02 10.46
CA ARG A 8 2.43 6.77 9.02
C ARG A 8 1.49 5.65 8.57
N ARG A 9 1.24 4.68 9.44
CA ARG A 9 0.32 3.59 9.11
C ARG A 9 -1.10 4.13 8.96
N ASP A 10 -1.51 5.04 9.85
CA ASP A 10 -2.85 5.61 9.76
C ASP A 10 -3.02 6.44 8.49
N VAL A 11 -2.01 7.25 8.14
CA VAL A 11 -2.09 8.00 6.89
C VAL A 11 -2.18 7.05 5.70
N ALA A 12 -1.37 5.99 5.72
CA ALA A 12 -1.44 4.99 4.64
C ALA A 12 -2.83 4.37 4.55
N GLU A 13 -3.46 4.10 5.68
CA GLU A 13 -4.77 3.46 5.64
C GLU A 13 -5.83 4.42 5.14
N VAL A 14 -5.70 5.72 5.45
CA VAL A 14 -6.65 6.69 4.91
C VAL A 14 -6.59 6.70 3.39
N VAL A 15 -5.39 6.80 2.82
CA VAL A 15 -5.32 6.90 1.37
C VAL A 15 -5.66 5.54 0.74
N ALA A 16 -5.36 4.44 1.41
CA ALA A 16 -5.73 3.13 0.86
C ALA A 16 -7.24 2.95 0.83
N ALA A 17 -7.93 3.34 1.91
CA ALA A 17 -9.39 3.13 1.96
C ALA A 17 -10.12 4.06 1.00
N VAL A 18 -9.71 5.33 0.96
CA VAL A 18 -10.40 6.34 0.17
C VAL A 18 -9.97 6.27 -1.30
N GLY A 19 -8.72 5.91 -1.55
CA GLY A 19 -8.17 5.87 -2.90
C GLY A 19 -7.50 7.18 -3.28
N ARG A 20 -6.45 7.06 -4.09
CA ARG A 20 -5.67 8.24 -4.48
C ARG A 20 -6.52 9.25 -5.24
N ASP A 21 -7.33 8.79 -6.20
CA ASP A 21 -8.10 9.72 -7.01
C ASP A 21 -9.08 10.51 -6.17
N GLU A 22 -9.85 9.81 -5.33
CA GLU A 22 -10.86 10.49 -4.55
C GLU A 22 -10.23 11.40 -3.50
N LEU A 23 -9.13 10.96 -2.88
CA LEU A 23 -8.49 11.80 -1.87
C LEU A 23 -7.90 13.06 -2.51
N MET A 24 -7.31 12.93 -3.69
CA MET A 24 -6.81 14.11 -4.39
C MET A 24 -7.95 15.04 -4.78
N ARG A 25 -9.08 14.48 -5.26
CA ARG A 25 -10.22 15.30 -5.61
C ARG A 25 -10.78 16.05 -4.39
N ARG A 26 -10.83 15.39 -3.23
CA ARG A 26 -11.29 16.07 -2.03
C ARG A 26 -10.41 17.27 -1.72
N ILE A 27 -9.09 17.11 -1.85
CA ILE A 27 -8.18 18.21 -1.52
C ILE A 27 -8.27 19.31 -2.58
N ILE A 28 -8.40 18.95 -3.86
CA ILE A 28 -8.65 19.95 -4.89
C ILE A 28 -9.90 20.76 -4.56
N ASP A 29 -11.00 20.08 -4.22
CA ASP A 29 -12.25 20.79 -3.94
C ASP A 29 -12.12 21.69 -2.72
N ARG A 30 -11.49 21.20 -1.66
CA ARG A 30 -11.37 22.00 -0.44
C ARG A 30 -10.45 23.20 -0.66
N LEU A 31 -9.35 22.99 -1.37
CA LEU A 31 -8.45 24.08 -1.69
C LEU A 31 -9.15 25.15 -2.54
N THR A 32 -9.95 24.72 -3.51
CA THR A 32 -10.69 25.67 -4.35
C THR A 32 -11.62 26.53 -3.51
N GLY A 33 -12.40 25.90 -2.63
CA GLY A 33 -13.31 26.67 -1.78
C GLY A 33 -12.56 27.57 -0.82
N GLY A 34 -11.48 27.07 -0.22
CA GLY A 34 -10.73 27.86 0.72
C GLY A 34 -10.05 29.07 0.07
N LEU A 35 -9.50 28.88 -1.13
CA LEU A 35 -8.90 29.99 -1.85
C LEU A 35 -9.94 31.05 -2.19
N ALA A 36 -11.15 30.62 -2.61
CA ALA A 36 -12.20 31.59 -2.88
C ALA A 36 -12.59 32.35 -1.62
N GLU A 37 -12.61 31.67 -0.47
CA GLU A 37 -12.88 32.36 0.80
C GLU A 37 -11.84 33.43 1.08
N ILE A 38 -10.56 33.16 0.82
CA ILE A 38 -9.54 34.19 0.95
C ILE A 38 -9.82 35.33 -0.01
N GLY A 39 -10.16 35.00 -1.26
CA GLY A 39 -10.43 36.03 -2.25
C GLY A 39 -11.60 36.92 -1.90
N ARG A 40 -12.57 36.38 -1.16
CA ARG A 40 -13.72 37.16 -0.71
C ARG A 40 -13.47 37.87 0.62
N GLY A 41 -12.28 37.76 1.17
CA GLY A 41 -11.98 38.40 2.44
C GLY A 41 -12.57 37.72 3.65
N GLU A 42 -13.11 36.52 3.50
CA GLU A 42 -13.63 35.75 4.64
C GLU A 42 -12.53 35.03 5.40
N ARG A 43 -11.39 34.78 4.75
CA ARG A 43 -10.21 34.20 5.38
C ARG A 43 -9.01 34.97 4.88
N HIS A 44 -7.83 34.67 5.42
CA HIS A 44 -6.67 35.49 5.13
C HIS A 44 -5.46 34.63 4.82
N LEU A 45 -4.61 35.13 3.93
CA LEU A 45 -3.35 34.49 3.61
C LEU A 45 -2.55 34.26 4.88
N SER A 46 -1.88 33.11 4.93
CA SER A 46 -0.98 32.81 6.04
C SER A 46 0.17 33.83 6.07
N PRO A 47 0.71 34.11 7.26
CA PRO A 47 1.89 34.96 7.32
C PRO A 47 3.05 34.32 6.56
N LEU A 48 4.04 35.14 6.22
CA LEU A 48 5.24 34.61 5.58
C LEU A 48 5.84 33.51 6.43
N ARG A 49 6.28 32.44 5.78
CA ARG A 49 6.97 31.41 6.53
C ARG A 49 8.38 31.86 6.87
N GLY A 50 9.06 31.08 7.71
CA GLY A 50 10.46 31.32 8.03
C GLY A 50 11.25 30.03 7.91
N GLY A 51 12.57 30.17 7.91
CA GLY A 51 13.39 28.98 7.75
C GLY A 51 14.84 29.20 8.10
N LEU A 52 15.56 28.08 8.17
CA LEU A 52 16.99 28.03 8.44
C LEU A 52 17.69 27.37 7.27
N GLU A 53 18.64 28.08 6.67
CA GLU A 53 19.42 27.51 5.58
C GLU A 53 20.44 26.50 6.11
N ARG A 54 20.66 25.42 5.35
CA ARG A 54 21.63 24.38 5.69
C ARG A 54 22.48 24.12 4.47
N SER A 55 23.81 24.13 4.63
CA SER A 55 24.67 24.05 3.47
C SER A 55 25.15 22.64 3.15
N GLU A 56 25.19 21.73 4.13
CA GLU A 56 25.67 20.37 3.98
C GLU A 56 24.51 19.38 3.98
N PRO A 57 24.59 18.29 3.19
CA PRO A 57 25.76 17.91 2.21
C PRO A 57 25.61 18.79 0.92
N VAL A 58 24.41 19.28 0.67
CA VAL A 58 24.13 20.27 -0.38
C VAL A 58 23.19 21.31 0.21
N PRO A 59 23.15 22.51 -0.37
CA PRO A 59 22.30 23.56 0.20
C PRO A 59 20.84 23.18 0.22
N GLY A 60 20.23 23.33 1.40
CA GLY A 60 18.82 23.08 1.58
C GLY A 60 18.27 24.02 2.62
N ILE A 61 17.04 23.80 3.08
CA ILE A 61 16.42 24.72 4.03
C ILE A 61 15.39 23.96 4.84
N TRP A 62 15.17 24.40 6.06
CA TRP A 62 14.18 23.79 6.94
C TRP A 62 13.28 24.91 7.45
N GLU A 63 11.97 24.75 7.26
CA GLU A 63 11.05 25.87 7.41
C GLU A 63 9.91 25.54 8.37
N TRP A 64 9.35 26.61 8.94
CA TRP A 64 8.15 26.56 9.75
C TRP A 64 7.08 27.40 9.08
N MET A 65 5.86 26.87 9.04
CA MET A 65 4.74 27.45 8.30
C MET A 65 3.49 27.45 9.17
N PRO A 66 3.21 28.55 9.87
CA PRO A 66 2.00 28.63 10.69
C PRO A 66 0.79 29.19 9.95
N HIS A 67 -0.38 28.71 10.35
CA HIS A 67 -1.63 29.32 9.94
C HIS A 67 -2.65 29.26 11.06
N ARG A 68 -3.26 30.39 11.39
CA ARG A 68 -4.18 30.48 12.51
C ARG A 68 -5.60 30.66 12.01
N GLU A 69 -6.53 29.87 12.55
CA GLU A 69 -7.95 30.09 12.40
C GLU A 69 -8.48 30.63 13.72
N PRO A 70 -8.69 31.94 13.85
CA PRO A 70 -8.92 32.55 15.17
C PRO A 70 -10.10 31.95 15.91
N GLY A 71 -9.86 31.62 17.18
CA GLY A 71 -10.85 30.99 18.02
C GLY A 71 -10.96 29.49 17.85
N ASP A 72 -10.30 28.92 16.85
CA ASP A 72 -10.43 27.49 16.57
C ASP A 72 -9.11 26.79 16.82
N HIS A 73 -8.16 26.91 15.89
CA HIS A 73 -6.92 26.18 16.03
C HIS A 73 -5.81 26.87 15.24
N ILE A 74 -4.59 26.44 15.51
CA ILE A 74 -3.40 26.88 14.79
C ILE A 74 -2.77 25.67 14.16
N THR A 75 -2.44 25.76 12.88
CA THR A 75 -1.70 24.71 12.18
C THR A 75 -0.25 25.13 12.05
N LEU A 76 0.67 24.20 12.30
CA LEU A 76 2.08 24.45 12.02
C LEU A 76 2.64 23.29 11.21
N LYS A 77 3.15 23.58 10.00
CA LYS A 77 3.93 22.58 9.30
C LYS A 77 5.41 22.89 9.45
N THR A 78 6.17 21.85 9.80
CA THR A 78 7.62 21.90 9.85
C THR A 78 8.12 20.99 8.73
N VAL A 79 8.97 21.51 7.87
CA VAL A 79 9.30 20.77 6.66
C VAL A 79 10.70 21.13 6.20
N GLY A 80 11.48 20.11 5.86
CA GLY A 80 12.80 20.30 5.31
C GLY A 80 12.82 20.09 3.81
N TYR A 81 13.71 20.84 3.15
CA TYR A 81 14.09 20.62 1.76
C TYR A 81 15.56 20.22 1.78
N SER A 82 15.85 18.97 1.45
CA SER A 82 17.20 18.41 1.57
C SER A 82 17.46 17.59 0.33
N PRO A 83 17.91 18.23 -0.75
CA PRO A 83 17.87 17.59 -2.09
C PRO A 83 18.85 16.45 -2.26
N ALA A 84 19.77 16.23 -1.35
CA ALA A 84 20.61 15.04 -1.39
C ALA A 84 19.96 13.85 -0.69
N ASN A 85 18.79 14.03 -0.07
CA ASN A 85 18.16 12.92 0.66
C ASN A 85 17.96 11.68 -0.20
N PRO A 86 17.40 11.76 -1.41
CA PRO A 86 17.13 10.52 -2.16
C PRO A 86 18.38 9.72 -2.46
N ALA A 87 19.41 10.37 -3.02
CA ALA A 87 20.62 9.67 -3.44
C ALA A 87 21.45 9.21 -2.24
N ARG A 88 21.56 10.03 -1.20
CA ARG A 88 22.46 9.73 -0.10
C ARG A 88 21.84 8.85 0.98
N PHE A 89 20.55 9.03 1.28
CA PHE A 89 19.94 8.37 2.43
C PHE A 89 18.68 7.57 2.08
N GLY A 90 18.24 7.57 0.83
CA GLY A 90 16.99 6.91 0.51
C GLY A 90 15.78 7.56 1.13
N LEU A 91 15.88 8.84 1.47
CA LEU A 91 14.80 9.60 2.06
C LEU A 91 14.27 10.61 1.05
N PRO A 92 13.03 11.04 1.19
CA PRO A 92 12.51 12.08 0.30
C PRO A 92 13.20 13.40 0.56
N THR A 93 13.37 14.18 -0.52
CA THR A 93 13.88 15.53 -0.39
C THR A 93 13.02 16.38 0.55
N ILE A 94 11.70 16.27 0.41
CA ILE A 94 10.75 17.00 1.25
C ILE A 94 10.34 16.07 2.39
N LEU A 95 10.71 16.45 3.61
CA LEU A 95 10.44 15.65 4.81
C LEU A 95 9.84 16.58 5.84
N GLY A 96 8.60 16.30 6.27
CA GLY A 96 7.96 17.20 7.21
C GLY A 96 6.83 16.56 7.98
N THR A 97 6.24 17.36 8.88
CA THR A 97 5.15 16.95 9.74
C THR A 97 4.22 18.15 9.94
N VAL A 98 2.96 17.88 10.27
CA VAL A 98 1.96 18.93 10.43
C VAL A 98 1.30 18.75 11.79
N ALA A 99 1.29 19.82 12.59
CA ALA A 99 0.68 19.79 13.92
C ALA A 99 -0.50 20.75 13.99
N ARG A 100 -1.45 20.45 14.88
CA ARG A 100 -2.56 21.32 15.16
C ARG A 100 -2.60 21.62 16.65
N TYR A 101 -2.84 22.89 16.99
CA TYR A 101 -2.87 23.39 18.35
C TYR A 101 -4.21 24.07 18.62
N ASP A 102 -4.77 23.82 19.81
CA ASP A 102 -6.00 24.52 20.18
C ASP A 102 -5.72 26.00 20.34
N ASP A 103 -6.53 26.84 19.69
CA ASP A 103 -6.29 28.28 19.76
C ASP A 103 -6.63 28.84 21.14
N THR A 104 -7.58 28.23 21.85
CA THR A 104 -7.99 28.76 23.14
C THR A 104 -6.96 28.46 24.23
N THR A 105 -6.50 27.22 24.32
CA THR A 105 -5.60 26.78 25.39
C THR A 105 -4.14 26.67 24.98
N GLY A 106 -3.86 26.59 23.68
CA GLY A 106 -2.52 26.33 23.21
C GLY A 106 -2.13 24.87 23.10
N ALA A 107 -2.99 23.94 23.53
CA ALA A 107 -2.56 22.55 23.64
C ALA A 107 -2.36 21.91 22.27
N LEU A 108 -1.35 21.05 22.16
CA LEU A 108 -1.12 20.25 20.96
C LEU A 108 -2.23 19.20 20.83
N THR A 109 -3.10 19.33 19.82
CA THR A 109 -4.24 18.43 19.70
C THR A 109 -4.07 17.34 18.65
N ALA A 110 -3.26 17.55 17.62
CA ALA A 110 -3.12 16.56 16.57
C ALA A 110 -1.77 16.72 15.88
N LEU A 111 -1.24 15.59 15.41
CA LEU A 111 0.07 15.54 14.77
C LEU A 111 0.07 14.45 13.72
N MET A 112 0.58 14.73 12.52
CA MET A 112 0.57 13.74 11.44
C MET A 112 1.73 13.98 10.48
N ASP A 113 1.99 12.96 9.65
CA ASP A 113 2.95 13.05 8.56
C ASP A 113 2.66 14.26 7.67
N GLY A 114 3.72 14.87 7.16
CA GLY A 114 3.59 15.94 6.18
C GLY A 114 4.10 15.60 4.80
N VAL A 115 4.73 14.43 4.62
CA VAL A 115 5.30 14.08 3.32
C VAL A 115 4.21 13.87 2.27
N LEU A 116 3.27 12.93 2.53
CA LEU A 116 2.20 12.69 1.58
C LEU A 116 1.30 13.92 1.43
N LEU A 117 0.88 14.51 2.56
CA LEU A 117 0.03 15.70 2.55
C LEU A 117 0.64 16.82 1.70
N THR A 118 1.95 17.06 1.83
CA THR A 118 2.57 18.14 1.06
C THR A 118 2.47 17.83 -0.43
N ALA A 119 2.78 16.59 -0.82
CA ALA A 119 2.70 16.22 -2.23
C ALA A 119 1.28 16.36 -2.75
N LEU A 120 0.28 15.97 -1.94
CA LEU A 120 -1.11 16.05 -2.36
C LEU A 120 -1.54 17.50 -2.57
N ARG A 121 -1.31 18.37 -1.59
CA ARG A 121 -1.85 19.73 -1.73
C ARG A 121 -1.07 20.54 -2.75
N THR A 122 0.18 20.16 -3.03
CA THR A 122 0.96 20.86 -4.04
C THR A 122 0.49 20.49 -5.44
N GLY A 123 0.19 19.21 -5.68
CA GLY A 123 -0.50 18.84 -6.90
C GLY A 123 -1.85 19.52 -7.01
N ALA A 124 -2.61 19.53 -5.90
CA ALA A 124 -3.94 20.12 -5.93
C ALA A 124 -3.89 21.59 -6.30
N ALA A 125 -2.93 22.32 -5.76
CA ALA A 125 -2.85 23.76 -6.04
C ALA A 125 -2.60 24.01 -7.52
N SER A 126 -1.68 23.24 -8.12
CA SER A 126 -1.47 23.33 -9.57
C SER A 126 -2.74 23.00 -10.33
N ALA A 127 -3.52 22.02 -9.85
CA ALA A 127 -4.77 21.67 -10.52
C ALA A 127 -5.77 22.81 -10.45
N VAL A 128 -5.88 23.48 -9.29
CA VAL A 128 -6.76 24.64 -9.17
C VAL A 128 -6.35 25.73 -10.16
N ALA A 129 -5.05 26.03 -10.21
CA ALA A 129 -4.58 27.10 -11.10
C ALA A 129 -4.74 26.71 -12.56
N SER A 130 -4.50 25.44 -12.89
CA SER A 130 -4.53 25.02 -14.29
C SER A 130 -5.96 24.92 -14.81
N ARG A 131 -6.91 24.59 -13.94
CA ARG A 131 -8.31 24.64 -14.35
C ARG A 131 -8.67 26.06 -14.80
N LEU A 132 -8.13 27.07 -14.12
CA LEU A 132 -8.43 28.46 -14.47
C LEU A 132 -7.68 28.94 -15.70
N LEU A 133 -6.44 28.45 -15.92
CA LEU A 133 -5.52 29.11 -16.85
C LEU A 133 -4.97 28.22 -17.95
N ALA A 134 -5.17 26.92 -17.91
CA ALA A 134 -4.80 26.07 -19.03
C ALA A 134 -6.03 25.84 -19.92
N ARG A 135 -5.77 25.56 -21.19
CA ARG A 135 -6.85 25.25 -22.11
C ARG A 135 -7.61 24.02 -21.60
N PRO A 136 -8.94 24.07 -21.55
CA PRO A 136 -9.68 22.92 -21.03
C PRO A 136 -9.53 21.65 -21.86
N ASP A 137 -9.05 21.75 -23.10
CA ASP A 137 -8.78 20.58 -23.90
C ASP A 137 -7.30 20.24 -23.94
N SER A 138 -6.50 20.77 -23.01
CA SER A 138 -5.09 20.44 -22.91
C SER A 138 -4.87 18.93 -22.94
N HIS A 139 -3.98 18.49 -23.81
CA HIS A 139 -3.76 17.08 -24.07
C HIS A 139 -2.35 16.62 -23.70
N THR A 140 -1.36 17.51 -23.74
CA THR A 140 0.04 17.16 -23.51
C THR A 140 0.58 17.92 -22.31
N LEU A 141 1.00 17.20 -21.29
CA LEU A 141 1.64 17.79 -20.12
C LEU A 141 3.16 17.68 -20.27
N GLY A 142 3.86 18.74 -19.90
CA GLY A 142 5.31 18.71 -19.78
C GLY A 142 5.70 18.74 -18.31
N LEU A 143 6.71 17.93 -17.96
CA LEU A 143 7.26 17.94 -16.60
C LEU A 143 8.76 18.13 -16.69
N ILE A 144 9.28 19.17 -16.04
CA ILE A 144 10.72 19.35 -15.86
C ILE A 144 11.03 19.09 -14.41
N GLY A 145 11.86 18.08 -14.14
CA GLY A 145 11.96 17.51 -12.81
C GLY A 145 10.97 16.37 -12.65
N THR A 146 11.47 15.15 -12.49
CA THR A 146 10.59 14.00 -12.33
C THR A 146 10.91 13.30 -11.01
N GLY A 147 10.94 14.08 -9.94
CA GLY A 147 11.07 13.55 -8.59
C GLY A 147 9.73 13.36 -7.94
N ALA A 148 9.67 13.66 -6.64
CA ALA A 148 8.45 13.36 -5.88
C ALA A 148 7.28 14.25 -6.30
N GLN A 149 7.48 15.57 -6.38
CA GLN A 149 6.34 16.44 -6.70
C GLN A 149 5.79 16.12 -8.08
N ALA A 150 6.66 15.75 -9.02
CA ALA A 150 6.19 15.46 -10.38
C ALA A 150 5.12 14.39 -10.38
N VAL A 151 5.20 13.44 -9.43
CA VAL A 151 4.19 12.39 -9.37
C VAL A 151 2.81 12.98 -9.11
N THR A 152 2.68 13.86 -8.12
CA THR A 152 1.37 14.40 -7.83
C THR A 152 0.98 15.56 -8.75
N GLN A 153 1.96 16.22 -9.37
CA GLN A 153 1.62 17.17 -10.43
C GLN A 153 0.90 16.45 -11.56
N LEU A 154 1.48 15.36 -12.06
CA LEU A 154 0.84 14.58 -13.12
C LEU A 154 -0.50 14.03 -12.64
N HIS A 155 -0.57 13.50 -11.43
CA HIS A 155 -1.80 12.89 -10.96
C HIS A 155 -2.92 13.93 -10.86
N ALA A 156 -2.66 15.04 -10.14
CA ALA A 156 -3.70 16.06 -9.98
C ALA A 156 -4.14 16.63 -11.33
N LEU A 157 -3.19 16.96 -12.20
CA LEU A 157 -3.57 17.56 -13.47
C LEU A 157 -4.37 16.58 -14.33
N SER A 158 -4.05 15.29 -14.25
CA SER A 158 -4.81 14.30 -15.00
C SER A 158 -6.26 14.18 -14.54
N LEU A 159 -6.59 14.65 -13.32
CA LEU A 159 -7.97 14.62 -12.88
C LEU A 159 -8.77 15.83 -13.33
N VAL A 160 -8.12 16.91 -13.74
CA VAL A 160 -8.83 18.13 -14.11
C VAL A 160 -8.68 18.48 -15.59
N LEU A 161 -7.76 17.84 -16.31
CA LEU A 161 -7.55 18.06 -17.74
C LEU A 161 -7.52 16.74 -18.47
N PRO A 162 -7.95 16.71 -19.75
CA PRO A 162 -7.99 15.46 -20.52
C PRO A 162 -6.63 15.06 -21.08
N LEU A 163 -5.66 14.89 -20.18
CA LEU A 163 -4.29 14.63 -20.58
C LEU A 163 -4.16 13.25 -21.21
N GLN A 164 -3.49 13.20 -22.36
CA GLN A 164 -3.21 11.94 -23.02
C GLN A 164 -1.75 11.54 -22.97
N ARG A 165 -0.84 12.48 -22.76
CA ARG A 165 0.57 12.11 -22.69
C ARG A 165 1.32 13.13 -21.86
N ALA A 166 2.46 12.68 -21.33
CA ALA A 166 3.36 13.52 -20.56
C ALA A 166 4.75 13.39 -21.15
N LEU A 167 5.32 14.54 -21.54
CA LEU A 167 6.71 14.64 -22.00
C LEU A 167 7.56 15.12 -20.84
N VAL A 168 8.58 14.35 -20.45
CA VAL A 168 9.22 14.57 -19.15
C VAL A 168 10.73 14.60 -19.28
N TRP A 169 11.36 15.42 -18.42
CA TRP A 169 12.80 15.55 -18.37
C TRP A 169 13.26 15.68 -16.93
N ASP A 170 14.43 15.11 -16.66
CA ASP A 170 15.17 15.29 -15.43
C ASP A 170 16.65 15.30 -15.80
N THR A 171 17.46 16.04 -15.04
CA THR A 171 18.89 16.05 -15.31
C THR A 171 19.57 14.77 -14.84
N ASP A 172 18.90 14.00 -14.00
CA ASP A 172 19.40 12.70 -13.55
C ASP A 172 18.77 11.64 -14.44
N PRO A 173 19.54 10.91 -15.25
CA PRO A 173 18.92 9.94 -16.16
C PRO A 173 18.15 8.86 -15.45
N ALA A 174 18.63 8.40 -14.29
CA ALA A 174 17.92 7.40 -13.52
C ALA A 174 16.54 7.91 -13.10
N HIS A 175 16.43 9.18 -12.75
CA HIS A 175 15.17 9.72 -12.25
C HIS A 175 14.14 9.93 -13.35
N ARG A 176 14.58 10.30 -14.56
CA ARG A 176 13.62 10.43 -15.64
C ARG A 176 13.21 9.06 -16.18
N GLU A 177 14.11 8.08 -16.14
CA GLU A 177 13.77 6.75 -16.65
C GLU A 177 12.84 5.99 -15.72
N SER A 178 12.87 6.29 -14.42
CA SER A 178 11.97 5.62 -13.48
C SER A 178 10.59 6.26 -13.41
N PHE A 179 10.40 7.41 -14.07
CA PHE A 179 9.16 8.15 -13.85
C PHE A 179 7.96 7.39 -14.41
N ALA A 180 8.12 6.75 -15.57
CA ALA A 180 6.98 6.06 -16.17
C ALA A 180 6.38 5.02 -15.23
N ARG A 181 7.22 4.28 -14.49
CA ARG A 181 6.66 3.30 -13.55
C ARG A 181 5.92 3.97 -12.41
N ARG A 182 6.47 5.07 -11.88
CA ARG A 182 5.78 5.78 -10.80
C ARG A 182 4.48 6.40 -11.27
N ALA A 183 4.38 6.76 -12.56
CA ALA A 183 3.21 7.43 -13.12
C ALA A 183 2.17 6.47 -13.70
N ALA A 184 2.49 5.18 -13.79
CA ALA A 184 1.68 4.25 -14.57
C ALA A 184 0.21 4.26 -14.16
N PHE A 185 -0.06 4.34 -12.85
CA PHE A 185 -1.43 4.22 -12.37
C PHE A 185 -2.35 5.29 -12.94
N THR A 186 -1.78 6.44 -13.36
CA THR A 186 -2.61 7.53 -13.87
C THR A 186 -3.15 7.24 -15.26
N GLY A 187 -2.53 6.31 -15.99
CA GLY A 187 -2.93 6.04 -17.35
C GLY A 187 -2.46 7.05 -18.38
N VAL A 188 -1.65 8.02 -17.96
CA VAL A 188 -1.10 9.01 -18.90
C VAL A 188 0.23 8.47 -19.42
N SER A 189 0.33 8.30 -20.74
CA SER A 189 1.56 7.74 -21.29
C SER A 189 2.71 8.73 -21.11
N VAL A 190 3.88 8.20 -20.79
CA VAL A 190 5.05 9.02 -20.46
C VAL A 190 6.11 8.81 -21.53
N GLU A 191 6.69 9.91 -21.99
CA GLU A 191 7.76 9.90 -22.98
C GLU A 191 8.84 10.86 -22.50
N ILE A 192 10.08 10.38 -22.45
CA ILE A 192 11.19 11.27 -22.10
C ILE A 192 11.47 12.20 -23.28
N ALA A 193 11.66 13.48 -22.99
CA ALA A 193 11.86 14.48 -24.02
C ALA A 193 12.69 15.62 -23.46
N GLU A 194 13.58 16.16 -24.29
CA GLU A 194 14.45 17.22 -23.82
C GLU A 194 13.65 18.51 -23.61
N PRO A 195 14.14 19.40 -22.75
CA PRO A 195 13.35 20.59 -22.40
C PRO A 195 12.89 21.42 -23.58
N ALA A 196 13.72 21.55 -24.62
CA ALA A 196 13.28 22.34 -25.78
C ALA A 196 12.08 21.70 -26.46
N ARG A 197 12.04 20.37 -26.51
CA ARG A 197 10.87 19.70 -27.10
C ARG A 197 9.65 19.88 -26.22
N ILE A 198 9.84 19.82 -24.89
CA ILE A 198 8.73 20.03 -23.97
C ILE A 198 8.16 21.43 -24.14
N ALA A 199 9.04 22.44 -24.24
CA ALA A 199 8.59 23.81 -24.45
C ALA A 199 7.78 23.94 -25.73
N ALA A 200 8.22 23.28 -26.81
CA ALA A 200 7.52 23.42 -28.09
C ALA A 200 6.18 22.70 -28.12
N GLU A 201 6.03 21.58 -27.41
CA GLU A 201 4.90 20.71 -27.64
C GLU A 201 3.86 20.67 -26.52
N ALA A 202 4.19 21.13 -25.32
CA ALA A 202 3.27 20.96 -24.20
C ALA A 202 2.17 22.01 -24.21
N ASP A 203 0.99 21.60 -23.75
CA ASP A 203 -0.11 22.53 -23.47
C ASP A 203 -0.03 23.10 -22.06
N VAL A 204 0.46 22.31 -21.12
CA VAL A 204 0.66 22.75 -19.74
C VAL A 204 1.96 22.14 -19.26
N ILE A 205 2.72 22.87 -18.46
CA ILE A 205 4.00 22.40 -17.94
C ILE A 205 4.00 22.61 -16.43
N SER A 206 4.56 21.66 -15.70
CA SER A 206 4.96 21.87 -14.30
C SER A 206 6.47 21.73 -14.20
N THR A 207 7.12 22.74 -13.61
CA THR A 207 8.53 22.64 -13.25
C THR A 207 8.63 22.40 -11.75
N ALA A 208 9.36 21.34 -11.36
CA ALA A 208 9.45 20.99 -9.94
C ALA A 208 10.80 20.29 -9.77
N THR A 209 11.86 21.11 -9.72
CA THR A 209 13.23 20.62 -9.69
C THR A 209 13.91 21.01 -8.40
N SER A 210 15.00 20.30 -8.10
CA SER A 210 15.93 20.70 -7.04
C SER A 210 17.12 21.46 -7.61
N VAL A 211 16.89 22.27 -8.64
CA VAL A 211 17.98 23.06 -9.23
C VAL A 211 18.55 23.99 -8.17
N ALA A 212 19.87 24.18 -8.21
CA ALA A 212 20.54 24.99 -7.22
C ALA A 212 20.32 26.49 -7.48
N VAL A 213 20.60 27.28 -6.45
CA VAL A 213 20.55 28.74 -6.56
C VAL A 213 21.41 29.18 -7.73
N GLY A 214 20.84 30.00 -8.61
CA GLY A 214 21.59 30.59 -9.70
C GLY A 214 21.82 29.71 -10.91
N GLN A 215 21.28 28.48 -10.92
CA GLN A 215 21.54 27.55 -12.01
C GLN A 215 20.32 27.34 -12.90
N GLY A 216 19.28 28.17 -12.76
CA GLY A 216 18.23 28.22 -13.73
C GLY A 216 18.71 28.87 -15.03
N PRO A 217 17.82 28.89 -16.04
CA PRO A 217 16.37 28.32 -16.07
C PRO A 217 16.47 26.78 -16.33
N VAL A 218 15.43 26.05 -15.92
CA VAL A 218 15.34 24.62 -16.23
C VAL A 218 14.54 24.38 -17.49
N LEU A 219 13.81 25.39 -17.97
CA LEU A 219 13.11 25.40 -19.22
C LEU A 219 13.72 26.50 -20.07
N PRO A 220 14.11 26.23 -21.31
CA PRO A 220 14.81 27.25 -22.10
C PRO A 220 13.88 28.32 -22.65
N ASP A 221 14.45 29.50 -22.85
CA ASP A 221 13.73 30.64 -23.44
C ASP A 221 13.67 30.42 -24.95
N THR A 222 12.64 29.72 -25.38
CA THR A 222 12.46 29.41 -26.80
C THR A 222 10.97 29.36 -27.10
N GLY A 223 10.64 28.86 -28.29
CA GLY A 223 9.26 28.82 -28.73
C GLY A 223 8.38 27.98 -27.82
N VAL A 224 7.22 28.53 -27.44
CA VAL A 224 6.22 27.80 -26.69
C VAL A 224 4.87 27.99 -27.39
N ARG A 225 3.93 27.13 -27.06
CA ARG A 225 2.59 27.30 -27.62
C ARG A 225 1.94 28.54 -27.06
N GLU A 226 1.08 29.17 -27.89
CA GLU A 226 0.49 30.44 -27.54
C GLU A 226 -0.31 30.37 -26.25
N HIS A 227 -0.94 29.22 -25.98
CA HIS A 227 -1.83 29.05 -24.84
C HIS A 227 -1.16 28.42 -23.64
N LEU A 228 0.15 28.20 -23.68
CA LEU A 228 0.85 27.44 -22.64
C LEU A 228 0.55 27.99 -21.24
N HIS A 229 0.26 27.08 -20.32
CA HIS A 229 0.23 27.39 -18.89
C HIS A 229 1.34 26.64 -18.17
N ILE A 230 2.08 27.35 -17.32
CA ILE A 230 3.17 26.75 -16.54
C ILE A 230 2.82 26.84 -15.06
N ASN A 231 2.90 25.71 -14.36
CA ASN A 231 2.92 25.70 -12.90
C ASN A 231 4.38 25.69 -12.48
N ALA A 232 4.88 26.81 -11.96
CA ALA A 232 6.25 26.92 -11.50
C ALA A 232 6.27 26.54 -10.02
N VAL A 233 6.69 25.31 -9.73
CA VAL A 233 6.43 24.73 -8.41
C VAL A 233 7.70 24.73 -7.57
N GLY A 234 8.85 24.59 -8.23
CA GLY A 234 10.12 24.60 -7.54
C GLY A 234 10.28 25.84 -6.68
N ALA A 235 10.77 25.68 -5.45
CA ALA A 235 10.82 26.77 -4.47
C ALA A 235 11.54 26.27 -3.23
N ASP A 236 12.58 26.98 -2.82
CA ASP A 236 13.28 26.64 -1.57
C ASP A 236 14.14 27.80 -1.09
N LEU A 237 15.33 27.95 -1.67
CA LEU A 237 16.26 28.99 -1.25
C LEU A 237 16.03 30.28 -2.02
N VAL A 238 16.26 31.40 -1.35
CA VAL A 238 16.31 32.67 -2.06
C VAL A 238 17.37 32.57 -3.14
N GLY A 239 17.03 33.02 -4.35
CA GLY A 239 17.93 32.96 -5.49
C GLY A 239 17.73 31.75 -6.38
N LYS A 240 16.87 30.82 -5.99
CA LYS A 240 16.52 29.67 -6.82
C LYS A 240 15.33 30.04 -7.67
N THR A 241 15.48 29.94 -8.99
CA THR A 241 14.38 30.11 -9.92
C THR A 241 14.47 29.02 -10.98
N GLU A 242 13.37 28.85 -11.72
CA GLU A 242 13.29 27.82 -12.73
C GLU A 242 12.98 28.32 -14.12
N LEU A 243 12.36 29.50 -14.25
CA LEU A 243 11.90 29.90 -15.58
C LEU A 243 12.77 31.02 -16.15
N PRO A 244 12.83 31.15 -17.47
CA PRO A 244 13.63 32.23 -18.06
C PRO A 244 12.91 33.56 -17.93
N LEU A 245 13.68 34.61 -17.64
CA LEU A 245 13.09 35.93 -17.44
C LEU A 245 12.26 36.36 -18.64
N GLY A 246 12.76 36.11 -19.85
CA GLY A 246 12.03 36.54 -21.04
C GLY A 246 10.65 35.94 -21.13
N LEU A 247 10.53 34.65 -20.80
CA LEU A 247 9.22 34.00 -20.73
C LEU A 247 8.34 34.64 -19.66
N LEU A 248 8.89 34.83 -18.46
CA LEU A 248 8.12 35.41 -17.37
C LEU A 248 7.58 36.79 -17.73
N GLU A 249 8.40 37.61 -18.40
CA GLU A 249 7.98 38.96 -18.75
C GLU A 249 6.86 38.96 -19.78
N ARG A 250 6.72 37.89 -20.57
CA ARG A 250 5.62 37.80 -21.52
C ARG A 250 4.38 37.15 -20.94
N ALA A 251 4.45 36.63 -19.71
CA ALA A 251 3.38 35.82 -19.15
C ALA A 251 2.43 36.64 -18.29
N PHE A 252 1.20 36.14 -18.18
CA PHE A 252 0.29 36.50 -17.10
C PHE A 252 0.67 35.67 -15.87
N VAL A 253 1.11 36.33 -14.81
CA VAL A 253 1.69 35.65 -13.64
C VAL A 253 0.79 35.82 -12.44
N THR A 254 0.26 34.71 -11.93
CA THR A 254 -0.51 34.70 -10.68
C THR A 254 0.28 33.94 -9.63
N ALA A 255 0.46 34.54 -8.46
CA ALA A 255 1.18 33.89 -7.36
C ALA A 255 0.18 33.34 -6.35
N ASP A 256 0.56 32.25 -5.67
CA ASP A 256 -0.29 31.78 -4.60
C ASP A 256 -0.24 32.73 -3.41
N HIS A 257 0.89 33.38 -3.21
CA HIS A 257 1.13 34.20 -2.03
C HIS A 257 2.08 35.29 -2.51
N PRO A 258 1.55 36.46 -2.88
CA PRO A 258 2.43 37.47 -3.53
C PRO A 258 3.70 37.80 -2.77
N GLU A 259 3.59 38.09 -1.47
CA GLU A 259 4.78 38.47 -0.72
C GLU A 259 5.79 37.34 -0.69
N GLN A 260 5.34 36.11 -0.48
CA GLN A 260 6.24 34.97 -0.48
C GLN A 260 6.86 34.74 -1.85
N ALA A 261 6.07 34.90 -2.91
CA ALA A 261 6.56 34.66 -4.26
C ALA A 261 7.60 35.68 -4.67
N LEU A 262 7.44 36.94 -4.22
CA LEU A 262 8.44 37.95 -4.54
C LEU A 262 9.76 37.63 -3.88
N ARG A 263 9.74 36.90 -2.76
CA ARG A 263 10.94 36.52 -2.02
C ARG A 263 11.53 35.19 -2.48
N GLU A 264 10.69 34.18 -2.75
CA GLU A 264 11.16 32.82 -2.98
C GLU A 264 10.62 32.14 -4.23
N GLY A 265 9.71 32.78 -4.98
CA GLY A 265 9.16 32.21 -6.18
C GLY A 265 9.81 32.77 -7.44
N GLU A 266 9.20 32.45 -8.59
CA GLU A 266 9.64 33.06 -9.85
C GLU A 266 9.54 34.57 -9.79
N CYS A 267 8.63 35.10 -8.97
CA CYS A 267 8.44 36.54 -8.89
C CYS A 267 9.65 37.26 -8.31
N GLN A 268 10.62 36.52 -7.77
CA GLN A 268 11.91 37.12 -7.48
C GLN A 268 12.47 37.87 -8.67
N GLN A 269 12.16 37.41 -9.89
CA GLN A 269 12.69 38.00 -11.10
C GLN A 269 11.90 39.20 -11.58
N LEU A 270 10.74 39.47 -11.00
CA LEU A 270 9.79 40.42 -11.55
C LEU A 270 9.67 41.65 -10.66
N SER A 271 9.42 42.79 -11.29
CA SER A 271 9.02 43.97 -10.55
C SER A 271 7.65 43.72 -9.93
N ALA A 272 7.48 44.17 -8.68
CA ALA A 272 6.26 43.87 -7.95
C ALA A 272 5.02 44.46 -8.62
N ASP A 273 5.16 45.53 -9.41
CA ASP A 273 3.99 46.09 -10.08
C ASP A 273 3.60 45.32 -11.34
N ARG A 274 4.28 44.22 -11.67
CA ARG A 274 3.96 43.41 -12.84
C ARG A 274 3.15 42.16 -12.50
N LEU A 275 2.85 41.93 -11.23
CA LEU A 275 2.13 40.72 -10.86
C LEU A 275 0.67 40.81 -11.27
N GLY A 276 0.12 39.68 -11.73
CA GLY A 276 -1.33 39.58 -11.86
C GLY A 276 -1.98 39.36 -10.52
N PRO A 277 -3.31 39.31 -10.51
CA PRO A 277 -4.01 39.04 -9.25
C PRO A 277 -3.65 37.65 -8.73
N GLN A 278 -3.52 37.54 -7.40
CA GLN A 278 -3.13 36.29 -6.78
C GLN A 278 -4.20 35.22 -7.00
N LEU A 279 -3.79 33.96 -6.79
CA LEU A 279 -4.67 32.84 -7.12
C LEU A 279 -6.00 32.92 -6.37
N ALA A 280 -5.96 33.30 -5.08
CA ALA A 280 -7.20 33.43 -4.32
C ALA A 280 -8.18 34.37 -4.99
N HIS A 281 -7.68 35.47 -5.56
CA HIS A 281 -8.59 36.39 -6.22
C HIS A 281 -9.19 35.80 -7.48
N LEU A 282 -8.38 35.06 -8.25
CA LEU A 282 -8.90 34.35 -9.41
C LEU A 282 -10.01 33.37 -9.02
N CYS A 283 -9.84 32.70 -7.87
CA CYS A 283 -10.85 31.75 -7.43
C CYS A 283 -12.15 32.44 -7.02
N ALA A 284 -12.05 33.61 -6.40
CA ALA A 284 -13.26 34.30 -5.95
C ALA A 284 -13.94 35.05 -7.08
N ASP A 285 -13.18 35.55 -8.05
CA ASP A 285 -13.73 36.39 -9.11
C ASP A 285 -13.01 36.03 -10.41
N PRO A 286 -13.58 35.15 -11.22
CA PRO A 286 -12.89 34.71 -12.45
C PRO A 286 -12.74 35.77 -13.53
N ALA A 287 -13.31 36.98 -13.35
CA ALA A 287 -13.08 38.06 -14.31
C ALA A 287 -11.59 38.27 -14.59
N ALA A 288 -10.77 38.11 -13.56
CA ALA A 288 -9.34 38.39 -13.70
C ALA A 288 -8.64 37.35 -14.58
N ALA A 289 -9.19 36.14 -14.68
CA ALA A 289 -8.61 35.09 -15.51
C ALA A 289 -9.27 34.97 -16.87
N ALA A 290 -10.34 35.73 -17.12
CA ALA A 290 -11.12 35.54 -18.36
C ALA A 290 -10.25 35.87 -19.58
N GLY A 291 -10.11 34.88 -20.47
CA GLY A 291 -9.28 35.04 -21.65
C GLY A 291 -7.83 34.65 -21.48
N ARG A 292 -7.36 34.43 -20.25
CA ARG A 292 -5.95 34.14 -20.05
C ARG A 292 -5.58 32.69 -20.33
N GLN A 293 -6.56 31.80 -20.55
CA GLN A 293 -6.22 30.46 -20.97
C GLN A 293 -5.51 30.47 -22.32
N ASP A 294 -5.87 31.42 -23.19
CA ASP A 294 -5.39 31.41 -24.57
C ASP A 294 -4.10 32.16 -24.78
N THR A 295 -3.47 32.68 -23.72
CA THR A 295 -2.16 33.29 -23.80
C THR A 295 -1.27 32.66 -22.74
N LEU A 296 0.02 33.03 -22.78
CA LEU A 296 0.99 32.46 -21.85
C LEU A 296 0.67 32.86 -20.42
N SER A 297 0.58 31.85 -19.54
CA SER A 297 0.31 32.09 -18.12
C SER A 297 1.28 31.29 -17.26
N VAL A 298 1.57 31.83 -16.07
CA VAL A 298 2.43 31.18 -15.10
C VAL A 298 1.75 31.25 -13.75
N PHE A 299 1.61 30.11 -13.09
CA PHE A 299 1.21 30.04 -11.68
C PHE A 299 2.49 29.88 -10.89
N ASP A 300 2.84 30.93 -10.13
CA ASP A 300 4.04 30.94 -9.29
C ASP A 300 3.67 30.34 -7.94
N SER A 301 4.03 29.07 -7.75
CA SER A 301 3.64 28.29 -6.57
C SER A 301 4.82 28.25 -5.60
N THR A 302 4.56 28.67 -4.35
CA THR A 302 5.55 28.56 -3.28
C THR A 302 5.05 27.70 -2.13
N GLY A 303 3.75 27.48 -2.02
CA GLY A 303 3.16 26.74 -0.92
C GLY A 303 2.92 27.64 0.27
N PHE A 304 1.77 27.54 0.92
CA PHE A 304 1.60 28.30 2.13
C PHE A 304 0.72 27.50 3.09
N ALA A 305 0.85 27.85 4.38
CA ALA A 305 0.37 26.97 5.45
C ALA A 305 -1.13 26.73 5.40
N PHE A 306 -1.92 27.69 4.90
CA PHE A 306 -3.36 27.48 4.74
C PHE A 306 -3.64 26.21 3.94
N GLU A 307 -2.83 25.94 2.91
CA GLU A 307 -3.04 24.73 2.12
C GLU A 307 -2.81 23.49 2.96
N ASP A 308 -1.80 23.52 3.83
CA ASP A 308 -1.53 22.39 4.70
C ASP A 308 -2.63 22.20 5.74
N ALA A 309 -3.17 23.31 6.28
CA ALA A 309 -4.27 23.21 7.23
C ALA A 309 -5.50 22.59 6.56
N LEU A 310 -5.76 22.96 5.31
CA LEU A 310 -6.93 22.43 4.62
C LEU A 310 -6.76 20.95 4.29
N ALA A 311 -5.58 20.56 3.80
CA ALA A 311 -5.36 19.13 3.54
C ALA A 311 -5.37 18.33 4.83
N MET A 312 -4.82 18.89 5.91
CA MET A 312 -4.89 18.20 7.19
C MET A 312 -6.33 17.97 7.61
N GLU A 313 -7.19 18.98 7.41
CA GLU A 313 -8.59 18.81 7.77
C GLU A 313 -9.21 17.64 7.00
N VAL A 314 -8.83 17.46 5.73
CA VAL A 314 -9.36 16.35 4.96
C VAL A 314 -8.93 15.02 5.56
N PHE A 315 -7.65 14.92 5.95
CA PHE A 315 -7.15 13.72 6.59
C PHE A 315 -7.82 13.47 7.95
N LEU A 316 -7.97 14.53 8.75
CA LEU A 316 -8.56 14.33 10.08
C LEU A 316 -10.02 13.93 9.99
N GLU A 317 -10.75 14.45 9.01
CA GLU A 317 -12.14 14.04 8.81
C GLU A 317 -12.22 12.54 8.51
N ALA A 318 -11.37 12.07 7.58
CA ALA A 318 -11.37 10.65 7.24
C ALA A 318 -10.89 9.81 8.42
N ALA A 319 -9.86 10.27 9.13
CA ALA A 319 -9.35 9.51 10.27
C ALA A 319 -10.35 9.46 11.41
N ALA A 320 -11.06 10.57 11.67
CA ALA A 320 -12.05 10.58 12.74
C ALA A 320 -13.21 9.64 12.41
N GLU A 321 -13.67 9.66 11.16
CA GLU A 321 -14.72 8.75 10.69
C GLU A 321 -14.37 7.30 10.97
N ARG A 322 -13.10 6.95 10.81
CA ARG A 322 -12.62 5.57 10.90
C ARG A 322 -11.95 5.26 12.23
N ASP A 323 -11.97 6.21 13.17
CA ASP A 323 -11.36 6.05 14.48
C ASP A 323 -9.91 5.60 14.38
N LEU A 324 -9.16 6.20 13.44
CA LEU A 324 -7.76 5.88 13.23
C LEU A 324 -6.87 6.74 14.14
N GLY A 325 -5.63 6.28 14.32
CA GLY A 325 -4.63 7.01 15.09
C GLY A 325 -4.60 6.58 16.54
N ILE A 326 -3.64 7.16 17.29
CA ILE A 326 -3.48 6.86 18.69
C ILE A 326 -3.53 8.15 19.51
N ARG A 327 -3.78 8.00 20.80
CA ARG A 327 -3.76 9.11 21.74
C ARG A 327 -2.51 8.98 22.58
N VAL A 328 -1.67 10.02 22.60
CA VAL A 328 -0.46 10.04 23.39
C VAL A 328 -0.49 11.25 24.30
N GLY A 329 -0.33 11.04 25.60
CA GLY A 329 -0.16 12.15 26.51
C GLY A 329 1.26 12.65 26.42
N ILE A 330 1.48 13.74 25.70
CA ILE A 330 2.81 14.32 25.52
C ILE A 330 3.02 15.51 26.43
N GLU A 331 2.12 16.49 26.37
CA GLU A 331 2.23 17.63 27.27
C GLU A 331 2.01 17.19 28.71
N HIS A 332 2.76 17.81 29.60
CA HIS A 332 2.57 17.61 31.04
C HIS A 332 1.49 18.58 31.50
N HIS A 333 0.38 18.02 32.00
CA HIS A 333 -0.71 18.80 32.57
C HIS A 333 -0.75 18.53 34.08
N PRO A 334 0.05 19.24 34.87
CA PRO A 334 0.06 18.98 36.32
C PRO A 334 -1.32 19.13 36.94
N GLY A 335 -1.60 18.26 37.92
CA GLY A 335 -2.87 18.37 38.64
C GLY A 335 -3.04 19.75 39.25
N ASP A 336 -1.94 20.33 39.72
CA ASP A 336 -1.89 21.73 40.13
C ASP A 336 -1.29 22.53 38.97
N ALA A 337 -2.12 23.37 38.33
CA ALA A 337 -1.63 24.09 37.15
C ALA A 337 -0.51 25.06 37.48
N LEU A 338 -0.34 25.42 38.76
CA LEU A 338 0.69 26.37 39.17
C LEU A 338 1.94 25.68 39.69
N ASP A 339 2.06 24.37 39.53
CA ASP A 339 3.19 23.61 40.04
C ASP A 339 3.75 22.74 38.92
N PRO A 340 4.81 23.21 38.24
CA PRO A 340 5.40 22.39 37.17
C PRO A 340 5.86 21.03 37.64
N TYR A 341 6.22 20.89 38.92
CA TYR A 341 6.72 19.62 39.43
C TYR A 341 5.61 18.66 39.83
N ALA A 342 4.36 19.11 39.89
CA ALA A 342 3.27 18.19 40.23
C ALA A 342 3.07 17.26 39.03
N LEU A 343 3.97 16.30 38.90
CA LEU A 343 4.02 15.43 37.73
C LEU A 343 2.85 14.45 37.66
N GLN A 344 1.85 14.65 38.52
CA GLN A 344 0.46 14.31 38.26
C GLN A 344 0.13 13.88 36.82
N MET B 1 13.55 4.14 10.75
CA MET B 1 13.55 5.39 11.50
C MET B 1 12.18 5.70 12.10
N GLU B 2 12.12 5.82 13.43
CA GLU B 2 10.89 6.24 14.10
C GLU B 2 11.20 7.35 15.09
N THR B 3 10.19 8.17 15.37
CA THR B 3 10.35 9.29 16.28
C THR B 3 10.33 8.80 17.73
N TRP B 4 11.29 9.27 18.53
CA TRP B 4 11.34 8.96 19.96
C TRP B 4 10.46 9.96 20.70
N VAL B 5 9.39 9.47 21.32
CA VAL B 5 8.42 10.32 22.01
C VAL B 5 8.51 10.03 23.49
N LEU B 6 8.75 11.08 24.28
CA LEU B 6 8.66 10.99 25.74
C LEU B 6 7.24 11.37 26.16
N GLY B 7 6.53 10.42 26.78
CA GLY B 7 5.24 10.75 27.35
C GLY B 7 5.37 11.63 28.58
N ARG B 8 4.23 12.22 28.98
CA ARG B 8 4.17 12.93 30.25
C ARG B 8 4.64 12.03 31.40
N ARG B 9 4.33 10.73 31.31
CA ARG B 9 4.79 9.79 32.33
C ARG B 9 6.29 9.64 32.32
N ASP B 10 6.91 9.69 31.14
CA ASP B 10 8.36 9.53 31.07
C ASP B 10 9.07 10.76 31.64
N VAL B 11 8.55 11.94 31.35
CA VAL B 11 9.12 13.16 31.93
C VAL B 11 9.00 13.11 33.45
N ALA B 12 7.84 12.65 33.96
CA ALA B 12 7.68 12.46 35.40
C ALA B 12 8.69 11.46 35.95
N GLU B 13 8.96 10.39 35.21
CA GLU B 13 9.90 9.38 35.68
C GLU B 13 11.33 9.93 35.72
N VAL B 14 11.72 10.75 34.75
CA VAL B 14 13.05 11.35 34.78
C VAL B 14 13.23 12.17 36.06
N VAL B 15 12.21 12.95 36.43
CA VAL B 15 12.31 13.79 37.62
C VAL B 15 12.42 12.92 38.86
N ALA B 16 11.57 11.91 38.96
CA ALA B 16 11.57 11.06 40.14
C ALA B 16 12.87 10.29 40.28
N ALA B 17 13.43 9.85 39.15
CA ALA B 17 14.65 9.05 39.18
C ALA B 17 15.90 9.90 39.40
N VAL B 18 15.99 11.05 38.74
CA VAL B 18 17.19 11.87 38.85
C VAL B 18 17.18 12.69 40.13
N GLY B 19 16.00 13.19 40.53
CA GLY B 19 15.87 14.11 41.64
C GLY B 19 15.75 15.54 41.18
N ARG B 20 14.94 16.35 41.87
CA ARG B 20 14.69 17.72 41.42
C ARG B 20 15.95 18.57 41.46
N ASP B 21 16.68 18.54 42.58
CA ASP B 21 17.90 19.35 42.70
C ASP B 21 18.92 18.95 41.63
N GLU B 22 19.13 17.64 41.45
CA GLU B 22 20.14 17.18 40.51
C GLU B 22 19.77 17.56 39.09
N LEU B 23 18.50 17.38 38.72
CA LEU B 23 18.04 17.75 37.39
C LEU B 23 18.23 19.24 37.14
N MET B 24 17.82 20.09 38.10
CA MET B 24 17.98 21.53 37.94
C MET B 24 19.46 21.90 37.84
N ARG B 25 20.30 21.27 38.67
CA ARG B 25 21.73 21.51 38.59
C ARG B 25 22.30 21.14 37.23
N ARG B 26 21.84 20.01 36.66
CA ARG B 26 22.35 19.64 35.34
C ARG B 26 22.01 20.70 34.30
N ILE B 27 20.82 21.28 34.39
CA ILE B 27 20.39 22.25 33.40
C ILE B 27 21.11 23.57 33.62
N ILE B 28 21.28 24.00 34.88
CA ILE B 28 22.10 25.17 35.17
C ILE B 28 23.50 25.00 34.57
N ASP B 29 24.12 23.85 34.81
CA ASP B 29 25.47 23.63 34.31
C ASP B 29 25.52 23.66 32.79
N ARG B 30 24.56 23.02 32.13
CA ARG B 30 24.56 23.00 30.67
C ARG B 30 24.34 24.39 30.10
N LEU B 31 23.44 25.16 30.73
CA LEU B 31 23.14 26.51 30.28
C LEU B 31 24.33 27.44 30.48
N THR B 32 24.99 27.35 31.63
CA THR B 32 26.14 28.23 31.85
C THR B 32 27.23 27.98 30.82
N GLY B 33 27.50 26.71 30.51
CA GLY B 33 28.50 26.40 29.49
C GLY B 33 28.07 26.83 28.09
N GLY B 34 26.81 26.58 27.74
CA GLY B 34 26.33 26.95 26.41
C GLY B 34 26.32 28.46 26.20
N LEU B 35 25.90 29.21 27.22
CA LEU B 35 25.94 30.67 27.11
C LEU B 35 27.37 31.17 26.97
N ALA B 36 28.31 30.59 27.72
CA ALA B 36 29.70 31.02 27.57
C ALA B 36 30.20 30.74 26.16
N GLU B 37 29.81 29.61 25.57
CA GLU B 37 30.19 29.30 24.19
C GLU B 37 29.68 30.36 23.22
N ILE B 38 28.45 30.85 23.42
CA ILE B 38 27.94 31.97 22.63
C ILE B 38 28.79 33.21 22.87
N GLY B 39 29.11 33.48 24.15
CA GLY B 39 29.89 34.66 24.48
C GLY B 39 31.29 34.62 23.91
N ARG B 40 31.77 33.44 23.53
CA ARG B 40 33.09 33.29 22.91
C ARG B 40 33.01 33.12 21.40
N GLY B 41 31.83 33.26 20.83
CA GLY B 41 31.68 33.17 19.39
C GLY B 41 31.76 31.77 18.85
N GLU B 42 31.73 30.75 19.72
CA GLU B 42 31.71 29.36 19.30
C GLU B 42 30.31 28.87 18.97
N ARG B 43 29.29 29.54 19.49
CA ARG B 43 27.90 29.26 19.21
C ARG B 43 27.20 30.59 18.98
N HIS B 44 25.99 30.53 18.43
CA HIS B 44 25.28 31.74 18.05
C HIS B 44 23.91 31.80 18.70
N LEU B 45 23.45 33.02 18.97
CA LEU B 45 22.10 33.23 19.47
C LEU B 45 21.08 32.68 18.48
N SER B 46 20.02 32.10 19.03
CA SER B 46 18.92 31.63 18.20
C SER B 46 18.31 32.79 17.43
N PRO B 47 17.70 32.52 16.27
CA PRO B 47 16.95 33.57 15.58
C PRO B 47 15.78 34.06 16.42
N LEU B 48 15.33 35.29 16.12
CA LEU B 48 14.11 35.82 16.73
C LEU B 48 12.98 34.81 16.66
N ARG B 49 12.30 34.58 17.78
CA ARG B 49 11.13 33.73 17.71
C ARG B 49 10.00 34.46 16.98
N GLY B 50 9.00 33.69 16.57
CA GLY B 50 7.80 34.26 15.97
C GLY B 50 6.57 33.93 16.80
N GLY B 51 5.47 34.63 16.58
CA GLY B 51 4.29 34.38 17.40
C GLY B 51 3.04 34.95 16.79
N LEU B 52 1.90 34.48 17.32
CA LEU B 52 0.56 34.89 16.90
C LEU B 52 -0.23 35.32 18.13
N GLU B 53 -0.64 36.58 18.17
CA GLU B 53 -1.44 37.05 19.28
C GLU B 53 -2.86 36.50 19.21
N ARG B 54 -3.44 36.23 20.38
CA ARG B 54 -4.82 35.78 20.50
C ARG B 54 -5.54 36.65 21.51
N SER B 55 -6.79 36.98 21.24
CA SER B 55 -7.50 37.92 22.10
C SER B 55 -8.45 37.26 23.09
N GLU B 56 -8.85 36.01 22.86
CA GLU B 56 -9.84 35.34 23.69
C GLU B 56 -9.26 34.08 24.33
N PRO B 57 -9.66 33.75 25.57
CA PRO B 57 -10.72 34.45 26.49
C PRO B 57 -10.10 35.75 27.06
N VAL B 58 -8.78 35.76 27.15
CA VAL B 58 -7.98 36.94 27.51
C VAL B 58 -6.77 36.99 26.60
N PRO B 59 -6.16 38.16 26.44
CA PRO B 59 -5.03 38.27 25.50
C PRO B 59 -3.88 37.34 25.85
N GLY B 60 -3.42 36.60 24.84
CA GLY B 60 -2.30 35.67 24.99
C GLY B 60 -1.52 35.60 23.69
N ILE B 61 -0.54 34.70 23.61
CA ILE B 61 0.26 34.57 22.41
C ILE B 61 0.68 33.12 22.28
N TRP B 62 0.86 32.67 21.04
CA TRP B 62 1.38 31.34 20.77
C TRP B 62 2.60 31.51 19.86
N GLU B 63 3.71 30.85 20.21
CA GLU B 63 4.99 31.16 19.59
C GLU B 63 5.72 29.91 19.12
N TRP B 64 6.58 30.09 18.13
CA TRP B 64 7.48 29.05 17.65
C TRP B 64 8.91 29.54 17.82
N MET B 65 9.77 28.65 18.33
CA MET B 65 11.10 29.02 18.79
C MET B 65 12.11 28.02 18.24
N PRO B 66 12.75 28.33 17.11
CA PRO B 66 13.74 27.42 16.53
C PRO B 66 15.17 27.71 16.95
N HIS B 67 15.96 26.64 16.97
CA HIS B 67 17.40 26.75 17.18
C HIS B 67 18.11 25.65 16.42
N ARG B 68 19.19 26.01 15.73
CA ARG B 68 19.91 25.06 14.89
C ARG B 68 21.30 24.81 15.44
N GLU B 69 21.65 23.53 15.61
CA GLU B 69 23.01 23.07 15.87
C GLU B 69 23.55 22.49 14.56
N PRO B 70 24.28 23.25 13.76
CA PRO B 70 24.63 22.80 12.41
C PRO B 70 25.29 21.43 12.40
N GLY B 71 24.82 20.58 11.48
CA GLY B 71 25.31 19.22 11.34
C GLY B 71 24.79 18.23 12.36
N ASP B 72 24.08 18.70 13.38
CA ASP B 72 23.55 17.84 14.42
C ASP B 72 22.05 17.81 14.34
N HIS B 73 21.40 18.80 14.94
CA HIS B 73 19.94 18.79 14.98
C HIS B 73 19.39 20.20 15.05
N ILE B 74 18.10 20.29 14.74
CA ILE B 74 17.33 21.52 14.86
C ILE B 74 16.30 21.28 15.97
N THR B 75 16.17 22.26 16.86
CA THR B 75 15.19 22.21 17.94
C THR B 75 14.09 23.20 17.63
N LEU B 76 12.85 22.82 17.87
CA LEU B 76 11.75 23.78 17.74
C LEU B 76 10.82 23.61 18.92
N LYS B 77 10.68 24.65 19.74
CA LYS B 77 9.67 24.65 20.78
C LYS B 77 8.46 25.43 20.30
N THR B 78 7.29 24.83 20.44
CA THR B 78 6.02 25.49 20.17
C THR B 78 5.35 25.71 21.53
N VAL B 79 5.01 26.95 21.85
CA VAL B 79 4.60 27.23 23.23
C VAL B 79 3.54 28.31 23.27
N GLY B 80 2.50 28.09 24.06
CA GLY B 80 1.45 29.07 24.25
C GLY B 80 1.57 29.74 25.60
N TYR B 81 1.18 31.01 25.63
CA TYR B 81 0.91 31.78 26.84
C TYR B 81 -0.58 32.09 26.84
N SER B 82 -1.31 31.49 27.76
CA SER B 82 -2.77 31.61 27.81
C SER B 82 -3.13 31.78 29.28
N PRO B 83 -3.12 33.03 29.77
CA PRO B 83 -3.16 33.24 31.23
C PRO B 83 -4.48 32.90 31.87
N ALA B 84 -5.56 32.70 31.10
CA ALA B 84 -6.79 32.19 31.70
C ALA B 84 -6.80 30.67 31.86
N ASN B 85 -5.75 29.97 31.40
CA ASN B 85 -5.76 28.53 31.47
C ASN B 85 -5.92 27.98 32.88
N PRO B 86 -5.22 28.49 33.91
CA PRO B 86 -5.40 27.90 35.26
C PRO B 86 -6.81 28.03 35.79
N ALA B 87 -7.40 29.22 35.74
CA ALA B 87 -8.72 29.44 36.34
C ALA B 87 -9.82 28.80 35.52
N ARG B 88 -9.71 28.86 34.18
CA ARG B 88 -10.82 28.41 33.35
C ARG B 88 -10.76 26.93 33.00
N PHE B 89 -9.57 26.36 32.82
CA PHE B 89 -9.43 25.01 32.31
C PHE B 89 -8.59 24.10 33.21
N GLY B 90 -8.03 24.63 34.30
CA GLY B 90 -7.12 23.83 35.10
C GLY B 90 -5.88 23.39 34.35
N LEU B 91 -5.50 24.14 33.32
CA LEU B 91 -4.27 23.91 32.56
C LEU B 91 -3.25 24.96 32.90
N PRO B 92 -1.96 24.68 32.73
CA PRO B 92 -0.95 25.71 32.92
C PRO B 92 -1.06 26.81 31.88
N THR B 93 -0.71 28.03 32.31
CA THR B 93 -0.66 29.18 31.42
C THR B 93 0.30 28.93 30.26
N ILE B 94 1.47 28.40 30.58
CA ILE B 94 2.50 28.09 29.59
C ILE B 94 2.34 26.61 29.22
N LEU B 95 2.00 26.35 27.97
CA LEU B 95 1.73 25.01 27.46
C LEU B 95 2.53 24.83 26.18
N GLY B 96 3.38 23.81 26.14
CA GLY B 96 4.20 23.66 24.95
C GLY B 96 4.82 22.29 24.84
N THR B 97 5.52 22.09 23.72
CA THR B 97 6.18 20.85 23.37
C THR B 97 7.47 21.20 22.64
N VAL B 98 8.44 20.29 22.68
CA VAL B 98 9.74 20.52 22.05
C VAL B 98 10.05 19.38 21.11
N ALA B 99 10.36 19.70 19.86
CA ALA B 99 10.68 18.73 18.83
C ALA B 99 12.13 18.85 18.40
N ARG B 100 12.74 17.72 18.07
CA ARG B 100 14.10 17.68 17.56
C ARG B 100 14.09 17.06 16.17
N TYR B 101 14.81 17.68 15.24
CA TYR B 101 14.88 17.26 13.86
C TYR B 101 16.34 17.04 13.48
N ASP B 102 16.62 15.98 12.73
CA ASP B 102 17.98 15.76 12.27
C ASP B 102 18.37 16.86 11.29
N ASP B 103 19.50 17.51 11.55
CA ASP B 103 19.87 18.65 10.70
C ASP B 103 20.23 18.23 9.28
N THR B 104 20.79 17.03 9.12
CA THR B 104 21.24 16.59 7.80
C THR B 104 20.05 16.27 6.89
N THR B 105 19.07 15.52 7.39
CA THR B 105 17.97 15.01 6.59
C THR B 105 16.65 15.73 6.80
N GLY B 106 16.50 16.45 7.91
CA GLY B 106 15.21 17.01 8.29
C GLY B 106 14.31 16.10 9.11
N ALA B 107 14.70 14.85 9.33
CA ALA B 107 13.78 13.88 9.95
C ALA B 107 13.46 14.24 11.40
N LEU B 108 12.18 14.12 11.76
CA LEU B 108 11.75 14.32 13.14
C LEU B 108 12.24 13.15 13.98
N THR B 109 13.19 13.39 14.89
CA THR B 109 13.81 12.32 15.65
C THR B 109 13.32 12.23 17.09
N ALA B 110 12.83 13.31 17.70
CA ALA B 110 12.36 13.22 19.07
C ALA B 110 11.33 14.30 19.35
N LEU B 111 10.46 14.02 20.33
CA LEU B 111 9.39 14.93 20.70
C LEU B 111 9.07 14.73 22.18
N MET B 112 8.93 15.83 22.92
CA MET B 112 8.66 15.72 24.35
C MET B 112 7.87 16.91 24.86
N ASP B 113 7.33 16.75 26.07
CA ASP B 113 6.70 17.85 26.79
C ASP B 113 7.60 19.07 26.87
N GLY B 114 7.00 20.25 26.78
CA GLY B 114 7.71 21.50 27.00
C GLY B 114 7.35 22.23 28.30
N VAL B 115 6.32 21.77 29.02
CA VAL B 115 5.84 22.48 30.20
C VAL B 115 6.90 22.48 31.30
N LEU B 116 7.31 21.29 31.73
CA LEU B 116 8.30 21.20 32.80
C LEU B 116 9.65 21.73 32.32
N LEU B 117 10.08 21.31 31.13
CA LEU B 117 11.35 21.77 30.57
C LEU B 117 11.45 23.29 30.57
N THR B 118 10.38 23.98 30.13
CA THR B 118 10.39 25.44 30.11
C THR B 118 10.59 26.00 31.51
N ALA B 119 9.83 25.50 32.48
CA ALA B 119 9.97 26.00 33.84
C ALA B 119 11.38 25.78 34.37
N LEU B 120 11.96 24.62 34.09
CA LEU B 120 13.32 24.31 34.54
C LEU B 120 14.35 25.26 33.94
N ARG B 121 14.38 25.41 32.60
CA ARG B 121 15.45 26.24 32.04
C ARG B 121 15.22 27.72 32.33
N THR B 122 13.98 28.13 32.61
CA THR B 122 13.74 29.53 32.94
C THR B 122 14.25 29.85 34.34
N GLY B 123 14.00 28.95 35.30
CA GLY B 123 14.67 29.08 36.59
C GLY B 123 16.17 29.04 36.46
N ALA B 124 16.69 28.09 35.65
CA ALA B 124 18.12 27.96 35.48
C ALA B 124 18.74 29.24 34.93
N ALA B 125 18.09 29.87 33.95
CA ALA B 125 18.66 31.09 33.37
C ALA B 125 18.73 32.20 34.41
N SER B 126 17.71 32.30 35.27
CA SER B 126 17.75 33.28 36.35
C SER B 126 18.87 32.97 37.34
N ALA B 127 19.12 31.69 37.60
CA ALA B 127 20.20 31.31 38.50
C ALA B 127 21.56 31.65 37.89
N VAL B 128 21.69 31.46 36.60
CA VAL B 128 22.95 31.81 35.93
C VAL B 128 23.21 33.30 36.05
N ALA B 129 22.21 34.12 35.71
CA ALA B 129 22.36 35.57 35.77
C ALA B 129 22.57 36.05 37.21
N SER B 130 21.85 35.47 38.16
CA SER B 130 21.93 35.94 39.54
C SER B 130 23.22 35.54 40.21
N ARG B 131 23.76 34.37 39.87
CA ARG B 131 25.09 34.01 40.34
C ARG B 131 26.09 35.06 39.91
N LEU B 132 25.94 35.61 38.70
CA LEU B 132 26.86 36.63 38.19
C LEU B 132 26.63 38.01 38.80
N LEU B 133 25.36 38.39 39.04
CA LEU B 133 25.03 39.78 39.30
C LEU B 133 24.44 40.06 40.68
N ALA B 134 24.08 39.05 41.44
CA ALA B 134 23.60 39.28 42.79
C ALA B 134 24.75 39.14 43.77
N ARG B 135 24.62 39.79 44.93
CA ARG B 135 25.61 39.60 45.98
C ARG B 135 25.68 38.12 46.36
N PRO B 136 26.88 37.54 46.46
CA PRO B 136 26.99 36.11 46.82
C PRO B 136 26.41 35.79 48.18
N ASP B 137 26.26 36.77 49.06
CA ASP B 137 25.66 36.52 50.37
C ASP B 137 24.17 36.87 50.39
N SER B 138 23.54 36.95 49.22
CA SER B 138 22.11 37.26 49.14
C SER B 138 21.31 36.27 49.96
N HIS B 139 20.50 36.81 50.87
CA HIS B 139 19.77 36.07 51.89
C HIS B 139 18.26 36.03 51.61
N THR B 140 17.73 37.10 51.02
CA THR B 140 16.29 37.27 50.86
C THR B 140 15.95 37.37 49.39
N LEU B 141 15.11 36.45 48.91
CA LEU B 141 14.57 36.51 47.56
C LEU B 141 13.16 37.11 47.61
N GLY B 142 12.88 38.00 46.67
CA GLY B 142 11.52 38.49 46.45
C GLY B 142 10.93 37.86 45.19
N LEU B 143 9.65 37.49 45.26
CA LEU B 143 8.94 36.99 44.09
C LEU B 143 7.65 37.78 43.89
N ILE B 144 7.51 38.39 42.72
CA ILE B 144 6.27 39.05 42.33
C ILE B 144 5.63 38.16 41.27
N GLY B 145 4.44 37.64 41.58
CA GLY B 145 3.85 36.59 40.76
C GLY B 145 4.24 35.26 41.36
N THR B 146 3.27 34.51 41.90
CA THR B 146 3.62 33.21 42.46
C THR B 146 2.87 32.11 41.74
N GLY B 147 2.97 32.10 40.41
CA GLY B 147 2.40 31.01 39.63
C GLY B 147 3.42 29.93 39.34
N ALA B 148 3.39 29.38 38.11
CA ALA B 148 4.26 28.26 37.78
C ALA B 148 5.73 28.66 37.76
N GLN B 149 6.07 29.77 37.09
CA GLN B 149 7.49 30.10 36.99
C GLN B 149 8.10 30.41 38.34
N ALA B 150 7.33 30.98 39.27
CA ALA B 150 7.87 31.32 40.58
C ALA B 150 8.45 30.08 41.27
N VAL B 151 7.83 28.92 41.06
CA VAL B 151 8.29 27.70 41.72
C VAL B 151 9.73 27.39 41.33
N THR B 152 10.02 27.41 40.02
CA THR B 152 11.39 27.11 39.60
C THR B 152 12.33 28.31 39.73
N GLN B 153 11.81 29.54 39.76
CA GLN B 153 12.66 30.68 40.15
C GLN B 153 13.23 30.45 41.55
N LEU B 154 12.36 30.17 42.53
CA LEU B 154 12.85 29.92 43.89
C LEU B 154 13.77 28.71 43.92
N HIS B 155 13.38 27.61 43.27
CA HIS B 155 14.19 26.40 43.32
C HIS B 155 15.59 26.65 42.78
N ALA B 156 15.68 27.19 41.57
CA ALA B 156 17.00 27.39 40.96
C ALA B 156 17.84 28.37 41.76
N LEU B 157 17.23 29.46 42.21
CA LEU B 157 18.01 30.47 42.93
C LEU B 157 18.48 29.93 44.27
N SER B 158 17.68 29.06 44.89
CA SER B 158 18.09 28.44 46.15
C SER B 158 19.30 27.54 45.98
N LEU B 159 19.59 27.09 44.75
CA LEU B 159 20.76 26.24 44.52
C LEU B 159 22.04 27.03 44.31
N VAL B 160 21.97 28.32 44.00
CA VAL B 160 23.16 29.11 43.72
C VAL B 160 23.36 30.27 44.70
N LEU B 161 22.40 30.57 45.56
CA LEU B 161 22.53 31.60 46.57
C LEU B 161 22.10 31.07 47.93
N PRO B 162 22.64 31.63 49.03
CA PRO B 162 22.32 31.14 50.38
C PRO B 162 20.99 31.69 50.91
N LEU B 163 19.92 31.42 50.17
CA LEU B 163 18.62 32.00 50.51
C LEU B 163 18.12 31.45 51.84
N GLN B 164 17.63 32.35 52.68
CA GLN B 164 16.98 31.96 53.92
C GLN B 164 15.51 32.34 53.97
N ARG B 165 15.06 33.18 53.05
CA ARG B 165 13.75 33.81 53.14
C ARG B 165 13.29 34.15 51.73
N ALA B 166 12.01 33.92 51.44
CA ALA B 166 11.41 34.37 50.19
C ALA B 166 10.16 35.17 50.51
N LEU B 167 10.17 36.46 50.13
CA LEU B 167 9.05 37.36 50.31
C LEU B 167 8.26 37.39 49.01
N VAL B 168 6.99 36.99 49.06
CA VAL B 168 6.28 36.71 47.80
C VAL B 168 4.94 37.43 47.76
N TRP B 169 4.51 37.75 46.54
CA TRP B 169 3.25 38.46 46.31
C TRP B 169 2.62 37.98 45.01
N ASP B 170 1.30 37.93 45.01
CA ASP B 170 0.49 37.65 43.84
C ASP B 170 -0.80 38.42 44.02
N THR B 171 -1.37 38.88 42.90
CA THR B 171 -2.64 39.59 42.99
C THR B 171 -3.81 38.65 43.28
N ASP B 172 -3.61 37.34 43.09
CA ASP B 172 -4.65 36.37 43.39
C ASP B 172 -4.39 35.78 44.76
N PRO B 173 -5.26 36.03 45.76
CA PRO B 173 -4.98 35.52 47.11
C PRO B 173 -4.76 34.03 47.17
N ALA B 174 -5.52 33.25 46.40
CA ALA B 174 -5.34 31.81 46.44
C ALA B 174 -3.97 31.40 45.94
N HIS B 175 -3.45 32.11 44.95
CA HIS B 175 -2.14 31.77 44.39
C HIS B 175 -1.02 32.12 45.36
N ARG B 176 -1.15 33.22 46.11
CA ARG B 176 -0.07 33.48 47.06
C ARG B 176 -0.19 32.57 48.27
N GLU B 177 -1.41 32.21 48.69
CA GLU B 177 -1.56 31.31 49.82
C GLU B 177 -1.00 29.92 49.53
N SER B 178 -1.13 29.45 48.29
CA SER B 178 -0.68 28.09 48.00
C SER B 178 0.81 28.00 47.72
N PHE B 179 1.52 29.12 47.56
CA PHE B 179 2.90 29.05 47.09
C PHE B 179 3.78 28.31 48.08
N ALA B 180 3.58 28.54 49.39
CA ALA B 180 4.45 27.91 50.37
C ALA B 180 4.40 26.38 50.26
N ARG B 181 3.23 25.82 49.96
CA ARG B 181 3.16 24.36 49.80
C ARG B 181 3.92 23.90 48.56
N ARG B 182 3.75 24.61 47.44
CA ARG B 182 4.48 24.27 46.23
C ARG B 182 5.98 24.48 46.38
N ALA B 183 6.42 25.36 47.28
CA ALA B 183 7.82 25.67 47.48
C ALA B 183 8.44 24.86 48.62
N ALA B 184 7.66 24.04 49.33
CA ALA B 184 8.15 23.41 50.54
C ALA B 184 9.40 22.57 50.29
N PHE B 185 9.51 21.93 49.13
CA PHE B 185 10.65 21.05 48.87
C PHE B 185 11.97 21.80 48.83
N THR B 186 11.96 23.13 48.64
CA THR B 186 13.21 23.89 48.60
C THR B 186 13.78 24.18 49.98
N GLY B 187 12.96 24.10 51.03
CA GLY B 187 13.39 24.39 52.39
C GLY B 187 13.48 25.87 52.73
N VAL B 188 13.20 26.76 51.79
CA VAL B 188 13.33 28.20 52.03
C VAL B 188 12.01 28.70 52.61
N SER B 189 12.09 29.32 53.79
CA SER B 189 10.90 29.89 54.42
C SER B 189 10.26 30.95 53.54
N VAL B 190 8.96 30.78 53.28
CA VAL B 190 8.18 31.69 52.45
C VAL B 190 7.34 32.60 53.35
N GLU B 191 7.32 33.90 53.05
CA GLU B 191 6.45 34.88 53.68
C GLU B 191 5.71 35.66 52.61
N ILE B 192 4.40 35.84 52.79
CA ILE B 192 3.65 36.76 51.94
C ILE B 192 4.00 38.19 52.34
N ALA B 193 4.26 39.03 51.33
CA ALA B 193 4.65 40.42 51.56
C ALA B 193 4.19 41.26 50.38
N GLU B 194 3.70 42.47 50.66
CA GLU B 194 3.26 43.33 49.59
C GLU B 194 4.46 43.86 48.80
N PRO B 195 4.23 44.29 47.55
CA PRO B 195 5.36 44.70 46.69
C PRO B 195 6.28 45.75 47.27
N ALA B 196 5.77 46.76 47.98
CA ALA B 196 6.65 47.76 48.56
C ALA B 196 7.59 47.15 49.59
N ARG B 197 7.12 46.15 50.34
CA ARG B 197 7.99 45.49 51.31
C ARG B 197 9.04 44.63 50.61
N ILE B 198 8.63 43.94 49.54
CA ILE B 198 9.59 43.13 48.76
C ILE B 198 10.68 44.03 48.19
N ALA B 199 10.28 45.18 47.64
CA ALA B 199 11.24 46.10 47.06
C ALA B 199 12.23 46.59 48.10
N ALA B 200 11.76 46.82 49.31
CA ALA B 200 12.62 47.40 50.35
C ALA B 200 13.56 46.37 50.95
N GLU B 201 13.15 45.11 51.02
CA GLU B 201 13.88 44.13 51.81
C GLU B 201 14.67 43.10 51.01
N ALA B 202 14.35 42.89 49.73
CA ALA B 202 14.94 41.78 49.00
C ALA B 202 16.36 42.12 48.50
N ASP B 203 17.22 41.09 48.49
CA ASP B 203 18.54 41.13 47.85
C ASP B 203 18.46 40.80 46.36
N VAL B 204 17.55 39.90 46.01
CA VAL B 204 17.31 39.51 44.63
C VAL B 204 15.81 39.36 44.47
N ILE B 205 15.28 39.74 43.31
CA ILE B 205 13.86 39.62 43.02
C ILE B 205 13.71 38.96 41.66
N SER B 206 12.72 38.08 41.53
CA SER B 206 12.23 37.66 40.22
C SER B 206 10.79 38.12 40.06
N THR B 207 10.50 38.79 38.95
CA THR B 207 9.14 39.12 38.57
C THR B 207 8.72 38.16 37.47
N ALA B 208 7.59 37.48 37.68
CA ALA B 208 7.12 36.48 36.70
C ALA B 208 5.60 36.45 36.82
N THR B 209 4.95 37.45 36.22
CA THR B 209 3.51 37.63 36.34
C THR B 209 2.83 37.50 34.99
N SER B 210 1.54 37.21 35.03
CA SER B 210 0.67 37.34 33.86
C SER B 210 0.01 38.71 33.76
N VAL B 211 0.71 39.78 34.18
CA VAL B 211 0.14 41.12 34.10
C VAL B 211 -0.23 41.44 32.66
N ALA B 212 -1.35 42.15 32.48
CA ALA B 212 -1.81 42.50 31.14
C ALA B 212 -0.95 43.61 30.53
N VAL B 213 -1.06 43.76 29.21
CA VAL B 213 -0.39 44.85 28.49
C VAL B 213 -0.77 46.17 29.13
N GLY B 214 0.23 47.03 29.37
CA GLY B 214 0.02 48.37 29.87
C GLY B 214 -0.36 48.48 31.33
N GLN B 215 -0.42 47.37 32.07
CA GLN B 215 -0.86 47.40 33.46
C GLN B 215 0.28 47.28 34.45
N GLY B 216 1.53 47.35 33.97
CA GLY B 216 2.65 47.44 34.88
C GLY B 216 2.79 48.84 35.43
N PRO B 217 3.77 49.02 36.34
CA PRO B 217 4.81 47.98 36.90
C PRO B 217 4.10 47.11 37.98
N VAL B 218 4.67 45.92 38.22
CA VAL B 218 4.22 45.04 39.30
C VAL B 218 5.06 45.23 40.56
N LEU B 219 6.12 46.03 40.48
CA LEU B 219 7.01 46.33 41.58
C LEU B 219 7.12 47.86 41.62
N PRO B 220 6.88 48.49 42.78
CA PRO B 220 6.92 49.96 42.83
C PRO B 220 8.34 50.49 42.81
N ASP B 221 8.48 51.67 42.22
CA ASP B 221 9.76 52.38 42.20
C ASP B 221 9.90 53.14 43.51
N THR B 222 10.45 52.48 44.51
CA THR B 222 10.62 53.07 45.84
C THR B 222 11.95 52.57 46.37
N GLY B 223 12.17 52.69 47.68
CA GLY B 223 13.40 52.26 48.30
C GLY B 223 13.72 50.83 47.95
N VAL B 224 14.79 50.65 47.18
CA VAL B 224 15.36 49.32 46.96
C VAL B 224 16.76 49.32 47.56
N ARG B 225 17.21 48.13 47.93
CA ARG B 225 18.57 47.99 48.40
C ARG B 225 19.53 48.31 47.25
N GLU B 226 20.69 48.91 47.62
CA GLU B 226 21.63 49.40 46.61
C GLU B 226 22.13 48.28 45.71
N HIS B 227 22.21 47.07 46.21
CA HIS B 227 22.79 45.95 45.49
C HIS B 227 21.74 45.08 44.81
N LEU B 228 20.48 45.50 44.80
CA LEU B 228 19.40 44.64 44.33
C LEU B 228 19.67 44.15 42.91
N HIS B 229 19.45 42.86 42.70
CA HIS B 229 19.40 42.28 41.36
C HIS B 229 17.99 41.78 41.08
N ILE B 230 17.44 42.14 39.91
CA ILE B 230 16.11 41.70 39.50
C ILE B 230 16.24 40.80 38.27
N ASN B 231 15.61 39.62 38.33
CA ASN B 231 15.34 38.83 37.13
C ASN B 231 13.95 39.20 36.64
N ALA B 232 13.89 39.90 35.51
CA ALA B 232 12.61 40.30 34.92
C ALA B 232 12.20 39.19 33.96
N VAL B 233 11.31 38.31 34.41
CA VAL B 233 11.07 37.05 33.71
C VAL B 233 9.78 37.11 32.90
N GLY B 234 8.78 37.83 33.39
CA GLY B 234 7.52 37.96 32.67
C GLY B 234 7.77 38.42 31.25
N ALA B 235 7.13 37.78 30.28
CA ALA B 235 7.32 38.12 28.87
C ALA B 235 6.29 37.40 28.04
N ASP B 236 5.54 38.14 27.24
CA ASP B 236 4.55 37.53 26.35
C ASP B 236 4.21 38.50 25.22
N LEU B 237 3.25 39.40 25.45
CA LEU B 237 2.79 40.30 24.41
C LEU B 237 3.66 41.56 24.32
N VAL B 238 3.73 42.12 23.10
CA VAL B 238 4.31 43.44 22.94
C VAL B 238 3.53 44.43 23.78
N GLY B 239 4.24 45.24 24.56
CA GLY B 239 3.60 46.19 25.43
C GLY B 239 3.39 45.72 26.85
N LYS B 240 3.69 44.45 27.15
CA LYS B 240 3.69 43.95 28.51
C LYS B 240 5.06 44.20 29.14
N THR B 241 5.05 44.86 30.29
CA THR B 241 6.26 45.09 31.07
C THR B 241 5.93 44.94 32.55
N GLU B 242 6.97 44.79 33.37
CA GLU B 242 6.79 44.56 34.78
C GLU B 242 7.52 45.55 35.68
N LEU B 243 8.59 46.21 35.18
CA LEU B 243 9.39 47.06 36.07
C LEU B 243 9.11 48.54 35.82
N PRO B 244 9.31 49.39 36.84
CA PRO B 244 9.14 50.82 36.63
C PRO B 244 10.29 51.40 35.83
N LEU B 245 9.95 52.33 34.93
CA LEU B 245 10.94 52.89 34.00
C LEU B 245 12.11 53.54 34.74
N GLY B 246 11.81 54.31 35.79
CA GLY B 246 12.89 54.96 36.52
C GLY B 246 13.90 53.98 37.10
N LEU B 247 13.42 52.84 37.60
CA LEU B 247 14.32 51.80 38.08
C LEU B 247 15.18 51.25 36.95
N LEU B 248 14.56 50.97 35.80
CA LEU B 248 15.29 50.41 34.66
C LEU B 248 16.38 51.36 34.17
N GLU B 249 16.06 52.66 34.11
CA GLU B 249 17.03 53.64 33.63
C GLU B 249 18.20 53.79 34.58
N ARG B 250 17.99 53.50 35.87
CA ARG B 250 19.05 53.52 36.88
C ARG B 250 19.93 52.28 36.83
N ALA B 251 19.45 51.19 36.24
CA ALA B 251 20.06 49.89 36.45
C ALA B 251 21.10 49.55 35.39
N PHE B 252 22.03 48.69 35.77
CA PHE B 252 22.76 47.89 34.79
C PHE B 252 21.82 46.80 34.26
N VAL B 253 21.58 46.80 32.95
CA VAL B 253 20.61 45.89 32.34
C VAL B 253 21.35 44.95 31.38
N THR B 254 21.13 43.64 31.55
CA THR B 254 21.63 42.65 30.61
C THR B 254 20.47 41.80 30.12
N ALA B 255 20.39 41.59 28.81
CA ALA B 255 19.34 40.78 28.19
C ALA B 255 19.87 39.40 27.83
N ASP B 256 18.98 38.40 27.86
CA ASP B 256 19.40 37.10 27.34
C ASP B 256 19.50 37.13 25.82
N HIS B 257 18.58 37.81 25.15
CA HIS B 257 18.52 37.87 23.69
C HIS B 257 18.18 39.31 23.35
N PRO B 258 19.16 40.11 22.95
CA PRO B 258 18.92 41.56 22.85
C PRO B 258 17.80 41.94 21.91
N GLU B 259 17.71 41.34 20.73
CA GLU B 259 16.65 41.73 19.81
C GLU B 259 15.29 41.31 20.32
N GLN B 260 15.22 40.15 20.99
CA GLN B 260 13.95 39.74 21.61
C GLN B 260 13.60 40.64 22.80
N ALA B 261 14.60 41.02 23.59
CA ALA B 261 14.30 41.85 24.76
C ALA B 261 13.79 43.22 24.33
N LEU B 262 14.34 43.77 23.25
CA LEU B 262 13.90 45.09 22.78
C LEU B 262 12.46 45.05 22.30
N ARG B 263 11.98 43.88 21.87
CA ARG B 263 10.63 43.72 21.36
C ARG B 263 9.65 43.27 22.43
N GLU B 264 10.08 42.38 23.34
CA GLU B 264 9.18 41.73 24.29
C GLU B 264 9.62 41.81 25.74
N GLY B 265 10.82 42.28 26.04
CA GLY B 265 11.31 42.36 27.39
C GLY B 265 11.10 43.72 28.02
N GLU B 266 11.73 43.90 29.20
CA GLU B 266 11.75 45.22 29.82
C GLU B 266 12.43 46.24 28.93
N CYS B 267 13.37 45.79 28.08
CA CYS B 267 14.07 46.70 27.20
C CYS B 267 13.15 47.36 26.18
N GLN B 268 11.89 46.91 26.07
CA GLN B 268 10.88 47.69 25.35
C GLN B 268 10.84 49.13 25.83
N GLN B 269 11.14 49.36 27.11
CA GLN B 269 11.04 50.67 27.74
C GLN B 269 12.28 51.53 27.55
N LEU B 270 13.35 50.96 27.02
CA LEU B 270 14.64 51.64 26.91
C LEU B 270 14.99 51.80 25.43
N SER B 271 16.03 52.59 25.19
CA SER B 271 16.63 52.68 23.88
C SER B 271 17.64 51.54 23.68
N ALA B 272 17.82 51.13 22.42
CA ALA B 272 18.78 50.08 22.12
C ALA B 272 20.20 50.46 22.53
N ASP B 273 20.50 51.77 22.52
CA ASP B 273 21.80 52.25 22.97
C ASP B 273 22.10 51.86 24.42
N ARG B 274 21.06 51.77 25.26
CA ARG B 274 21.24 51.83 26.71
C ARG B 274 21.69 50.52 27.34
N LEU B 275 21.65 49.40 26.63
CA LEU B 275 21.86 48.10 27.26
C LEU B 275 23.34 47.74 27.35
N GLY B 276 23.67 46.92 28.35
CA GLY B 276 25.00 46.38 28.48
C GLY B 276 25.20 45.13 27.61
N PRO B 277 26.35 44.47 27.79
CA PRO B 277 26.55 43.16 27.19
C PRO B 277 25.42 42.21 27.56
N GLN B 278 25.19 41.22 26.71
CA GLN B 278 24.16 40.22 26.96
C GLN B 278 24.67 39.13 27.90
N LEU B 279 23.75 38.31 28.39
CA LEU B 279 24.09 37.32 29.40
C LEU B 279 25.23 36.41 28.91
N ALA B 280 25.18 36.01 27.65
CA ALA B 280 26.24 35.15 27.10
C ALA B 280 27.62 35.78 27.28
N HIS B 281 27.73 37.09 27.05
CA HIS B 281 29.03 37.72 27.22
C HIS B 281 29.44 37.78 28.70
N LEU B 282 28.47 37.88 29.62
CA LEU B 282 28.83 37.86 31.04
C LEU B 282 29.26 36.47 31.49
N CYS B 283 28.66 35.41 30.93
CA CYS B 283 29.11 34.07 31.24
C CYS B 283 30.55 33.84 30.74
N ALA B 284 30.85 34.35 29.55
CA ALA B 284 32.17 34.16 28.96
C ALA B 284 33.23 34.91 29.74
N ASP B 285 32.92 36.12 30.22
CA ASP B 285 33.86 36.89 31.03
C ASP B 285 33.09 37.54 32.18
N PRO B 286 33.03 36.87 33.32
CA PRO B 286 32.27 37.41 34.45
C PRO B 286 32.89 38.65 35.06
N ALA B 287 34.11 39.02 34.66
CA ALA B 287 34.69 40.27 35.13
C ALA B 287 33.76 41.44 34.86
N ALA B 288 33.00 41.38 33.77
CA ALA B 288 32.05 42.43 33.45
C ALA B 288 30.83 42.42 34.37
N ALA B 289 30.60 41.32 35.10
CA ALA B 289 29.46 41.21 36.00
C ALA B 289 29.84 41.41 37.47
N ALA B 290 31.07 41.06 37.85
CA ALA B 290 31.48 41.14 39.24
C ALA B 290 31.28 42.54 39.81
N GLY B 291 31.65 43.56 39.04
CA GLY B 291 31.55 44.93 39.51
C GLY B 291 30.16 45.52 39.50
N ARG B 292 29.16 44.70 39.18
CA ARG B 292 27.78 45.12 39.23
C ARG B 292 27.00 44.40 40.32
N GLN B 293 27.66 43.55 41.09
CA GLN B 293 27.00 42.83 42.19
C GLN B 293 26.49 43.79 43.25
N ASP B 294 27.25 44.86 43.52
CA ASP B 294 26.89 45.78 44.60
C ASP B 294 26.12 47.00 44.11
N THR B 295 25.62 47.00 42.87
CA THR B 295 24.79 48.06 42.35
C THR B 295 23.52 47.45 41.77
N LEU B 296 22.58 48.30 41.38
CA LEU B 296 21.29 47.83 40.89
C LEU B 296 21.44 47.19 39.52
N SER B 297 20.96 45.95 39.38
CA SER B 297 21.10 45.23 38.13
C SER B 297 19.79 44.56 37.76
N VAL B 298 19.55 44.44 36.45
CA VAL B 298 18.36 43.78 35.93
C VAL B 298 18.78 42.79 34.85
N PHE B 299 18.39 41.52 35.02
CA PHE B 299 18.46 40.53 33.95
C PHE B 299 17.11 40.52 33.25
N ASP B 300 17.09 40.95 31.99
CA ASP B 300 15.88 41.00 31.17
C ASP B 300 15.75 39.66 30.46
N SER B 301 14.89 38.80 30.98
CA SER B 301 14.73 37.44 30.48
C SER B 301 13.52 37.37 29.56
N THR B 302 13.70 36.83 28.36
CA THR B 302 12.61 36.55 27.45
C THR B 302 12.48 35.08 27.07
N GLY B 303 13.53 34.28 27.28
CA GLY B 303 13.53 32.90 26.84
C GLY B 303 13.95 32.77 25.39
N PHE B 304 14.90 31.89 25.08
CA PHE B 304 15.21 31.65 23.68
C PHE B 304 15.56 30.19 23.47
N ALA B 305 15.42 29.78 22.21
CA ALA B 305 15.31 28.36 21.86
C ALA B 305 16.55 27.56 22.24
N PHE B 306 17.72 28.19 22.24
CA PHE B 306 18.93 27.50 22.68
C PHE B 306 18.76 26.90 24.07
N GLU B 307 18.12 27.64 24.98
CA GLU B 307 17.88 27.12 26.32
C GLU B 307 17.04 25.86 26.30
N ASP B 308 16.03 25.83 25.42
CA ASP B 308 15.18 24.64 25.31
C ASP B 308 15.94 23.47 24.72
N ALA B 309 16.81 23.71 23.74
CA ALA B 309 17.62 22.65 23.17
C ALA B 309 18.54 22.03 24.22
N LEU B 310 19.20 22.87 25.02
CA LEU B 310 20.10 22.35 26.05
C LEU B 310 19.35 21.56 27.11
N ALA B 311 18.18 22.06 27.55
CA ALA B 311 17.39 21.34 28.53
C ALA B 311 16.86 20.02 27.97
N MET B 312 16.45 20.02 26.70
CA MET B 312 15.98 18.78 26.09
C MET B 312 17.08 17.71 26.08
N GLU B 313 18.33 18.13 25.82
CA GLU B 313 19.43 17.17 25.81
C GLU B 313 19.61 16.51 27.17
N VAL B 314 19.48 17.30 28.25
CA VAL B 314 19.54 16.74 29.60
C VAL B 314 18.47 15.68 29.78
N PHE B 315 17.25 15.98 29.33
CA PHE B 315 16.15 15.03 29.48
C PHE B 315 16.36 13.79 28.61
N LEU B 316 16.87 13.96 27.38
CA LEU B 316 17.06 12.80 26.51
C LEU B 316 18.16 11.90 27.05
N GLU B 317 19.23 12.48 27.59
CA GLU B 317 20.30 11.68 28.18
C GLU B 317 19.78 10.84 29.33
N ALA B 318 19.00 11.44 30.22
CA ALA B 318 18.46 10.72 31.38
C ALA B 318 17.45 9.67 30.94
N ALA B 319 16.63 9.98 29.93
CA ALA B 319 15.61 9.03 29.48
C ALA B 319 16.23 7.85 28.75
N ALA B 320 17.28 8.08 27.96
CA ALA B 320 17.96 7.00 27.27
C ALA B 320 18.57 6.02 28.27
N GLU B 321 19.23 6.55 29.31
CA GLU B 321 19.85 5.70 30.30
C GLU B 321 18.83 4.81 31.00
N ARG B 322 17.58 5.24 31.08
CA ARG B 322 16.53 4.48 31.75
C ARG B 322 15.57 3.81 30.78
N ASP B 323 15.91 3.79 29.49
CA ASP B 323 15.09 3.16 28.46
C ASP B 323 13.65 3.64 28.48
N LEU B 324 13.46 4.95 28.63
CA LEU B 324 12.14 5.54 28.71
C LEU B 324 11.66 6.02 27.34
N GLY B 325 10.35 6.14 27.19
CA GLY B 325 9.75 6.67 25.98
C GLY B 325 9.24 5.58 25.05
N ILE B 326 8.54 6.03 24.00
CA ILE B 326 8.04 5.14 22.97
C ILE B 326 8.61 5.58 21.62
N ARG B 327 8.53 4.68 20.65
CA ARG B 327 8.90 4.94 19.26
C ARG B 327 7.64 4.95 18.42
N VAL B 328 7.43 6.01 17.66
CA VAL B 328 6.24 6.16 16.83
C VAL B 328 6.70 6.53 15.42
N GLY B 329 6.28 5.74 14.43
CA GLY B 329 6.51 6.11 13.06
C GLY B 329 5.52 7.16 12.63
N ILE B 330 5.94 8.41 12.54
CA ILE B 330 5.04 9.51 12.19
C ILE B 330 5.23 9.95 10.75
N GLU B 331 6.47 10.28 10.39
CA GLU B 331 6.81 10.66 9.02
C GLU B 331 6.64 9.47 8.08
N HIS B 332 6.15 9.76 6.89
CA HIS B 332 6.07 8.77 5.81
C HIS B 332 7.41 8.77 5.08
N HIS B 333 8.12 7.65 5.15
CA HIS B 333 9.36 7.45 4.40
C HIS B 333 9.07 6.44 3.31
N PRO B 334 8.71 6.88 2.10
CA PRO B 334 8.31 5.94 1.07
C PRO B 334 9.44 5.01 0.69
N GLY B 335 9.09 3.77 0.30
CA GLY B 335 10.10 2.82 -0.10
C GLY B 335 10.89 3.30 -1.29
N ASP B 336 10.30 4.15 -2.11
CA ASP B 336 10.95 4.82 -3.22
C ASP B 336 10.90 6.30 -2.89
N ALA B 337 12.08 6.90 -2.68
CA ALA B 337 12.14 8.28 -2.20
C ALA B 337 11.52 9.27 -3.20
N LEU B 338 11.38 8.88 -4.47
CA LEU B 338 10.80 9.77 -5.47
C LEU B 338 9.32 9.50 -5.70
N ASP B 339 8.69 8.69 -4.85
CA ASP B 339 7.30 8.32 -5.04
C ASP B 339 6.52 8.57 -3.76
N PRO B 340 5.84 9.71 -3.64
CA PRO B 340 5.09 9.98 -2.40
C PRO B 340 4.00 8.97 -2.13
N TYR B 341 3.55 8.24 -3.14
CA TYR B 341 2.49 7.25 -2.97
C TYR B 341 3.03 5.88 -2.57
N ALA B 342 4.36 5.72 -2.52
CA ALA B 342 4.97 4.43 -2.17
C ALA B 342 4.93 4.24 -0.65
N LEU B 343 3.71 4.09 -0.14
CA LEU B 343 3.56 3.87 1.30
C LEU B 343 4.12 2.49 1.63
N GLN B 344 5.21 2.46 2.40
CA GLN B 344 5.94 1.22 2.69
C GLN B 344 5.07 0.27 3.51
N MET C 1 -1.63 -11.99 -31.34
CA MET C 1 -2.38 -12.18 -30.10
C MET C 1 -1.46 -12.57 -28.94
N GLU C 2 -1.52 -11.82 -27.84
CA GLU C 2 -0.70 -12.09 -26.68
C GLU C 2 -1.57 -12.04 -25.43
N THR C 3 -1.15 -12.77 -24.38
CA THR C 3 -1.90 -12.76 -23.12
C THR C 3 -1.67 -11.45 -22.38
N TRP C 4 -2.75 -10.88 -21.86
CA TRP C 4 -2.71 -9.70 -21.00
C TRP C 4 -2.48 -10.16 -19.58
N VAL C 5 -1.32 -9.87 -19.02
CA VAL C 5 -0.96 -10.31 -17.67
C VAL C 5 -1.00 -9.09 -16.76
N LEU C 6 -1.79 -9.16 -15.70
CA LEU C 6 -1.74 -8.16 -14.65
C LEU C 6 -0.75 -8.65 -13.60
N GLY C 7 0.38 -7.94 -13.45
CA GLY C 7 1.28 -8.25 -12.37
C GLY C 7 0.71 -7.82 -11.03
N ARG C 8 1.29 -8.36 -9.95
CA ARG C 8 0.90 -7.94 -8.61
C ARG C 8 1.02 -6.44 -8.44
N ARG C 9 1.95 -5.80 -9.16
CA ARG C 9 2.07 -4.34 -9.10
C ARG C 9 0.89 -3.66 -9.77
N ASP C 10 0.37 -4.24 -10.85
CA ASP C 10 -0.79 -3.68 -11.53
C ASP C 10 -2.02 -3.77 -10.65
N VAL C 11 -2.22 -4.93 -10.00
CA VAL C 11 -3.32 -5.10 -9.08
C VAL C 11 -3.22 -4.07 -7.95
N ALA C 12 -2.01 -3.92 -7.38
CA ALA C 12 -1.80 -2.96 -6.31
C ALA C 12 -2.14 -1.54 -6.75
N GLU C 13 -1.77 -1.18 -7.98
CA GLU C 13 -2.03 0.18 -8.44
C GLU C 13 -3.51 0.41 -8.72
N VAL C 14 -4.24 -0.62 -9.19
CA VAL C 14 -5.69 -0.48 -9.30
C VAL C 14 -6.30 -0.21 -7.94
N VAL C 15 -5.93 -1.01 -6.93
CA VAL C 15 -6.51 -0.86 -5.60
C VAL C 15 -6.18 0.50 -5.02
N ALA C 16 -4.96 0.96 -5.23
CA ALA C 16 -4.50 2.22 -4.65
C ALA C 16 -5.20 3.41 -5.30
N ALA C 17 -5.38 3.38 -6.62
CA ALA C 17 -6.02 4.50 -7.32
C ALA C 17 -7.50 4.57 -7.02
N VAL C 18 -8.19 3.42 -7.07
CA VAL C 18 -9.65 3.37 -6.91
C VAL C 18 -10.04 3.41 -5.44
N GLY C 19 -9.23 2.84 -4.55
CA GLY C 19 -9.56 2.77 -3.13
C GLY C 19 -10.22 1.46 -2.76
N ARG C 20 -9.97 1.01 -1.52
CA ARG C 20 -10.57 -0.25 -1.08
C ARG C 20 -12.10 -0.17 -1.01
N ASP C 21 -12.63 0.94 -0.49
CA ASP C 21 -14.06 1.07 -0.31
C ASP C 21 -14.78 1.01 -1.66
N GLU C 22 -14.30 1.77 -2.64
CA GLU C 22 -15.00 1.83 -3.91
C GLU C 22 -14.87 0.51 -4.66
N LEU C 23 -13.69 -0.11 -4.59
CA LEU C 23 -13.49 -1.39 -5.27
C LEU C 23 -14.38 -2.47 -4.66
N MET C 24 -14.49 -2.51 -3.33
CA MET C 24 -15.39 -3.47 -2.71
C MET C 24 -16.84 -3.18 -3.06
N ARG C 25 -17.24 -1.91 -3.05
CA ARG C 25 -18.61 -1.57 -3.45
C ARG C 25 -18.89 -2.04 -4.86
N ARG C 26 -17.94 -1.84 -5.77
CA ARG C 26 -18.14 -2.27 -7.16
C ARG C 26 -18.36 -3.77 -7.24
N ILE C 27 -17.60 -4.54 -6.48
CA ILE C 27 -17.73 -5.99 -6.52
C ILE C 27 -19.04 -6.43 -5.86
N ILE C 28 -19.41 -5.80 -4.74
CA ILE C 28 -20.73 -6.08 -4.13
C ILE C 28 -21.83 -5.84 -5.15
N ASP C 29 -21.79 -4.69 -5.84
CA ASP C 29 -22.84 -4.36 -6.79
C ASP C 29 -22.86 -5.34 -7.97
N ARG C 30 -21.69 -5.68 -8.50
CA ARG C 30 -21.62 -6.59 -9.64
C ARG C 30 -22.11 -7.97 -9.24
N LEU C 31 -21.73 -8.43 -8.05
CA LEU C 31 -22.15 -9.75 -7.60
C LEU C 31 -23.65 -9.78 -7.36
N THR C 32 -24.21 -8.72 -6.79
CA THR C 32 -25.66 -8.66 -6.59
C THR C 32 -26.38 -8.77 -7.92
N GLY C 33 -25.92 -8.01 -8.91
CA GLY C 33 -26.55 -8.05 -10.23
C GLY C 33 -26.42 -9.40 -10.90
N GLY C 34 -25.21 -9.99 -10.81
CA GLY C 34 -25.00 -11.29 -11.44
C GLY C 34 -25.78 -12.40 -10.78
N LEU C 35 -25.82 -12.41 -9.44
CA LEU C 35 -26.62 -13.42 -8.75
C LEU C 35 -28.10 -13.29 -9.09
N ALA C 36 -28.58 -12.04 -9.25
CA ALA C 36 -29.98 -11.89 -9.62
C ALA C 36 -30.23 -12.37 -11.04
N GLU C 37 -29.26 -12.17 -11.94
CA GLU C 37 -29.38 -12.72 -13.29
C GLU C 37 -29.50 -14.24 -13.25
N ILE C 38 -28.65 -14.89 -12.44
CA ILE C 38 -28.79 -16.34 -12.26
C ILE C 38 -30.17 -16.67 -11.74
N GLY C 39 -30.65 -15.93 -10.74
CA GLY C 39 -31.93 -16.22 -10.14
C GLY C 39 -33.11 -16.04 -11.08
N ARG C 40 -32.93 -15.28 -12.17
CA ARG C 40 -33.94 -15.14 -13.21
C ARG C 40 -33.71 -16.08 -14.38
N GLY C 41 -32.68 -16.91 -14.33
CA GLY C 41 -32.39 -17.81 -15.42
C GLY C 41 -31.69 -17.18 -16.60
N GLU C 42 -31.13 -15.98 -16.43
CA GLU C 42 -30.42 -15.29 -17.51
C GLU C 42 -28.96 -15.67 -17.60
N ARG C 43 -28.41 -16.24 -16.52
CA ARG C 43 -27.07 -16.79 -16.47
C ARG C 43 -27.15 -18.09 -15.66
N HIS C 44 -26.05 -18.84 -15.65
CA HIS C 44 -26.06 -20.14 -14.99
C HIS C 44 -24.99 -20.22 -13.91
N LEU C 45 -25.33 -20.89 -12.82
CA LEU C 45 -24.37 -21.30 -11.82
C LEU C 45 -23.20 -22.06 -12.44
N SER C 46 -22.01 -21.85 -11.89
CA SER C 46 -20.83 -22.56 -12.36
C SER C 46 -20.94 -24.04 -12.05
N PRO C 47 -20.28 -24.88 -12.83
CA PRO C 47 -20.25 -26.31 -12.50
C PRO C 47 -19.48 -26.53 -11.20
N LEU C 48 -19.63 -27.74 -10.66
CA LEU C 48 -18.88 -28.12 -9.47
C LEU C 48 -17.38 -28.00 -9.71
N ARG C 49 -16.67 -27.46 -8.71
CA ARG C 49 -15.22 -27.40 -8.85
C ARG C 49 -14.60 -28.77 -8.59
N GLY C 50 -13.29 -28.88 -8.87
CA GLY C 50 -12.55 -30.09 -8.58
C GLY C 50 -11.27 -29.76 -7.86
N GLY C 51 -10.61 -30.79 -7.33
CA GLY C 51 -9.41 -30.52 -6.57
C GLY C 51 -8.63 -31.77 -6.23
N LEU C 52 -7.42 -31.54 -5.72
CA LEU C 52 -6.49 -32.58 -5.29
C LEU C 52 -6.17 -32.35 -3.82
N GLU C 53 -6.45 -33.36 -2.99
CA GLU C 53 -6.13 -33.25 -1.57
C GLU C 53 -4.64 -33.44 -1.34
N ARG C 54 -4.09 -32.69 -0.39
CA ARG C 54 -2.68 -32.76 -0.02
C ARG C 54 -2.58 -32.93 1.49
N SER C 55 -1.86 -33.98 1.93
CA SER C 55 -1.83 -34.30 3.36
C SER C 55 -0.77 -33.50 4.11
N GLU C 56 0.31 -33.10 3.44
CA GLU C 56 1.39 -32.38 4.10
C GLU C 56 1.57 -30.99 3.49
N PRO C 57 2.11 -30.02 4.25
CA PRO C 57 2.67 -30.09 5.72
C PRO C 57 1.49 -30.52 6.65
N VAL C 58 0.31 -29.97 6.40
CA VAL C 58 -0.91 -30.38 7.09
C VAL C 58 -1.98 -30.51 6.01
N PRO C 59 -3.15 -31.09 6.30
CA PRO C 59 -4.13 -31.35 5.24
C PRO C 59 -4.61 -30.06 4.58
N GLY C 60 -4.58 -30.07 3.26
CA GLY C 60 -5.09 -28.96 2.50
C GLY C 60 -5.55 -29.45 1.15
N ILE C 61 -5.80 -28.54 0.21
CA ILE C 61 -6.34 -28.94 -1.07
C ILE C 61 -5.94 -27.91 -2.09
N TRP C 62 -5.84 -28.32 -3.36
CA TRP C 62 -5.57 -27.41 -4.46
C TRP C 62 -6.64 -27.65 -5.51
N GLU C 63 -7.29 -26.58 -5.98
CA GLU C 63 -8.53 -26.72 -6.73
C GLU C 63 -8.50 -25.94 -8.04
N TRP C 64 -9.28 -26.42 -9.00
CA TRP C 64 -9.58 -25.69 -10.22
C TRP C 64 -11.07 -25.36 -10.24
N MET C 65 -11.39 -24.13 -10.63
CA MET C 65 -12.76 -23.62 -10.58
C MET C 65 -13.10 -22.97 -11.91
N PRO C 66 -13.78 -23.68 -12.81
CA PRO C 66 -14.12 -23.11 -14.11
C PRO C 66 -15.49 -22.47 -14.14
N HIS C 67 -15.63 -21.46 -15.00
CA HIS C 67 -16.91 -20.87 -15.33
C HIS C 67 -16.92 -20.46 -16.79
N ARG C 68 -17.91 -20.94 -17.54
CA ARG C 68 -17.98 -20.65 -18.97
C ARG C 68 -19.14 -19.70 -19.27
N GLU C 69 -18.87 -18.68 -20.08
CA GLU C 69 -19.92 -17.88 -20.68
C GLU C 69 -19.93 -18.20 -22.17
N PRO C 70 -20.88 -19.01 -22.64
CA PRO C 70 -20.77 -19.60 -23.99
C PRO C 70 -20.67 -18.53 -25.07
N GLY C 71 -19.72 -18.75 -25.99
CA GLY C 71 -19.45 -17.82 -27.06
C GLY C 71 -18.55 -16.66 -26.69
N ASP C 72 -18.29 -16.46 -25.40
CA ASP C 72 -17.47 -15.35 -24.94
C ASP C 72 -16.15 -15.85 -24.36
N HIS C 73 -16.14 -16.26 -23.09
CA HIS C 73 -14.89 -16.66 -22.49
C HIS C 73 -15.12 -17.70 -21.41
N ILE C 74 -14.03 -18.35 -21.05
CA ILE C 74 -13.97 -19.28 -19.93
C ILE C 74 -13.06 -18.69 -18.88
N THR C 75 -13.51 -18.68 -17.63
CA THR C 75 -12.68 -18.29 -16.49
C THR C 75 -12.23 -19.54 -15.75
N LEU C 76 -10.96 -19.60 -15.38
CA LEU C 76 -10.46 -20.67 -14.50
C LEU C 76 -9.70 -20.07 -13.34
N LYS C 77 -10.18 -20.26 -12.12
CA LYS C 77 -9.36 -19.95 -10.94
C LYS C 77 -8.66 -21.22 -10.48
N THR C 78 -7.35 -21.12 -10.26
CA THR C 78 -6.58 -22.20 -9.68
C THR C 78 -6.11 -21.72 -8.31
N VAL C 79 -6.42 -22.48 -7.27
CA VAL C 79 -6.31 -21.91 -5.91
C VAL C 79 -5.97 -23.01 -4.93
N GLY C 80 -4.98 -22.74 -4.09
CA GLY C 80 -4.61 -23.64 -3.02
C GLY C 80 -5.14 -23.16 -1.68
N TYR C 81 -5.48 -24.12 -0.84
CA TYR C 81 -5.74 -23.92 0.59
C TYR C 81 -4.66 -24.70 1.32
N SER C 82 -3.81 -23.96 2.04
CA SER C 82 -2.62 -24.54 2.67
C SER C 82 -2.48 -23.85 4.01
N PRO C 83 -3.15 -24.37 5.05
CA PRO C 83 -3.30 -23.57 6.28
C PRO C 83 -2.03 -23.44 7.10
N ALA C 84 -0.97 -24.19 6.79
CA ALA C 84 0.34 -23.92 7.40
C ALA C 84 1.11 -22.81 6.69
N ASN C 85 0.59 -22.28 5.57
CA ASN C 85 1.36 -21.27 4.82
C ASN C 85 1.73 -20.06 5.67
N PRO C 86 0.83 -19.44 6.44
CA PRO C 86 1.23 -18.23 7.17
C PRO C 86 2.36 -18.48 8.17
N ALA C 87 2.27 -19.53 8.96
CA ALA C 87 3.27 -19.76 10.00
C ALA C 87 4.56 -20.34 9.45
N ARG C 88 4.48 -21.28 8.51
CA ARG C 88 5.69 -21.94 8.01
C ARG C 88 6.42 -21.10 6.96
N PHE C 89 5.69 -20.40 6.10
CA PHE C 89 6.28 -19.81 4.91
C PHE C 89 6.04 -18.32 4.77
N GLY C 90 5.26 -17.70 5.66
CA GLY C 90 4.91 -16.31 5.46
C GLY C 90 4.06 -16.05 4.24
N LEU C 91 3.33 -17.06 3.77
CA LEU C 91 2.46 -16.94 2.61
C LEU C 91 1.02 -17.05 3.04
N PRO C 92 0.07 -16.53 2.26
CA PRO C 92 -1.34 -16.67 2.62
C PRO C 92 -1.79 -18.12 2.47
N THR C 93 -2.71 -18.51 3.36
CA THR C 93 -3.32 -19.82 3.27
C THR C 93 -3.96 -20.04 1.90
N ILE C 94 -4.73 -19.06 1.45
CA ILE C 94 -5.39 -19.11 0.13
C ILE C 94 -4.46 -18.44 -0.87
N LEU C 95 -4.00 -19.19 -1.86
CA LEU C 95 -3.01 -18.68 -2.81
C LEU C 95 -3.44 -19.12 -4.19
N GLY C 96 -3.69 -18.17 -5.09
CA GLY C 96 -4.16 -18.60 -6.40
C GLY C 96 -4.06 -17.51 -7.44
N THR C 97 -4.53 -17.86 -8.64
CA THR C 97 -4.49 -17.01 -9.82
C THR C 97 -5.76 -17.24 -10.63
N VAL C 98 -6.14 -16.27 -11.45
CA VAL C 98 -7.35 -16.36 -12.27
C VAL C 98 -6.97 -16.12 -13.72
N ALA C 99 -7.36 -17.05 -14.59
CA ALA C 99 -7.07 -16.98 -16.01
C ALA C 99 -8.36 -16.86 -16.80
N ARG C 100 -8.29 -16.19 -17.94
CA ARG C 100 -9.42 -16.09 -18.85
C ARG C 100 -9.00 -16.59 -20.23
N TYR C 101 -9.87 -17.40 -20.85
CA TYR C 101 -9.62 -18.04 -22.14
C TYR C 101 -10.73 -17.68 -23.11
N ASP C 102 -10.38 -17.44 -24.37
CA ASP C 102 -11.40 -17.17 -25.38
C ASP C 102 -12.24 -18.42 -25.61
N ASP C 103 -13.57 -18.30 -25.50
CA ASP C 103 -14.39 -19.51 -25.57
C ASP C 103 -14.38 -20.13 -26.97
N THR C 104 -14.25 -19.30 -28.00
CA THR C 104 -14.32 -19.80 -29.37
C THR C 104 -13.06 -20.57 -29.76
N THR C 105 -11.88 -20.02 -29.45
CA THR C 105 -10.61 -20.59 -29.89
C THR C 105 -9.84 -21.32 -28.78
N GLY C 106 -10.18 -21.08 -27.50
CA GLY C 106 -9.38 -21.61 -26.41
C GLY C 106 -8.19 -20.78 -26.01
N ALA C 107 -7.92 -19.65 -26.67
CA ALA C 107 -6.69 -18.92 -26.43
C ALA C 107 -6.70 -18.26 -25.06
N LEU C 108 -5.58 -18.35 -24.34
CA LEU C 108 -5.43 -17.68 -23.05
C LEU C 108 -5.33 -16.18 -23.28
N THR C 109 -6.31 -15.42 -22.80
CA THR C 109 -6.34 -13.99 -23.09
C THR C 109 -5.92 -13.09 -21.93
N ALA C 110 -6.09 -13.54 -20.68
CA ALA C 110 -5.71 -12.70 -19.55
C ALA C 110 -5.40 -13.57 -18.33
N LEU C 111 -4.57 -13.03 -17.44
CA LEU C 111 -4.10 -13.77 -16.28
C LEU C 111 -3.79 -12.76 -15.17
N MET C 112 -4.26 -13.04 -13.94
CA MET C 112 -3.98 -12.11 -12.85
C MET C 112 -3.98 -12.84 -11.51
N ASP C 113 -3.50 -12.12 -10.49
CA ASP C 113 -3.55 -12.59 -9.11
C ASP C 113 -4.96 -13.02 -8.71
N GLY C 114 -5.04 -14.08 -7.90
CA GLY C 114 -6.30 -14.50 -7.31
C GLY C 114 -6.40 -14.26 -5.82
N VAL C 115 -5.32 -13.86 -5.15
CA VAL C 115 -5.35 -13.73 -3.68
C VAL C 115 -6.28 -12.59 -3.27
N LEU C 116 -6.00 -11.38 -3.74
CA LEU C 116 -6.83 -10.24 -3.36
C LEU C 116 -8.24 -10.39 -3.89
N LEU C 117 -8.37 -10.76 -5.16
CA LEU C 117 -9.68 -10.95 -5.78
C LEU C 117 -10.54 -11.94 -4.97
N THR C 118 -9.95 -13.04 -4.52
CA THR C 118 -10.72 -14.01 -3.74
C THR C 118 -11.22 -13.38 -2.46
N ALA C 119 -10.34 -12.71 -1.72
CA ALA C 119 -10.76 -12.10 -0.48
C ALA C 119 -11.86 -11.08 -0.72
N LEU C 120 -11.75 -10.28 -1.79
CA LEU C 120 -12.76 -9.28 -2.09
C LEU C 120 -14.12 -9.90 -2.37
N ARG C 121 -14.19 -10.86 -3.31
CA ARG C 121 -15.51 -11.36 -3.66
C ARG C 121 -16.12 -12.23 -2.56
N THR C 122 -15.27 -12.79 -1.68
CA THR C 122 -15.81 -13.58 -0.57
C THR C 122 -16.42 -12.68 0.49
N GLY C 123 -15.76 -11.55 0.78
CA GLY C 123 -16.40 -10.54 1.59
C GLY C 123 -17.68 -10.02 0.95
N ALA C 124 -17.62 -9.75 -0.35
CA ALA C 124 -18.79 -9.23 -1.05
C ALA C 124 -19.98 -10.19 -0.98
N ALA C 125 -19.72 -11.49 -1.12
CA ALA C 125 -20.81 -12.47 -1.08
C ALA C 125 -21.49 -12.47 0.28
N SER C 126 -20.71 -12.42 1.37
CA SER C 126 -21.32 -12.30 2.69
C SER C 126 -22.15 -11.01 2.82
N ALA C 127 -21.66 -9.91 2.25
CA ALA C 127 -22.42 -8.67 2.28
C ALA C 127 -23.74 -8.81 1.51
N VAL C 128 -23.71 -9.47 0.35
CA VAL C 128 -24.95 -9.70 -0.39
C VAL C 128 -25.94 -10.49 0.46
N ALA C 129 -25.48 -11.62 1.02
CA ALA C 129 -26.38 -12.48 1.79
C ALA C 129 -26.87 -11.79 3.06
N SER C 130 -26.01 -10.98 3.70
CA SER C 130 -26.38 -10.35 4.97
C SER C 130 -27.33 -9.18 4.76
N ARG C 131 -27.16 -8.43 3.67
CA ARG C 131 -28.18 -7.43 3.33
C ARG C 131 -29.56 -8.06 3.21
N LEU C 132 -29.62 -9.29 2.69
CA LEU C 132 -30.89 -9.99 2.51
C LEU C 132 -31.42 -10.58 3.82
N LEU C 133 -30.57 -11.11 4.69
CA LEU C 133 -31.01 -11.99 5.76
C LEU C 133 -30.69 -11.50 7.17
N ALA C 134 -29.87 -10.46 7.32
CA ALA C 134 -29.62 -9.86 8.62
C ALA C 134 -30.62 -8.73 8.86
N ARG C 135 -30.89 -8.47 10.14
CA ARG C 135 -31.68 -7.29 10.45
C ARG C 135 -30.98 -6.05 9.91
N PRO C 136 -31.70 -5.15 9.25
CA PRO C 136 -31.05 -3.96 8.68
C PRO C 136 -30.44 -3.06 9.72
N ASP C 137 -30.87 -3.17 10.97
CA ASP C 137 -30.28 -2.38 12.02
C ASP C 137 -29.19 -3.13 12.81
N SER C 138 -28.66 -4.21 12.26
CA SER C 138 -27.61 -4.98 12.92
C SER C 138 -26.45 -4.07 13.35
N HIS C 139 -26.07 -4.13 14.61
CA HIS C 139 -24.98 -3.29 15.11
C HIS C 139 -23.72 -4.04 15.55
N THR C 140 -23.83 -5.31 15.92
CA THR C 140 -22.69 -6.06 16.44
C THR C 140 -22.40 -7.24 15.53
N LEU C 141 -21.20 -7.26 14.96
CA LEU C 141 -20.73 -8.36 14.14
C LEU C 141 -19.81 -9.24 14.96
N GLY C 142 -20.03 -10.54 14.91
CA GLY C 142 -19.08 -11.50 15.45
C GLY C 142 -18.23 -12.09 14.34
N LEU C 143 -16.94 -12.27 14.63
CA LEU C 143 -16.02 -12.93 13.70
C LEU C 143 -15.33 -14.06 14.43
N ILE C 144 -15.47 -15.29 13.92
CA ILE C 144 -14.74 -16.44 14.45
C ILE C 144 -13.75 -16.87 13.37
N GLY C 145 -12.45 -16.85 13.71
CA GLY C 145 -11.40 -16.90 12.71
C GLY C 145 -11.05 -15.48 12.33
N THR C 146 -9.84 -15.03 12.68
CA THR C 146 -9.47 -13.65 12.37
C THR C 146 -8.21 -13.66 11.52
N GLY C 147 -8.23 -14.50 10.47
CA GLY C 147 -7.17 -14.53 9.48
C GLY C 147 -7.46 -13.62 8.29
N ALA C 148 -7.10 -14.05 7.09
CA ALA C 148 -7.22 -13.18 5.92
C ALA C 148 -8.68 -12.89 5.57
N GLN C 149 -9.53 -13.93 5.50
CA GLN C 149 -10.90 -13.68 5.08
C GLN C 149 -11.62 -12.74 6.04
N ALA C 150 -11.31 -12.83 7.34
CA ALA C 150 -12.01 -12.00 8.32
C ALA C 150 -11.86 -10.52 8.00
N VAL C 151 -10.71 -10.12 7.43
CA VAL C 151 -10.48 -8.72 7.11
C VAL C 151 -11.52 -8.23 6.10
N THR C 152 -11.73 -8.97 5.01
CA THR C 152 -12.72 -8.52 4.04
C THR C 152 -14.16 -8.86 4.43
N GLN C 153 -14.39 -9.88 5.28
CA GLN C 153 -15.71 -10.03 5.88
C GLN C 153 -16.10 -8.75 6.61
N LEU C 154 -15.22 -8.28 7.50
CA LEU C 154 -15.55 -7.07 8.24
C LEU C 154 -15.69 -5.88 7.30
N HIS C 155 -14.77 -5.73 6.35
CA HIS C 155 -14.84 -4.57 5.46
C HIS C 155 -16.14 -4.56 4.67
N ALA C 156 -16.46 -5.67 3.99
CA ALA C 156 -17.67 -5.70 3.18
C ALA C 156 -18.92 -5.49 4.02
N LEU C 157 -18.99 -6.14 5.20
CA LEU C 157 -20.21 -6.03 5.99
C LEU C 157 -20.36 -4.61 6.54
N SER C 158 -19.25 -3.93 6.83
CA SER C 158 -19.32 -2.54 7.30
C SER C 158 -19.87 -1.59 6.23
N LEU C 159 -19.83 -2.00 4.96
CA LEU C 159 -20.36 -1.16 3.91
C LEU C 159 -21.86 -1.32 3.71
N VAL C 160 -22.46 -2.40 4.22
CA VAL C 160 -23.87 -2.67 3.98
C VAL C 160 -24.72 -2.70 5.24
N LEU C 161 -24.11 -2.71 6.43
CA LEU C 161 -24.86 -2.70 7.68
C LEU C 161 -24.28 -1.62 8.59
N PRO C 162 -25.09 -1.07 9.49
CA PRO C 162 -24.63 -0.02 10.40
C PRO C 162 -23.85 -0.55 11.60
N LEU C 163 -22.79 -1.32 11.31
CA LEU C 163 -22.03 -1.96 12.37
C LEU C 163 -21.33 -0.93 13.25
N GLN C 164 -21.44 -1.11 14.57
CA GLN C 164 -20.70 -0.31 15.53
C GLN C 164 -19.55 -1.05 16.19
N ARG C 165 -19.61 -2.38 16.27
CA ARG C 165 -18.50 -3.08 16.88
C ARG C 165 -18.42 -4.48 16.30
N ALA C 166 -17.21 -5.03 16.37
CA ALA C 166 -16.90 -6.39 15.96
C ALA C 166 -16.31 -7.12 17.16
N LEU C 167 -16.96 -8.20 17.58
CA LEU C 167 -16.48 -9.08 18.63
C LEU C 167 -15.78 -10.25 17.96
N VAL C 168 -14.50 -10.47 18.27
CA VAL C 168 -13.70 -11.37 17.44
C VAL C 168 -12.98 -12.42 18.28
N TRP C 169 -12.83 -13.61 17.69
CA TRP C 169 -12.11 -14.71 18.32
C TRP C 169 -11.30 -15.49 17.29
N ASP C 170 -10.15 -15.99 17.75
CA ASP C 170 -9.32 -16.91 16.99
C ASP C 170 -8.69 -17.84 18.01
N THR C 171 -8.50 -19.09 17.63
CA THR C 171 -7.82 -20.00 18.55
C THR C 171 -6.34 -19.68 18.71
N ASP C 172 -5.74 -18.94 17.76
CA ASP C 172 -4.36 -18.50 17.87
C ASP C 172 -4.35 -17.12 18.53
N PRO C 173 -3.81 -16.97 19.75
CA PRO C 173 -3.84 -15.66 20.41
C PRO C 173 -3.18 -14.55 19.63
N ALA C 174 -2.08 -14.84 18.93
CA ALA C 174 -1.41 -13.81 18.15
C ALA C 174 -2.31 -13.31 17.02
N HIS C 175 -3.10 -14.22 16.43
CA HIS C 175 -3.95 -13.85 15.30
C HIS C 175 -5.15 -13.03 15.74
N ARG C 176 -5.74 -13.33 16.91
CA ARG C 176 -6.82 -12.49 17.37
C ARG C 176 -6.30 -11.14 17.83
N GLU C 177 -5.08 -11.09 18.37
CA GLU C 177 -4.56 -9.84 18.91
C GLU C 177 -4.09 -8.88 17.82
N SER C 178 -3.70 -9.41 16.66
CA SER C 178 -3.28 -8.58 15.54
C SER C 178 -4.43 -8.11 14.66
N PHE C 179 -5.65 -8.62 14.87
CA PHE C 179 -6.75 -8.29 13.96
C PHE C 179 -7.10 -6.80 14.02
N ALA C 180 -7.07 -6.20 15.21
CA ALA C 180 -7.53 -4.81 15.30
C ALA C 180 -6.69 -3.90 14.40
N ARG C 181 -5.39 -4.15 14.32
CA ARG C 181 -4.56 -3.31 13.47
C ARG C 181 -4.88 -3.55 12.00
N ARG C 182 -5.10 -4.82 11.63
CA ARG C 182 -5.45 -5.11 10.24
C ARG C 182 -6.81 -4.55 9.86
N ALA C 183 -7.73 -4.43 10.81
CA ALA C 183 -9.10 -4.03 10.55
C ALA C 183 -9.34 -2.55 10.79
N ALA C 184 -8.35 -1.82 11.27
CA ALA C 184 -8.56 -0.46 11.77
C ALA C 184 -9.24 0.44 10.75
N PHE C 185 -8.84 0.34 9.47
CA PHE C 185 -9.37 1.24 8.44
C PHE C 185 -10.88 1.16 8.27
N THR C 186 -11.53 0.05 8.68
CA THR C 186 -12.97 -0.05 8.50
C THR C 186 -13.75 0.83 9.45
N GLY C 187 -13.15 1.32 10.53
CA GLY C 187 -13.84 2.15 11.48
C GLY C 187 -14.73 1.42 12.45
N VAL C 188 -14.84 0.10 12.36
CA VAL C 188 -15.66 -0.68 13.29
C VAL C 188 -14.80 -1.05 14.49
N SER C 189 -15.24 -0.68 15.70
CA SER C 189 -14.41 -0.94 16.86
C SER C 189 -14.31 -2.44 17.13
N VAL C 190 -13.09 -2.92 17.38
CA VAL C 190 -12.79 -4.34 17.54
C VAL C 190 -12.57 -4.64 19.01
N GLU C 191 -13.21 -5.69 19.51
CA GLU C 191 -12.82 -6.22 20.81
C GLU C 191 -12.77 -7.73 20.74
N ILE C 192 -11.74 -8.29 21.37
CA ILE C 192 -11.61 -9.74 21.46
C ILE C 192 -12.68 -10.25 22.42
N ALA C 193 -13.39 -11.30 22.01
CA ALA C 193 -14.48 -11.85 22.81
C ALA C 193 -14.54 -13.36 22.61
N GLU C 194 -14.72 -14.10 23.71
CA GLU C 194 -14.86 -15.55 23.60
C GLU C 194 -16.08 -15.91 22.77
N PRO C 195 -16.09 -17.09 22.14
CA PRO C 195 -17.25 -17.48 21.31
C PRO C 195 -18.58 -17.44 22.04
N ALA C 196 -18.64 -17.82 23.32
CA ALA C 196 -19.91 -17.75 24.03
C ALA C 196 -20.41 -16.33 24.17
N ARG C 197 -19.49 -15.35 24.31
CA ARG C 197 -19.91 -13.95 24.30
C ARG C 197 -20.38 -13.52 22.92
N ILE C 198 -19.71 -13.98 21.86
CA ILE C 198 -20.16 -13.67 20.51
C ILE C 198 -21.57 -14.22 20.28
N ALA C 199 -21.83 -15.44 20.75
CA ALA C 199 -23.17 -16.02 20.60
C ALA C 199 -24.22 -15.18 21.30
N ALA C 200 -23.88 -14.60 22.46
CA ALA C 200 -24.84 -13.82 23.22
C ALA C 200 -25.13 -12.46 22.56
N GLU C 201 -24.10 -11.82 21.98
CA GLU C 201 -24.19 -10.41 21.63
C GLU C 201 -24.28 -10.12 20.14
N ALA C 202 -23.92 -11.05 19.26
CA ALA C 202 -23.82 -10.73 17.84
C ALA C 202 -25.18 -10.74 17.14
N ASP C 203 -25.38 -9.74 16.28
CA ASP C 203 -26.52 -9.73 15.36
C ASP C 203 -26.21 -10.44 14.05
N VAL C 204 -24.94 -10.46 13.66
CA VAL C 204 -24.45 -11.20 12.50
C VAL C 204 -23.11 -11.79 12.89
N ILE C 205 -22.81 -12.99 12.39
CA ILE C 205 -21.53 -13.67 12.61
C ILE C 205 -21.01 -14.16 11.27
N SER C 206 -19.71 -14.00 11.05
CA SER C 206 -19.02 -14.71 9.98
C SER C 206 -18.03 -15.67 10.62
N THR C 207 -18.14 -16.96 10.27
CA THR C 207 -17.12 -17.94 10.62
C THR C 207 -16.20 -18.15 9.42
N ALA C 208 -14.91 -17.98 9.63
CA ALA C 208 -13.96 -18.10 8.51
C ALA C 208 -12.65 -18.61 9.09
N THR C 209 -12.61 -19.91 9.37
CA THR C 209 -11.50 -20.53 10.08
C THR C 209 -10.81 -21.57 9.21
N SER C 210 -9.54 -21.84 9.53
CA SER C 210 -8.83 -23.00 8.99
C SER C 210 -8.99 -24.23 9.87
N VAL C 211 -10.13 -24.39 10.56
CA VAL C 211 -10.32 -25.54 11.44
C VAL C 211 -10.14 -26.84 10.65
N ALA C 212 -9.46 -27.80 11.25
CA ALA C 212 -9.23 -29.09 10.62
C ALA C 212 -10.49 -29.95 10.62
N VAL C 213 -10.52 -30.90 9.69
CA VAL C 213 -11.58 -31.93 9.71
C VAL C 213 -11.49 -32.66 11.03
N GLY C 214 -12.64 -32.86 11.67
CA GLY C 214 -12.71 -33.53 12.95
C GLY C 214 -12.49 -32.64 14.15
N GLN C 215 -12.22 -31.35 13.95
CA GLN C 215 -12.13 -30.41 15.06
C GLN C 215 -13.31 -29.44 14.98
N GLY C 216 -13.28 -28.41 15.82
CA GLY C 216 -14.46 -27.59 15.99
C GLY C 216 -15.54 -28.38 16.72
N PRO C 217 -16.80 -27.92 16.64
CA PRO C 217 -17.35 -26.61 15.96
C PRO C 217 -16.59 -25.39 16.55
N VAL C 218 -16.65 -24.27 15.83
CA VAL C 218 -15.94 -23.07 16.26
C VAL C 218 -16.82 -22.16 17.10
N LEU C 219 -18.10 -22.49 17.27
CA LEU C 219 -19.02 -21.87 18.21
C LEU C 219 -19.50 -22.93 19.19
N PRO C 220 -19.72 -22.58 20.47
CA PRO C 220 -20.27 -23.55 21.40
C PRO C 220 -21.70 -23.90 21.04
N ASP C 221 -22.14 -25.07 21.51
CA ASP C 221 -23.48 -25.57 21.25
C ASP C 221 -24.45 -24.86 22.20
N THR C 222 -24.77 -23.61 21.88
CA THR C 222 -25.55 -22.80 22.80
C THR C 222 -26.64 -22.05 22.03
N GLY C 223 -27.39 -21.22 22.75
CA GLY C 223 -28.38 -20.38 22.09
C GLY C 223 -27.76 -19.16 21.44
N VAL C 224 -28.51 -18.55 20.52
CA VAL C 224 -28.06 -17.34 19.82
C VAL C 224 -29.20 -16.34 19.81
N ARG C 225 -28.91 -15.11 19.37
CA ARG C 225 -29.98 -14.13 19.24
C ARG C 225 -31.00 -14.60 18.20
N GLU C 226 -32.27 -14.30 18.46
CA GLU C 226 -33.36 -14.83 17.64
C GLU C 226 -33.16 -14.54 16.15
N HIS C 227 -32.70 -13.32 15.85
CA HIS C 227 -32.57 -12.82 14.48
C HIS C 227 -31.20 -13.08 13.87
N LEU C 228 -30.32 -13.82 14.56
CA LEU C 228 -28.93 -13.95 14.11
C LEU C 228 -28.86 -14.38 12.66
N HIS C 229 -27.97 -13.76 11.90
CA HIS C 229 -27.58 -14.26 10.60
C HIS C 229 -26.11 -14.68 10.65
N ILE C 230 -25.81 -15.88 10.17
CA ILE C 230 -24.44 -16.40 10.13
C ILE C 230 -24.01 -16.53 8.68
N ASN C 231 -22.85 -15.95 8.35
CA ASN C 231 -22.13 -16.28 7.11
C ASN C 231 -21.12 -17.38 7.44
N ALA C 232 -21.41 -18.61 7.02
CA ALA C 232 -20.52 -19.75 7.28
C ALA C 232 -19.57 -19.85 6.09
N VAL C 233 -18.39 -19.29 6.26
CA VAL C 233 -17.53 -19.00 5.11
C VAL C 233 -16.46 -20.07 4.97
N GLY C 234 -16.03 -20.64 6.11
CA GLY C 234 -15.01 -21.68 6.05
C GLY C 234 -15.40 -22.80 5.12
N ALA C 235 -14.47 -23.25 4.29
CA ALA C 235 -14.74 -24.25 3.26
C ALA C 235 -13.43 -24.71 2.65
N ASP C 236 -13.15 -26.01 2.70
CA ASP C 236 -11.94 -26.52 2.09
C ASP C 236 -12.10 -28.02 1.87
N LEU C 237 -11.81 -28.82 2.90
CA LEU C 237 -11.86 -30.27 2.77
C LEU C 237 -13.24 -30.81 3.13
N VAL C 238 -13.63 -31.90 2.45
CA VAL C 238 -14.91 -32.54 2.77
C VAL C 238 -14.83 -33.09 4.18
N GLY C 239 -15.84 -32.78 4.99
CA GLY C 239 -15.88 -33.15 6.39
C GLY C 239 -15.61 -32.01 7.32
N LYS C 240 -15.09 -30.89 6.83
CA LYS C 240 -14.85 -29.74 7.68
C LYS C 240 -16.18 -29.09 8.05
N THR C 241 -16.40 -28.83 9.32
CA THR C 241 -17.60 -28.07 9.66
C THR C 241 -17.35 -27.11 10.81
N GLU C 242 -17.91 -25.92 10.69
CA GLU C 242 -17.69 -24.89 11.68
C GLU C 242 -18.83 -24.75 12.68
N LEU C 243 -20.07 -25.17 12.31
CA LEU C 243 -21.18 -24.88 13.22
C LEU C 243 -21.60 -26.12 13.98
N PRO C 244 -22.13 -25.95 15.19
CA PRO C 244 -22.77 -27.09 15.85
C PRO C 244 -23.96 -27.59 15.05
N LEU C 245 -24.12 -28.91 15.01
CA LEU C 245 -25.14 -29.50 14.16
C LEU C 245 -26.53 -29.02 14.56
N GLY C 246 -26.79 -28.90 15.87
CA GLY C 246 -28.11 -28.49 16.32
C GLY C 246 -28.45 -27.07 15.89
N LEU C 247 -27.44 -26.21 15.81
CA LEU C 247 -27.67 -24.85 15.35
C LEU C 247 -28.05 -24.84 13.86
N LEU C 248 -27.26 -25.53 13.04
CA LEU C 248 -27.58 -25.63 11.61
C LEU C 248 -28.96 -26.23 11.38
N GLU C 249 -29.33 -27.23 12.17
CA GLU C 249 -30.60 -27.90 11.97
C GLU C 249 -31.80 -27.06 12.40
N ARG C 250 -31.61 -25.96 13.14
CA ARG C 250 -32.75 -25.09 13.47
C ARG C 250 -32.69 -23.75 12.72
N ALA C 251 -31.87 -23.68 11.68
CA ALA C 251 -31.74 -22.45 10.89
C ALA C 251 -32.47 -22.57 9.55
N PHE C 252 -32.87 -21.43 9.01
CA PHE C 252 -33.12 -21.28 7.59
C PHE C 252 -31.77 -21.19 6.88
N VAL C 253 -31.50 -22.08 5.92
CA VAL C 253 -30.18 -22.16 5.30
C VAL C 253 -30.29 -21.88 3.82
N THR C 254 -29.44 -20.97 3.34
CA THR C 254 -29.28 -20.73 1.91
C THR C 254 -27.81 -20.95 1.54
N ALA C 255 -27.57 -21.53 0.37
CA ALA C 255 -26.22 -21.78 -0.12
C ALA C 255 -25.97 -20.94 -1.35
N ASP C 256 -24.69 -20.58 -1.57
CA ASP C 256 -24.35 -19.94 -2.84
C ASP C 256 -24.43 -20.95 -3.98
N HIS C 257 -24.08 -22.19 -3.71
CA HIS C 257 -23.99 -23.23 -4.75
C HIS C 257 -24.51 -24.50 -4.09
N PRO C 258 -25.76 -24.87 -4.34
CA PRO C 258 -26.38 -25.95 -3.54
C PRO C 258 -25.63 -27.26 -3.58
N GLU C 259 -25.15 -27.68 -4.75
CA GLU C 259 -24.42 -28.94 -4.82
C GLU C 259 -23.07 -28.87 -4.11
N GLN C 260 -22.35 -27.74 -4.26
CA GLN C 260 -21.09 -27.59 -3.52
C GLN C 260 -21.32 -27.55 -2.02
N ALA C 261 -22.41 -26.93 -1.59
CA ALA C 261 -22.67 -26.79 -0.17
C ALA C 261 -22.90 -28.16 0.47
N LEU C 262 -23.51 -29.09 -0.26
CA LEU C 262 -23.73 -30.43 0.28
C LEU C 262 -22.48 -31.28 0.28
N ARG C 263 -21.42 -30.82 -0.39
CA ARG C 263 -20.16 -31.53 -0.50
C ARG C 263 -19.08 -30.88 0.36
N GLU C 264 -18.79 -29.60 0.16
CA GLU C 264 -17.74 -28.93 0.91
C GLU C 264 -18.26 -27.94 1.95
N GLY C 265 -19.56 -27.61 1.92
CA GLY C 265 -20.10 -26.60 2.81
C GLY C 265 -20.54 -27.14 4.17
N GLU C 266 -21.10 -26.24 4.98
CA GLU C 266 -21.72 -26.65 6.24
C GLU C 266 -22.79 -27.70 6.00
N CYS C 267 -23.48 -27.61 4.86
CA CYS C 267 -24.59 -28.51 4.60
C CYS C 267 -24.15 -29.96 4.42
N GLN C 268 -22.83 -30.26 4.33
CA GLN C 268 -22.48 -31.69 4.33
C GLN C 268 -22.98 -32.37 5.59
N GLN C 269 -23.22 -31.59 6.67
CA GLN C 269 -23.93 -32.08 7.86
C GLN C 269 -25.41 -32.33 7.62
N LEU C 270 -26.01 -31.75 6.59
CA LEU C 270 -27.44 -31.85 6.36
C LEU C 270 -27.71 -32.71 5.12
N SER C 271 -29.00 -33.01 4.95
CA SER C 271 -29.51 -33.73 3.79
C SER C 271 -29.89 -32.73 2.69
N ALA C 272 -29.73 -33.17 1.44
CA ALA C 272 -29.89 -32.28 0.28
C ALA C 272 -31.20 -31.52 0.31
N ASP C 273 -32.21 -32.03 1.01
CA ASP C 273 -33.54 -31.45 0.94
C ASP C 273 -33.74 -30.29 1.93
N ARG C 274 -33.03 -30.28 3.08
CA ARG C 274 -33.26 -29.26 4.11
C ARG C 274 -32.72 -27.89 3.70
N LEU C 275 -31.76 -27.85 2.78
CA LEU C 275 -31.37 -26.56 2.22
C LEU C 275 -32.59 -25.81 1.70
N GLY C 276 -32.61 -24.50 1.91
CA GLY C 276 -33.67 -23.66 1.41
C GLY C 276 -33.33 -23.13 0.02
N PRO C 277 -34.06 -22.11 -0.43
CA PRO C 277 -33.76 -21.50 -1.73
C PRO C 277 -32.34 -20.97 -1.74
N GLN C 278 -31.68 -21.13 -2.87
CA GLN C 278 -30.29 -20.72 -3.02
C GLN C 278 -30.16 -19.20 -3.09
N LEU C 279 -28.94 -18.73 -2.91
CA LEU C 279 -28.69 -17.29 -2.83
C LEU C 279 -29.18 -16.55 -4.08
N ALA C 280 -28.96 -17.14 -5.27
CA ALA C 280 -29.42 -16.49 -6.49
C ALA C 280 -30.92 -16.24 -6.47
N HIS C 281 -31.69 -17.18 -5.90
CA HIS C 281 -33.13 -17.02 -5.82
C HIS C 281 -33.52 -15.84 -4.92
N LEU C 282 -32.86 -15.72 -3.77
CA LEU C 282 -33.10 -14.59 -2.88
C LEU C 282 -32.68 -13.27 -3.51
N CYS C 283 -31.60 -13.26 -4.30
CA CYS C 283 -31.21 -12.03 -4.96
C CYS C 283 -32.26 -11.61 -6.00
N ALA C 284 -32.86 -12.59 -6.68
CA ALA C 284 -33.84 -12.25 -7.70
C ALA C 284 -35.17 -11.87 -7.08
N ASP C 285 -35.44 -12.34 -5.87
CA ASP C 285 -36.70 -12.06 -5.18
C ASP C 285 -36.40 -11.80 -3.71
N PRO C 286 -35.94 -10.59 -3.38
CA PRO C 286 -35.54 -10.31 -1.99
C PRO C 286 -36.65 -10.47 -0.99
N ALA C 287 -37.91 -10.40 -1.43
CA ALA C 287 -39.02 -10.63 -0.49
C ALA C 287 -39.00 -12.05 0.06
N ALA C 288 -38.42 -13.01 -0.67
CA ALA C 288 -38.28 -14.35 -0.15
C ALA C 288 -37.36 -14.40 1.07
N ALA C 289 -36.46 -13.42 1.22
CA ALA C 289 -35.53 -13.39 2.33
C ALA C 289 -35.97 -12.47 3.46
N ALA C 290 -36.80 -11.45 3.17
CA ALA C 290 -37.11 -10.45 4.18
C ALA C 290 -37.76 -11.07 5.42
N GLY C 291 -38.64 -12.05 5.22
CA GLY C 291 -39.28 -12.72 6.33
C GLY C 291 -38.37 -13.61 7.15
N ARG C 292 -37.14 -13.82 6.70
CA ARG C 292 -36.17 -14.62 7.44
C ARG C 292 -35.14 -13.76 8.17
N GLN C 293 -35.26 -12.43 8.09
CA GLN C 293 -34.35 -11.58 8.84
C GLN C 293 -34.52 -11.74 10.34
N ASP C 294 -35.76 -11.95 10.79
CA ASP C 294 -36.05 -11.94 12.21
C ASP C 294 -35.91 -13.30 12.88
N THR C 295 -35.54 -14.34 12.14
CA THR C 295 -35.26 -15.65 12.72
C THR C 295 -33.85 -16.09 12.32
N LEU C 296 -33.46 -17.26 12.79
CA LEU C 296 -32.08 -17.70 12.58
C LEU C 296 -31.86 -18.06 11.13
N SER C 297 -30.79 -17.52 10.53
CA SER C 297 -30.46 -17.79 9.15
C SER C 297 -28.96 -18.10 9.04
N VAL C 298 -28.62 -18.97 8.11
CA VAL C 298 -27.24 -19.32 7.77
C VAL C 298 -27.06 -19.22 6.26
N PHE C 299 -26.05 -18.46 5.84
CA PHE C 299 -25.56 -18.46 4.47
C PHE C 299 -24.37 -19.42 4.41
N ASP C 300 -24.55 -20.55 3.74
CA ASP C 300 -23.50 -21.55 3.57
C ASP C 300 -22.70 -21.15 2.34
N SER C 301 -21.55 -20.50 2.55
CA SER C 301 -20.72 -20.00 1.47
C SER C 301 -19.63 -21.02 1.14
N THR C 302 -19.51 -21.38 -0.15
CA THR C 302 -18.42 -22.23 -0.61
C THR C 302 -17.54 -21.57 -1.64
N GLY C 303 -18.00 -20.50 -2.29
CA GLY C 303 -17.24 -19.86 -3.35
C GLY C 303 -17.48 -20.57 -4.68
N PHE C 304 -17.70 -19.81 -5.75
CA PHE C 304 -17.84 -20.44 -7.06
C PHE C 304 -17.34 -19.47 -8.12
N ALA C 305 -16.91 -20.06 -9.25
CA ALA C 305 -16.03 -19.38 -10.20
C ALA C 305 -16.69 -18.18 -10.85
N PHE C 306 -18.02 -18.18 -11.01
CA PHE C 306 -18.71 -16.98 -11.50
C PHE C 306 -18.35 -15.75 -10.65
N GLU C 307 -18.23 -15.91 -9.33
CA GLU C 307 -17.83 -14.79 -8.49
C GLU C 307 -16.44 -14.29 -8.86
N ASP C 308 -15.53 -15.22 -9.16
CA ASP C 308 -14.18 -14.84 -9.56
C ASP C 308 -14.17 -14.15 -10.92
N ALA C 309 -14.99 -14.65 -11.85
CA ALA C 309 -15.09 -14.01 -13.15
C ALA C 309 -15.61 -12.58 -13.03
N LEU C 310 -16.64 -12.36 -12.20
CA LEU C 310 -17.17 -11.01 -12.02
C LEU C 310 -16.14 -10.09 -11.39
N ALA C 311 -15.43 -10.58 -10.36
CA ALA C 311 -14.42 -9.75 -9.72
C ALA C 311 -13.28 -9.46 -10.68
N MET C 312 -12.88 -10.45 -11.47
CA MET C 312 -11.82 -10.23 -12.45
C MET C 312 -12.22 -9.15 -13.45
N GLU C 313 -13.47 -9.18 -13.91
CA GLU C 313 -13.95 -8.17 -14.85
C GLU C 313 -13.81 -6.76 -14.27
N VAL C 314 -14.13 -6.59 -12.98
CA VAL C 314 -13.95 -5.28 -12.36
C VAL C 314 -12.49 -4.84 -12.43
N PHE C 315 -11.56 -5.75 -12.15
CA PHE C 315 -10.14 -5.38 -12.25
C PHE C 315 -9.73 -5.11 -13.70
N LEU C 316 -10.23 -5.91 -14.64
CA LEU C 316 -9.83 -5.68 -16.04
C LEU C 316 -10.34 -4.35 -16.54
N GLU C 317 -11.56 -3.97 -16.16
CA GLU C 317 -12.09 -2.67 -16.58
C GLU C 317 -11.20 -1.54 -16.09
N ALA C 318 -10.83 -1.57 -14.80
CA ALA C 318 -9.99 -0.53 -14.23
C ALA C 318 -8.60 -0.55 -14.84
N ALA C 319 -8.04 -1.75 -15.04
CA ALA C 319 -6.71 -1.84 -15.64
C ALA C 319 -6.71 -1.40 -17.10
N ALA C 320 -7.79 -1.68 -17.84
CA ALA C 320 -7.85 -1.24 -19.22
C ALA C 320 -7.94 0.28 -19.32
N GLU C 321 -8.76 0.88 -18.45
CA GLU C 321 -8.89 2.34 -18.35
C GLU C 321 -7.53 3.01 -18.23
N ARG C 322 -6.63 2.41 -17.45
CA ARG C 322 -5.36 3.00 -17.08
C ARG C 322 -4.19 2.40 -17.85
N ASP C 323 -4.46 1.54 -18.84
CA ASP C 323 -3.42 0.92 -19.65
C ASP C 323 -2.38 0.19 -18.80
N LEU C 324 -2.85 -0.55 -17.81
CA LEU C 324 -1.96 -1.29 -16.92
C LEU C 324 -1.76 -2.71 -17.42
N GLY C 325 -0.73 -3.37 -16.89
CA GLY C 325 -0.41 -4.74 -17.24
C GLY C 325 0.57 -4.83 -18.38
N ILE C 326 0.94 -6.07 -18.71
CA ILE C 326 1.87 -6.33 -19.80
C ILE C 326 1.26 -7.34 -20.76
N ARG C 327 1.81 -7.39 -21.96
CA ARG C 327 1.45 -8.39 -22.95
C ARG C 327 2.61 -9.37 -23.08
N VAL C 328 2.30 -10.66 -22.94
CA VAL C 328 3.29 -11.72 -23.04
C VAL C 328 2.78 -12.75 -24.04
N GLY C 329 3.56 -13.02 -25.08
CA GLY C 329 3.20 -14.13 -25.94
C GLY C 329 3.58 -15.43 -25.27
N ILE C 330 2.62 -16.13 -24.67
CA ILE C 330 2.91 -17.39 -23.98
C ILE C 330 2.62 -18.58 -24.88
N GLU C 331 1.40 -18.64 -25.42
CA GLU C 331 1.05 -19.68 -26.37
C GLU C 331 1.86 -19.55 -27.65
N HIS C 332 2.23 -20.70 -28.20
CA HIS C 332 2.85 -20.80 -29.52
C HIS C 332 1.73 -20.83 -30.56
N HIS C 333 1.67 -19.79 -31.39
CA HIS C 333 0.73 -19.73 -32.52
C HIS C 333 1.58 -19.84 -33.78
N PRO C 334 1.85 -21.06 -34.28
CA PRO C 334 2.74 -21.19 -35.43
C PRO C 334 2.16 -20.52 -36.66
N GLY C 335 3.05 -19.97 -37.50
CA GLY C 335 2.59 -19.31 -38.70
C GLY C 335 1.77 -20.24 -39.58
N ASP C 336 2.03 -21.53 -39.49
CA ASP C 336 1.25 -22.58 -40.14
C ASP C 336 0.55 -23.34 -39.02
N ALA C 337 -0.77 -23.23 -38.95
CA ALA C 337 -1.50 -23.79 -37.81
C ALA C 337 -1.36 -25.31 -37.72
N LEU C 338 -0.95 -25.96 -38.80
CA LEU C 338 -0.79 -27.41 -38.81
C LEU C 338 0.65 -27.84 -38.61
N ASP C 339 1.53 -26.93 -38.20
CA ASP C 339 2.94 -27.26 -38.05
C ASP C 339 3.42 -26.84 -36.66
N PRO C 340 3.45 -27.77 -35.70
CA PRO C 340 3.89 -27.39 -34.35
C PRO C 340 5.32 -26.88 -34.30
N TYR C 341 6.13 -27.19 -35.31
CA TYR C 341 7.52 -26.74 -35.32
C TYR C 341 7.72 -25.40 -36.01
N ALA C 342 6.67 -24.79 -36.56
CA ALA C 342 6.80 -23.50 -37.24
C ALA C 342 6.89 -22.40 -36.18
N LEU C 343 8.08 -22.26 -35.60
CA LEU C 343 8.30 -21.44 -34.42
C LEU C 343 8.82 -20.05 -34.76
N GLN C 344 8.86 -19.21 -33.71
CA GLN C 344 9.55 -17.90 -33.54
C GLN C 344 8.52 -16.77 -33.38
N MET D 1 9.42 -14.48 -4.37
CA MET D 1 8.99 -15.50 -5.33
C MET D 1 8.28 -14.88 -6.53
N GLU D 2 8.71 -15.24 -7.73
CA GLU D 2 8.05 -14.83 -8.97
C GLU D 2 7.87 -16.03 -9.86
N THR D 3 6.86 -15.97 -10.73
CA THR D 3 6.59 -17.07 -11.64
C THR D 3 7.56 -17.01 -12.82
N TRP D 4 8.13 -18.14 -13.16
CA TRP D 4 9.03 -18.28 -14.31
C TRP D 4 8.17 -18.54 -15.55
N VAL D 5 8.14 -17.60 -16.47
CA VAL D 5 7.32 -17.70 -17.67
C VAL D 5 8.24 -17.94 -18.85
N LEU D 6 7.95 -18.98 -19.63
CA LEU D 6 8.67 -19.24 -20.88
C LEU D 6 7.84 -18.66 -22.01
N GLY D 7 8.41 -17.71 -22.75
CA GLY D 7 7.71 -17.16 -23.88
C GLY D 7 7.72 -18.09 -25.09
N ARG D 8 6.81 -17.83 -26.03
CA ARG D 8 6.85 -18.55 -27.31
C ARG D 8 8.23 -18.41 -27.94
N ARG D 9 8.87 -17.26 -27.77
CA ARG D 9 10.23 -17.11 -28.26
C ARG D 9 11.22 -17.97 -27.48
N ASP D 10 10.97 -18.16 -26.18
CA ASP D 10 11.87 -19.01 -25.39
C ASP D 10 11.73 -20.47 -25.78
N VAL D 11 10.50 -20.92 -26.02
CA VAL D 11 10.28 -22.28 -26.50
C VAL D 11 10.95 -22.47 -27.84
N ALA D 12 10.84 -21.47 -28.72
CA ALA D 12 11.50 -21.54 -30.02
C ALA D 12 13.02 -21.64 -29.86
N GLU D 13 13.58 -20.91 -28.90
CA GLU D 13 15.04 -20.93 -28.71
C GLU D 13 15.50 -22.27 -28.15
N VAL D 14 14.70 -22.90 -27.28
CA VAL D 14 15.02 -24.24 -26.82
C VAL D 14 15.13 -25.21 -27.99
N VAL D 15 14.16 -25.14 -28.91
CA VAL D 15 14.17 -26.04 -30.06
C VAL D 15 15.38 -25.76 -30.95
N ALA D 16 15.65 -24.49 -31.21
CA ALA D 16 16.79 -24.13 -32.05
C ALA D 16 18.11 -24.56 -31.41
N ALA D 17 18.25 -24.39 -30.09
CA ALA D 17 19.52 -24.71 -29.44
C ALA D 17 19.68 -26.21 -29.21
N VAL D 18 18.61 -26.91 -28.87
CA VAL D 18 18.75 -28.32 -28.53
C VAL D 18 18.69 -29.19 -29.79
N GLY D 19 17.92 -28.78 -30.79
CA GLY D 19 17.69 -29.59 -31.98
C GLY D 19 16.39 -30.38 -31.87
N ARG D 20 15.66 -30.49 -32.98
CA ARG D 20 14.37 -31.19 -32.94
C ARG D 20 14.54 -32.65 -32.55
N ASP D 21 15.49 -33.35 -33.18
CA ASP D 21 15.67 -34.77 -32.92
C ASP D 21 16.07 -35.02 -31.47
N GLU D 22 17.00 -34.23 -30.96
CA GLU D 22 17.49 -34.43 -29.59
C GLU D 22 16.38 -34.14 -28.58
N LEU D 23 15.61 -33.08 -28.80
CA LEU D 23 14.50 -32.77 -27.91
C LEU D 23 13.48 -33.91 -27.88
N MET D 24 13.08 -34.40 -29.05
CA MET D 24 12.14 -35.49 -29.10
C MET D 24 12.71 -36.75 -28.46
N ARG D 25 13.99 -37.03 -28.69
CA ARG D 25 14.62 -38.19 -28.03
C ARG D 25 14.61 -38.05 -26.51
N ARG D 26 14.88 -36.84 -26.00
CA ARG D 26 14.86 -36.64 -24.57
C ARG D 26 13.48 -36.93 -23.99
N ILE D 27 12.44 -36.51 -24.70
CA ILE D 27 11.08 -36.73 -24.20
C ILE D 27 10.70 -38.21 -24.31
N ILE D 28 11.08 -38.87 -25.41
CA ILE D 28 10.85 -40.31 -25.51
C ILE D 28 11.51 -41.03 -24.33
N ASP D 29 12.76 -40.67 -24.03
CA ASP D 29 13.48 -41.34 -22.95
C ASP D 29 12.84 -41.09 -21.59
N ARG D 30 12.47 -39.84 -21.30
CA ARG D 30 11.82 -39.54 -20.03
C ARG D 30 10.47 -40.23 -19.92
N LEU D 31 9.72 -40.26 -21.02
CA LEU D 31 8.41 -40.89 -20.97
C LEU D 31 8.53 -42.40 -20.75
N THR D 32 9.49 -43.03 -21.43
CA THR D 32 9.71 -44.47 -21.21
C THR D 32 10.02 -44.74 -19.74
N GLY D 33 10.89 -43.93 -19.14
CA GLY D 33 11.25 -44.13 -17.75
C GLY D 33 10.10 -43.89 -16.81
N GLY D 34 9.35 -42.81 -17.02
CA GLY D 34 8.21 -42.53 -16.16
C GLY D 34 7.13 -43.57 -16.29
N LEU D 35 6.85 -44.02 -17.51
CA LEU D 35 5.85 -45.06 -17.70
C LEU D 35 6.26 -46.35 -16.99
N ALA D 36 7.54 -46.71 -17.07
CA ALA D 36 8.01 -47.88 -16.33
C ALA D 36 7.81 -47.71 -14.84
N GLU D 37 8.06 -46.50 -14.33
CA GLU D 37 7.84 -46.24 -12.91
C GLU D 37 6.37 -46.45 -12.53
N ILE D 38 5.45 -46.02 -13.39
CA ILE D 38 4.03 -46.28 -13.13
C ILE D 38 3.77 -47.78 -13.16
N GLY D 39 4.34 -48.49 -14.13
CA GLY D 39 4.10 -49.92 -14.23
C GLY D 39 4.62 -50.70 -13.03
N ARG D 40 5.68 -50.20 -12.39
CA ARG D 40 6.21 -50.78 -11.17
C ARG D 40 5.50 -50.28 -9.92
N GLY D 41 4.50 -49.42 -10.04
CA GLY D 41 3.81 -48.91 -8.88
C GLY D 41 4.56 -47.86 -8.07
N GLU D 42 5.62 -47.28 -8.64
CA GLU D 42 6.35 -46.22 -7.95
C GLU D 42 5.72 -44.87 -8.17
N ARG D 43 4.99 -44.71 -9.28
CA ARG D 43 4.22 -43.52 -9.59
C ARG D 43 2.84 -43.97 -10.07
N HIS D 44 1.95 -43.01 -10.25
CA HIS D 44 0.56 -43.35 -10.53
C HIS D 44 0.04 -42.55 -11.70
N LEU D 45 -0.90 -43.15 -12.42
CA LEU D 45 -1.60 -42.43 -13.48
C LEU D 45 -2.27 -41.19 -12.92
N SER D 46 -2.32 -40.15 -13.74
CA SER D 46 -3.03 -38.93 -13.40
C SER D 46 -4.51 -39.21 -13.22
N PRO D 47 -5.23 -38.37 -12.49
CA PRO D 47 -6.68 -38.51 -12.41
C PRO D 47 -7.30 -38.30 -13.78
N LEU D 48 -8.53 -38.77 -13.95
CA LEU D 48 -9.26 -38.47 -15.18
C LEU D 48 -9.35 -36.95 -15.36
N ARG D 49 -9.13 -36.49 -16.58
CA ARG D 49 -9.28 -35.08 -16.85
C ARG D 49 -10.76 -34.70 -16.92
N GLY D 50 -11.02 -33.39 -16.98
CA GLY D 50 -12.37 -32.91 -17.15
C GLY D 50 -12.40 -31.77 -18.15
N GLY D 51 -13.60 -31.34 -18.52
CA GLY D 51 -13.64 -30.24 -19.47
C GLY D 51 -15.06 -29.77 -19.73
N LEU D 52 -15.15 -28.77 -20.60
CA LEU D 52 -16.38 -28.09 -20.96
C LEU D 52 -16.58 -28.20 -22.45
N GLU D 53 -17.63 -28.89 -22.87
CA GLU D 53 -17.95 -29.00 -24.29
C GLU D 53 -18.45 -27.66 -24.83
N ARG D 54 -18.08 -27.37 -26.08
CA ARG D 54 -18.54 -26.19 -26.79
C ARG D 54 -19.07 -26.63 -28.15
N SER D 55 -20.11 -25.98 -28.66
CA SER D 55 -20.77 -26.45 -29.88
C SER D 55 -20.45 -25.64 -31.14
N GLU D 56 -20.06 -24.36 -31.00
CA GLU D 56 -19.79 -23.48 -32.13
C GLU D 56 -18.31 -23.11 -32.17
N PRO D 57 -17.71 -22.96 -33.36
CA PRO D 57 -18.38 -23.07 -34.78
C PRO D 57 -18.60 -24.58 -35.12
N VAL D 58 -17.81 -25.46 -34.53
CA VAL D 58 -18.00 -26.92 -34.59
C VAL D 58 -17.74 -27.48 -33.20
N PRO D 59 -18.27 -28.67 -32.91
CA PRO D 59 -18.14 -29.19 -31.54
C PRO D 59 -16.69 -29.43 -31.14
N GLY D 60 -16.35 -28.96 -29.95
CA GLY D 60 -15.01 -29.13 -29.42
C GLY D 60 -15.08 -29.15 -27.92
N ILE D 61 -13.93 -29.05 -27.22
CA ILE D 61 -13.95 -29.17 -25.77
C ILE D 61 -12.73 -28.45 -25.24
N TRP D 62 -12.88 -27.83 -24.07
CA TRP D 62 -11.77 -27.19 -23.38
C TRP D 62 -11.56 -27.91 -22.06
N GLU D 63 -10.34 -28.37 -21.82
CA GLU D 63 -10.11 -29.35 -20.76
C GLU D 63 -9.05 -28.87 -19.79
N TRP D 64 -9.15 -29.36 -18.55
CA TRP D 64 -8.10 -29.20 -17.54
C TRP D 64 -7.52 -30.57 -17.24
N MET D 65 -6.20 -30.63 -17.12
CA MET D 65 -5.49 -31.90 -16.98
C MET D 65 -4.48 -31.77 -15.85
N PRO D 66 -4.87 -32.11 -14.63
CA PRO D 66 -3.96 -32.02 -13.48
C PRO D 66 -3.15 -33.30 -13.25
N HIS D 67 -1.94 -33.12 -12.74
CA HIS D 67 -1.14 -34.24 -12.26
C HIS D 67 -0.33 -33.78 -11.05
N ARG D 68 -0.33 -34.60 -10.01
CA ARG D 68 0.34 -34.24 -8.74
C ARG D 68 1.49 -35.20 -8.47
N GLU D 69 2.64 -34.64 -8.14
CA GLU D 69 3.75 -35.40 -7.58
C GLU D 69 3.86 -34.98 -6.12
N PRO D 70 3.33 -35.77 -5.18
CA PRO D 70 3.16 -35.30 -3.81
C PRO D 70 4.46 -34.84 -3.18
N GLY D 71 4.42 -33.67 -2.52
CA GLY D 71 5.59 -33.08 -1.93
C GLY D 71 6.46 -32.28 -2.88
N ASP D 72 6.25 -32.44 -4.19
CA ASP D 72 7.03 -31.72 -5.19
C ASP D 72 6.18 -30.64 -5.84
N HIS D 73 5.41 -31.01 -6.87
CA HIS D 73 4.66 -29.99 -7.59
C HIS D 73 3.40 -30.58 -8.20
N ILE D 74 2.51 -29.69 -8.58
CA ILE D 74 1.30 -30.02 -9.32
C ILE D 74 1.44 -29.42 -10.71
N THR D 75 1.16 -30.22 -11.73
CA THR D 75 1.14 -29.75 -13.11
C THR D 75 -0.31 -29.63 -13.55
N LEU D 76 -0.64 -28.54 -14.24
CA LEU D 76 -1.98 -28.40 -14.80
C LEU D 76 -1.84 -27.94 -16.25
N LYS D 77 -2.30 -28.75 -17.19
CA LYS D 77 -2.41 -28.29 -18.56
C LYS D 77 -3.86 -27.87 -18.81
N THR D 78 -4.03 -26.67 -19.36
CA THR D 78 -5.33 -26.20 -19.82
C THR D 78 -5.26 -26.17 -21.33
N VAL D 79 -6.16 -26.90 -21.99
CA VAL D 79 -5.97 -27.16 -23.41
C VAL D 79 -7.33 -27.21 -24.09
N GLY D 80 -7.45 -26.51 -25.21
CA GLY D 80 -8.65 -26.55 -26.03
C GLY D 80 -8.46 -27.46 -27.22
N TYR D 81 -9.55 -28.13 -27.59
CA TYR D 81 -9.69 -28.81 -28.88
C TYR D 81 -10.77 -28.05 -29.61
N SER D 82 -10.40 -27.32 -30.67
CA SER D 82 -11.32 -26.46 -31.39
C SER D 82 -11.01 -26.65 -32.87
N PRO D 83 -11.64 -27.66 -33.51
CA PRO D 83 -11.13 -28.14 -34.80
C PRO D 83 -11.40 -27.20 -35.98
N ALA D 84 -12.21 -26.16 -35.79
CA ALA D 84 -12.34 -25.12 -36.79
C ALA D 84 -11.26 -24.06 -36.70
N ASN D 85 -10.37 -24.13 -35.69
CA ASN D 85 -9.37 -23.07 -35.50
C ASN D 85 -8.50 -22.87 -36.73
N PRO D 86 -7.93 -23.91 -37.36
CA PRO D 86 -7.01 -23.65 -38.48
C PRO D 86 -7.66 -22.93 -39.64
N ALA D 87 -8.81 -23.40 -40.09
CA ALA D 87 -9.42 -22.84 -41.29
C ALA D 87 -10.09 -21.50 -41.00
N ARG D 88 -10.68 -21.33 -39.81
CA ARG D 88 -11.41 -20.10 -39.51
C ARG D 88 -10.51 -19.02 -38.93
N PHE D 89 -9.49 -19.37 -38.15
CA PHE D 89 -8.71 -18.38 -37.42
C PHE D 89 -7.21 -18.46 -37.64
N GLY D 90 -6.72 -19.45 -38.38
CA GLY D 90 -5.28 -19.63 -38.50
C GLY D 90 -4.60 -19.95 -37.19
N LEU D 91 -5.34 -20.55 -36.25
CA LEU D 91 -4.81 -21.01 -34.97
C LEU D 91 -4.80 -22.53 -34.93
N PRO D 92 -3.92 -23.14 -34.14
CA PRO D 92 -3.92 -24.59 -34.03
C PRO D 92 -5.20 -25.09 -33.38
N THR D 93 -5.65 -26.28 -33.81
CA THR D 93 -6.79 -26.93 -33.17
C THR D 93 -6.54 -27.14 -31.68
N ILE D 94 -5.37 -27.64 -31.33
CA ILE D 94 -4.97 -27.87 -29.95
C ILE D 94 -4.22 -26.63 -29.49
N LEU D 95 -4.77 -25.92 -28.51
CA LEU D 95 -4.21 -24.66 -28.07
C LEU D 95 -4.23 -24.69 -26.55
N GLY D 96 -3.06 -24.58 -25.92
CA GLY D 96 -3.07 -24.69 -24.47
C GLY D 96 -1.79 -24.18 -23.87
N THR D 97 -1.74 -24.27 -22.54
CA THR D 97 -0.63 -23.82 -21.72
C THR D 97 -0.45 -24.81 -20.58
N VAL D 98 0.77 -24.88 -20.05
CA VAL D 98 1.08 -25.80 -18.96
C VAL D 98 1.64 -25.01 -17.78
N ALA D 99 1.06 -25.20 -16.60
CA ALA D 99 1.46 -24.51 -15.39
C ALA D 99 1.98 -25.50 -14.36
N ARG D 100 2.92 -25.02 -13.54
CA ARG D 100 3.45 -25.80 -12.43
C ARG D 100 3.24 -25.03 -11.14
N TYR D 101 2.75 -25.73 -10.12
CA TYR D 101 2.46 -25.18 -8.79
C TYR D 101 3.26 -25.95 -7.74
N ASP D 102 3.81 -25.23 -6.77
CA ASP D 102 4.47 -25.88 -5.64
C ASP D 102 3.44 -26.67 -4.83
N ASP D 103 3.68 -27.97 -4.65
CA ASP D 103 2.71 -28.80 -3.94
C ASP D 103 2.60 -28.42 -2.48
N THR D 104 3.68 -27.93 -1.88
CA THR D 104 3.67 -27.59 -0.47
C THR D 104 2.86 -26.33 -0.19
N THR D 105 3.02 -25.29 -1.02
CA THR D 105 2.42 -23.98 -0.77
C THR D 105 1.29 -23.60 -1.71
N GLY D 106 1.17 -24.27 -2.86
CA GLY D 106 0.24 -23.85 -3.90
C GLY D 106 0.75 -22.76 -4.83
N ALA D 107 1.94 -22.19 -4.60
CA ALA D 107 2.43 -21.09 -5.41
C ALA D 107 2.65 -21.50 -6.86
N LEU D 108 2.22 -20.63 -7.78
CA LEU D 108 2.48 -20.83 -9.20
C LEU D 108 3.95 -20.53 -9.49
N THR D 109 4.71 -21.57 -9.83
CA THR D 109 6.15 -21.39 -10.01
C THR D 109 6.59 -21.28 -11.47
N ALA D 110 5.82 -21.83 -12.42
CA ALA D 110 6.26 -21.83 -13.82
C ALA D 110 5.06 -21.93 -14.75
N LEU D 111 5.18 -21.30 -15.93
CA LEU D 111 4.09 -21.30 -16.90
C LEU D 111 4.69 -21.27 -18.29
N MET D 112 4.21 -22.12 -19.20
CA MET D 112 4.76 -22.13 -20.55
C MET D 112 3.72 -22.57 -21.58
N ASP D 113 4.07 -22.37 -22.85
CA ASP D 113 3.27 -22.85 -23.96
C ASP D 113 2.96 -24.33 -23.85
N GLY D 114 1.75 -24.72 -24.26
CA GLY D 114 1.42 -26.14 -24.32
C GLY D 114 1.29 -26.72 -25.72
N VAL D 115 1.32 -25.86 -26.75
CA VAL D 115 1.11 -26.32 -28.14
C VAL D 115 2.24 -27.25 -28.57
N LEU D 116 3.47 -26.77 -28.56
CA LEU D 116 4.59 -27.61 -28.99
C LEU D 116 4.77 -28.78 -28.03
N LEU D 117 4.74 -28.53 -26.73
CA LEU D 117 4.90 -29.59 -25.74
C LEU D 117 3.91 -30.73 -25.96
N THR D 118 2.64 -30.39 -26.22
CA THR D 118 1.63 -31.43 -26.45
C THR D 118 1.98 -32.28 -27.66
N ALA D 119 2.31 -31.63 -28.77
CA ALA D 119 2.64 -32.38 -29.98
C ALA D 119 3.86 -33.27 -29.76
N LEU D 120 4.86 -32.77 -29.03
CA LEU D 120 6.08 -33.55 -28.77
C LEU D 120 5.78 -34.81 -27.94
N ARG D 121 5.04 -34.67 -26.82
CA ARG D 121 4.86 -35.85 -25.98
C ARG D 121 3.86 -36.82 -26.56
N THR D 122 2.98 -36.35 -27.46
CA THR D 122 2.04 -37.24 -28.11
C THR D 122 2.75 -38.09 -29.16
N GLY D 123 3.64 -37.47 -29.94
CA GLY D 123 4.50 -38.27 -30.81
C GLY D 123 5.36 -39.23 -30.01
N ALA D 124 5.91 -38.74 -28.89
CA ALA D 124 6.78 -39.57 -28.04
C ALA D 124 6.05 -40.80 -27.53
N ALA D 125 4.82 -40.63 -27.04
CA ALA D 125 4.08 -41.78 -26.53
C ALA D 125 3.85 -42.81 -27.62
N SER D 126 3.56 -42.37 -28.84
CA SER D 126 3.40 -43.31 -29.94
C SER D 126 4.70 -44.05 -30.22
N ALA D 127 5.84 -43.37 -30.07
CA ALA D 127 7.12 -44.02 -30.31
C ALA D 127 7.43 -45.06 -29.24
N VAL D 128 7.08 -44.75 -27.98
CA VAL D 128 7.24 -45.73 -26.90
C VAL D 128 6.43 -46.99 -27.20
N ALA D 129 5.14 -46.82 -27.53
CA ALA D 129 4.29 -47.98 -27.80
C ALA D 129 4.75 -48.73 -29.04
N SER D 130 5.17 -48.01 -30.08
CA SER D 130 5.53 -48.66 -31.34
C SER D 130 6.85 -49.40 -31.23
N ARG D 131 7.80 -48.87 -30.46
CA ARG D 131 9.02 -49.64 -30.20
C ARG D 131 8.69 -51.00 -29.59
N LEU D 132 7.65 -51.05 -28.74
CA LEU D 132 7.23 -52.31 -28.14
C LEU D 132 6.43 -53.19 -29.09
N LEU D 133 5.57 -52.59 -29.93
CA LEU D 133 4.53 -53.37 -30.61
C LEU D 133 4.64 -53.39 -32.12
N ALA D 134 5.46 -52.55 -32.75
CA ALA D 134 5.64 -52.60 -34.19
C ALA D 134 6.86 -53.45 -34.52
N ARG D 135 6.86 -54.02 -35.72
CA ARG D 135 8.03 -54.77 -36.17
C ARG D 135 9.24 -53.83 -36.20
N PRO D 136 10.39 -54.25 -35.66
CA PRO D 136 11.56 -53.37 -35.65
C PRO D 136 12.06 -52.98 -37.04
N ASP D 137 11.70 -53.75 -38.08
CA ASP D 137 12.07 -53.41 -39.44
C ASP D 137 10.95 -52.73 -40.21
N SER D 138 9.96 -52.18 -39.50
CA SER D 138 8.88 -51.44 -40.15
C SER D 138 9.43 -50.33 -41.03
N HIS D 139 8.99 -50.31 -42.30
CA HIS D 139 9.48 -49.33 -43.25
C HIS D 139 8.41 -48.39 -43.77
N THR D 140 7.13 -48.74 -43.69
CA THR D 140 6.05 -47.90 -44.20
C THR D 140 5.15 -47.49 -43.04
N LEU D 141 5.07 -46.18 -42.80
CA LEU D 141 4.13 -45.61 -41.86
C LEU D 141 2.91 -45.08 -42.61
N GLY D 142 1.71 -45.37 -42.09
CA GLY D 142 0.49 -44.77 -42.59
C GLY D 142 0.01 -43.70 -41.62
N LEU D 143 -0.52 -42.62 -42.16
CA LEU D 143 -1.06 -41.52 -41.35
C LEU D 143 -2.44 -41.17 -41.88
N ILE D 144 -3.46 -41.26 -41.01
CA ILE D 144 -4.80 -40.78 -41.33
C ILE D 144 -5.02 -39.52 -40.49
N GLY D 145 -5.25 -38.40 -41.15
CA GLY D 145 -5.19 -37.09 -40.53
C GLY D 145 -3.78 -36.57 -40.71
N THR D 146 -3.62 -35.47 -41.43
CA THR D 146 -2.30 -34.90 -41.64
C THR D 146 -2.27 -33.46 -41.15
N GLY D 147 -2.80 -33.24 -39.94
CA GLY D 147 -2.72 -31.94 -39.32
C GLY D 147 -1.52 -31.83 -38.40
N ALA D 148 -1.71 -31.22 -37.24
CA ALA D 148 -0.57 -30.92 -36.37
C ALA D 148 0.02 -32.18 -35.75
N GLN D 149 -0.81 -33.05 -35.15
CA GLN D 149 -0.25 -34.24 -34.50
C GLN D 149 0.50 -35.12 -35.50
N ALA D 150 0.03 -35.18 -36.75
CA ALA D 150 0.69 -36.05 -37.72
C ALA D 150 2.16 -35.69 -37.87
N VAL D 151 2.50 -34.40 -37.73
CA VAL D 151 3.89 -33.98 -37.91
C VAL D 151 4.78 -34.66 -36.87
N THR D 152 4.36 -34.66 -35.60
CA THR D 152 5.20 -35.27 -34.58
C THR D 152 5.01 -36.79 -34.50
N GLN D 153 3.89 -37.32 -34.99
CA GLN D 153 3.79 -38.76 -35.14
C GLN D 153 4.89 -39.27 -36.06
N LEU D 154 4.99 -38.66 -37.24
CA LEU D 154 6.02 -39.04 -38.19
C LEU D 154 7.41 -38.84 -37.60
N HIS D 155 7.64 -37.67 -36.98
CA HIS D 155 8.97 -37.37 -36.46
C HIS D 155 9.39 -38.40 -35.41
N ALA D 156 8.57 -38.60 -34.37
CA ALA D 156 8.96 -39.51 -33.31
C ALA D 156 9.11 -40.93 -33.83
N LEU D 157 8.22 -41.35 -34.73
CA LEU D 157 8.29 -42.73 -35.20
C LEU D 157 9.50 -42.94 -36.11
N SER D 158 9.91 -41.91 -36.83
CA SER D 158 11.13 -42.02 -37.64
C SER D 158 12.38 -42.13 -36.79
N LEU D 159 12.33 -41.71 -35.53
CA LEU D 159 13.49 -41.85 -34.66
C LEU D 159 13.61 -43.26 -34.06
N VAL D 160 12.54 -44.04 -34.03
CA VAL D 160 12.61 -45.37 -33.43
C VAL D 160 12.41 -46.50 -34.43
N LEU D 161 11.99 -46.19 -35.65
CA LEU D 161 11.79 -47.19 -36.70
C LEU D 161 12.49 -46.74 -37.97
N PRO D 162 13.03 -47.68 -38.73
CA PRO D 162 13.74 -47.33 -39.98
C PRO D 162 12.77 -47.03 -41.12
N LEU D 163 11.97 -45.97 -40.94
CA LEU D 163 10.92 -45.64 -41.89
C LEU D 163 11.51 -45.13 -43.20
N GLN D 164 10.99 -45.64 -44.31
CA GLN D 164 11.39 -45.17 -45.63
C GLN D 164 10.28 -44.44 -46.35
N ARG D 165 9.04 -44.60 -45.92
CA ARG D 165 7.89 -44.15 -46.68
C ARG D 165 6.75 -43.87 -45.70
N ALA D 166 6.02 -42.78 -45.95
CA ALA D 166 4.81 -42.45 -45.21
C ALA D 166 3.66 -42.28 -46.21
N LEU D 167 2.64 -43.12 -46.08
CA LEU D 167 1.43 -43.04 -46.91
C LEU D 167 0.39 -42.28 -46.10
N VAL D 168 -0.13 -41.17 -46.64
CA VAL D 168 -0.89 -40.24 -45.81
C VAL D 168 -2.22 -39.86 -46.46
N TRP D 169 -3.23 -39.65 -45.62
CA TRP D 169 -4.54 -39.23 -46.08
C TRP D 169 -5.13 -38.22 -45.13
N ASP D 170 -5.87 -37.26 -45.69
CA ASP D 170 -6.64 -36.26 -44.96
C ASP D 170 -7.86 -35.96 -45.81
N THR D 171 -9.00 -35.71 -45.16
CA THR D 171 -10.21 -35.37 -45.90
C THR D 171 -10.14 -33.97 -46.49
N ASP D 172 -9.25 -33.10 -45.98
CA ASP D 172 -9.10 -31.76 -46.53
C ASP D 172 -7.95 -31.80 -47.54
N PRO D 173 -8.21 -31.57 -48.83
CA PRO D 173 -7.12 -31.63 -49.83
C PRO D 173 -5.95 -30.71 -49.53
N ALA D 174 -6.23 -29.47 -49.09
CA ALA D 174 -5.14 -28.56 -48.77
C ALA D 174 -4.23 -29.14 -47.69
N HIS D 175 -4.82 -29.83 -46.70
CA HIS D 175 -4.04 -30.32 -45.58
C HIS D 175 -3.20 -31.53 -45.95
N ARG D 176 -3.70 -32.40 -46.82
CA ARG D 176 -2.83 -33.50 -47.23
C ARG D 176 -1.77 -33.03 -48.23
N GLU D 177 -2.06 -32.00 -49.03
CA GLU D 177 -1.06 -31.50 -49.98
C GLU D 177 0.11 -30.85 -49.27
N SER D 178 -0.14 -30.17 -48.14
CA SER D 178 0.92 -29.45 -47.44
C SER D 178 1.74 -30.34 -46.50
N PHE D 179 1.32 -31.58 -46.24
CA PHE D 179 2.02 -32.36 -45.24
C PHE D 179 3.47 -32.62 -45.62
N ALA D 180 3.73 -32.93 -46.89
CA ALA D 180 5.11 -33.22 -47.30
C ALA D 180 6.05 -32.08 -46.93
N ARG D 181 5.60 -30.84 -47.09
CA ARG D 181 6.43 -29.70 -46.74
C ARG D 181 6.69 -29.66 -45.24
N ARG D 182 5.65 -29.87 -44.43
CA ARG D 182 5.83 -29.90 -42.98
C ARG D 182 6.63 -31.11 -42.52
N ALA D 183 6.72 -32.18 -43.33
CA ALA D 183 7.44 -33.39 -42.97
C ALA D 183 8.87 -33.44 -43.50
N ALA D 184 9.27 -32.45 -44.31
CA ALA D 184 10.53 -32.53 -45.05
C ALA D 184 11.72 -32.76 -44.13
N PHE D 185 11.74 -32.13 -42.96
CA PHE D 185 12.89 -32.23 -42.07
C PHE D 185 13.17 -33.66 -41.61
N THR D 186 12.19 -34.56 -41.68
CA THR D 186 12.41 -35.93 -41.24
C THR D 186 13.11 -36.78 -42.30
N GLY D 187 13.11 -36.35 -43.56
CA GLY D 187 13.69 -37.15 -44.63
C GLY D 187 12.84 -38.29 -45.13
N VAL D 188 11.69 -38.56 -44.51
CA VAL D 188 10.86 -39.69 -44.91
C VAL D 188 10.01 -39.27 -46.11
N SER D 189 10.09 -40.04 -47.20
CA SER D 189 9.28 -39.74 -48.38
C SER D 189 7.80 -39.86 -48.05
N VAL D 190 7.03 -38.85 -48.41
CA VAL D 190 5.59 -38.80 -48.17
C VAL D 190 4.87 -39.04 -49.49
N GLU D 191 3.87 -39.94 -49.48
CA GLU D 191 2.94 -40.11 -50.60
C GLU D 191 1.52 -40.04 -50.10
N ILE D 192 0.68 -39.31 -50.84
CA ILE D 192 -0.75 -39.32 -50.56
C ILE D 192 -1.34 -40.64 -51.01
N ALA D 193 -2.16 -41.24 -50.16
CA ALA D 193 -2.74 -42.54 -50.43
C ALA D 193 -4.09 -42.61 -49.74
N GLU D 194 -5.07 -43.21 -50.39
CA GLU D 194 -6.39 -43.33 -49.78
C GLU D 194 -6.35 -44.35 -48.66
N PRO D 195 -7.30 -44.25 -47.71
CA PRO D 195 -7.22 -45.10 -46.50
C PRO D 195 -7.15 -46.59 -46.77
N ALA D 196 -7.84 -47.08 -47.81
CA ALA D 196 -7.77 -48.52 -48.10
C ALA D 196 -6.35 -48.92 -48.49
N ARG D 197 -5.65 -48.08 -49.26
CA ARG D 197 -4.26 -48.39 -49.60
C ARG D 197 -3.36 -48.33 -48.37
N ILE D 198 -3.58 -47.34 -47.50
CA ILE D 198 -2.82 -47.27 -46.25
C ILE D 198 -3.03 -48.53 -45.41
N ALA D 199 -4.29 -48.96 -45.27
CA ALA D 199 -4.56 -50.15 -44.48
C ALA D 199 -3.83 -51.36 -45.03
N ALA D 200 -3.78 -51.48 -46.36
CA ALA D 200 -3.19 -52.65 -46.99
C ALA D 200 -1.66 -52.66 -46.96
N GLU D 201 -1.00 -51.49 -46.98
CA GLU D 201 0.44 -51.45 -47.20
C GLU D 201 1.26 -51.07 -45.97
N ALA D 202 0.65 -50.49 -44.94
CA ALA D 202 1.45 -49.94 -43.85
C ALA D 202 1.91 -51.02 -42.88
N ASP D 203 3.12 -50.84 -42.33
CA ASP D 203 3.60 -51.63 -41.21
C ASP D 203 3.15 -51.06 -39.87
N VAL D 204 3.00 -49.74 -39.82
CA VAL D 204 2.54 -49.03 -38.62
C VAL D 204 1.67 -47.87 -39.10
N ILE D 205 0.63 -47.56 -38.34
CA ILE D 205 -0.29 -46.48 -38.69
C ILE D 205 -0.53 -45.63 -37.45
N SER D 206 -0.59 -44.31 -37.62
CA SER D 206 -1.17 -43.43 -36.62
C SER D 206 -2.40 -42.76 -37.20
N THR D 207 -3.53 -42.86 -36.49
CA THR D 207 -4.72 -42.07 -36.81
C THR D 207 -4.75 -40.88 -35.86
N ALA D 208 -4.90 -39.68 -36.42
CA ALA D 208 -4.92 -38.47 -35.60
C ALA D 208 -5.75 -37.42 -36.35
N THR D 209 -7.07 -37.60 -36.30
CA THR D 209 -7.99 -36.78 -37.07
C THR D 209 -8.88 -35.94 -36.15
N SER D 210 -9.46 -34.90 -36.73
CA SER D 210 -10.54 -34.18 -36.07
C SER D 210 -11.92 -34.70 -36.48
N VAL D 211 -12.04 -36.01 -36.74
CA VAL D 211 -13.32 -36.57 -37.16
C VAL D 211 -14.36 -36.29 -36.09
N ALA D 212 -15.60 -36.01 -36.53
CA ALA D 212 -16.68 -35.72 -35.60
C ALA D 212 -17.16 -36.97 -34.88
N VAL D 213 -17.88 -36.74 -33.78
CA VAL D 213 -18.55 -37.82 -33.05
C VAL D 213 -19.42 -38.62 -34.02
N GLY D 214 -19.29 -39.95 -33.96
CA GLY D 214 -20.14 -40.86 -34.71
C GLY D 214 -19.80 -41.02 -36.17
N GLN D 215 -18.77 -40.36 -36.67
CA GLN D 215 -18.49 -40.33 -38.10
C GLN D 215 -17.27 -41.16 -38.48
N GLY D 216 -16.73 -41.95 -37.54
CA GLY D 216 -15.74 -42.94 -37.87
C GLY D 216 -16.38 -44.15 -38.52
N PRO D 217 -15.55 -45.13 -38.89
CA PRO D 217 -14.01 -45.20 -38.73
C PRO D 217 -13.38 -44.30 -39.84
N VAL D 218 -12.13 -43.91 -39.59
CA VAL D 218 -11.34 -43.17 -40.58
C VAL D 218 -10.41 -44.08 -41.36
N LEU D 219 -10.30 -45.35 -40.95
CA LEU D 219 -9.53 -46.39 -41.59
C LEU D 219 -10.49 -47.56 -41.81
N PRO D 220 -10.58 -48.11 -43.02
CA PRO D 220 -11.56 -49.15 -43.27
C PRO D 220 -11.10 -50.51 -42.78
N ASP D 221 -12.08 -51.33 -42.35
CA ASP D 221 -11.83 -52.70 -41.91
C ASP D 221 -11.71 -53.56 -43.16
N THR D 222 -10.51 -53.61 -43.72
CA THR D 222 -10.26 -54.43 -44.89
C THR D 222 -8.96 -55.17 -44.63
N GLY D 223 -8.27 -55.55 -45.71
CA GLY D 223 -7.07 -56.35 -45.59
C GLY D 223 -5.95 -55.53 -45.00
N VAL D 224 -5.42 -55.94 -43.85
CA VAL D 224 -4.25 -55.32 -43.25
C VAL D 224 -3.15 -56.35 -43.17
N ARG D 225 -1.92 -55.87 -43.08
CA ARG D 225 -0.79 -56.77 -42.84
C ARG D 225 -0.91 -57.41 -41.46
N GLU D 226 -0.39 -58.64 -41.34
CA GLU D 226 -0.62 -59.38 -40.11
C GLU D 226 0.06 -58.74 -38.90
N HIS D 227 1.19 -58.07 -39.12
CA HIS D 227 1.97 -57.49 -38.03
C HIS D 227 1.60 -56.03 -37.74
N LEU D 228 0.61 -55.48 -38.42
CA LEU D 228 0.28 -54.05 -38.29
C LEU D 228 0.15 -53.64 -36.84
N HIS D 229 0.77 -52.50 -36.51
CA HIS D 229 0.53 -51.80 -35.26
C HIS D 229 -0.10 -50.45 -35.57
N ILE D 230 -1.16 -50.10 -34.82
CA ILE D 230 -1.87 -48.83 -34.99
C ILE D 230 -1.72 -48.01 -33.70
N ASN D 231 -1.27 -46.76 -33.83
CA ASN D 231 -1.43 -45.78 -32.76
C ASN D 231 -2.71 -44.99 -33.04
N ALA D 232 -3.73 -45.20 -32.20
CA ALA D 232 -4.99 -44.48 -32.34
C ALA D 232 -4.90 -43.25 -31.45
N VAL D 233 -4.67 -42.09 -32.06
CA VAL D 233 -4.26 -40.89 -31.33
C VAL D 233 -5.42 -39.91 -31.19
N GLY D 234 -6.31 -39.89 -32.17
CA GLY D 234 -7.43 -38.96 -32.10
C GLY D 234 -8.24 -39.22 -30.83
N ALA D 235 -8.67 -38.13 -30.19
CA ALA D 235 -9.39 -38.23 -28.92
C ALA D 235 -9.85 -36.84 -28.54
N ASP D 236 -11.15 -36.69 -28.28
CA ASP D 236 -11.64 -35.41 -27.81
C ASP D 236 -12.98 -35.57 -27.12
N LEU D 237 -14.05 -35.76 -27.89
CA LEU D 237 -15.40 -35.83 -27.36
C LEU D 237 -15.83 -37.27 -27.13
N VAL D 238 -16.73 -37.44 -26.16
CA VAL D 238 -17.35 -38.74 -25.97
C VAL D 238 -18.09 -39.13 -27.23
N GLY D 239 -17.85 -40.35 -27.69
CA GLY D 239 -18.46 -40.87 -28.90
C GLY D 239 -17.61 -40.70 -30.15
N LYS D 240 -16.46 -40.03 -30.05
CA LYS D 240 -15.52 -39.92 -31.16
C LYS D 240 -14.60 -41.12 -31.16
N THR D 241 -14.57 -41.85 -32.27
CA THR D 241 -13.64 -42.96 -32.45
C THR D 241 -13.13 -42.95 -33.88
N GLU D 242 -12.04 -43.68 -34.12
CA GLU D 242 -11.37 -43.67 -35.41
C GLU D 242 -11.20 -45.03 -36.06
N LEU D 243 -11.24 -46.13 -35.30
CA LEU D 243 -10.96 -47.42 -35.89
C LEU D 243 -12.25 -48.25 -36.02
N PRO D 244 -12.28 -49.18 -36.97
CA PRO D 244 -13.45 -50.07 -37.07
C PRO D 244 -13.49 -51.08 -35.94
N LEU D 245 -14.70 -51.36 -35.47
CA LEU D 245 -14.88 -52.30 -34.37
C LEU D 245 -14.29 -53.67 -34.68
N GLY D 246 -14.49 -54.15 -35.91
CA GLY D 246 -14.02 -55.48 -36.27
C GLY D 246 -12.52 -55.63 -36.14
N LEU D 247 -11.78 -54.59 -36.56
CA LEU D 247 -10.34 -54.59 -36.36
C LEU D 247 -9.99 -54.58 -34.88
N LEU D 248 -10.61 -53.68 -34.12
CA LEU D 248 -10.33 -53.55 -32.70
C LEU D 248 -10.55 -54.86 -31.96
N GLU D 249 -11.63 -55.57 -32.29
CA GLU D 249 -12.00 -56.78 -31.57
C GLU D 249 -11.02 -57.93 -31.79
N ARG D 250 -10.23 -57.90 -32.86
CA ARG D 250 -9.24 -58.95 -33.07
C ARG D 250 -7.81 -58.44 -32.86
N ALA D 251 -7.65 -57.30 -32.20
CA ALA D 251 -6.33 -56.74 -31.95
C ALA D 251 -5.93 -56.95 -30.50
N PHE D 252 -4.62 -56.96 -30.28
CA PHE D 252 -4.07 -56.74 -28.95
C PHE D 252 -4.09 -55.24 -28.66
N VAL D 253 -4.86 -54.82 -27.66
CA VAL D 253 -5.10 -53.40 -27.40
C VAL D 253 -4.46 -53.01 -26.07
N THR D 254 -3.63 -51.96 -26.11
CA THR D 254 -3.05 -51.40 -24.90
C THR D 254 -3.39 -49.91 -24.83
N ALA D 255 -3.93 -49.47 -23.70
CA ALA D 255 -4.31 -48.08 -23.50
C ALA D 255 -3.23 -47.36 -22.69
N ASP D 256 -3.07 -46.05 -22.93
CA ASP D 256 -2.18 -45.28 -22.06
C ASP D 256 -2.77 -45.11 -20.67
N HIS D 257 -4.09 -45.03 -20.57
CA HIS D 257 -4.78 -44.70 -19.33
C HIS D 257 -6.12 -45.38 -19.43
N PRO D 258 -6.24 -46.61 -18.91
CA PRO D 258 -7.41 -47.43 -19.26
C PRO D 258 -8.74 -46.78 -18.93
N GLU D 259 -8.88 -46.21 -17.73
CA GLU D 259 -10.15 -45.58 -17.39
C GLU D 259 -10.48 -44.46 -18.35
N GLN D 260 -9.48 -43.64 -18.68
CA GLN D 260 -9.71 -42.53 -19.60
C GLN D 260 -9.98 -43.04 -21.01
N ALA D 261 -9.25 -44.08 -21.44
CA ALA D 261 -9.48 -44.64 -22.76
C ALA D 261 -10.87 -45.28 -22.88
N LEU D 262 -11.36 -45.89 -21.79
CA LEU D 262 -12.70 -46.47 -21.86
C LEU D 262 -13.77 -45.40 -22.05
N ARG D 263 -13.49 -44.16 -21.65
CA ARG D 263 -14.45 -43.07 -21.79
C ARG D 263 -14.26 -42.26 -23.07
N GLU D 264 -13.00 -42.06 -23.51
CA GLU D 264 -12.71 -41.13 -24.58
C GLU D 264 -11.82 -41.69 -25.69
N GLY D 265 -11.35 -42.93 -25.59
CA GLY D 265 -10.49 -43.53 -26.59
C GLY D 265 -11.21 -44.56 -27.44
N GLU D 266 -10.41 -45.32 -28.21
CA GLU D 266 -11.01 -46.42 -28.96
C GLU D 266 -11.65 -47.45 -28.03
N CYS D 267 -11.14 -47.55 -26.80
CA CYS D 267 -11.70 -48.50 -25.85
C CYS D 267 -13.13 -48.17 -25.45
N GLN D 268 -13.65 -47.02 -25.88
CA GLN D 268 -15.09 -46.81 -25.84
C GLN D 268 -15.84 -47.97 -26.48
N GLN D 269 -15.27 -48.57 -27.52
CA GLN D 269 -15.93 -49.65 -28.26
C GLN D 269 -15.74 -51.02 -27.62
N LEU D 270 -14.98 -51.14 -26.54
CA LEU D 270 -14.60 -52.43 -25.96
C LEU D 270 -15.03 -52.51 -24.50
N SER D 271 -14.85 -53.69 -23.92
CA SER D 271 -15.02 -53.93 -22.49
C SER D 271 -13.66 -53.87 -21.80
N ALA D 272 -13.67 -53.45 -20.54
CA ALA D 272 -12.42 -53.37 -19.78
C ALA D 272 -11.69 -54.71 -19.75
N ASP D 273 -12.43 -55.82 -19.82
CA ASP D 273 -11.83 -57.14 -19.75
C ASP D 273 -11.17 -57.57 -21.06
N ARG D 274 -11.45 -56.88 -22.17
CA ARG D 274 -10.86 -57.23 -23.45
C ARG D 274 -9.48 -56.62 -23.65
N LEU D 275 -9.09 -55.64 -22.84
CA LEU D 275 -7.84 -54.94 -23.06
C LEU D 275 -6.64 -55.76 -22.61
N GLY D 276 -5.53 -55.58 -23.31
CA GLY D 276 -4.27 -56.07 -22.83
C GLY D 276 -3.76 -55.21 -21.69
N PRO D 277 -2.56 -55.53 -21.20
CA PRO D 277 -1.96 -54.69 -20.15
C PRO D 277 -1.76 -53.27 -20.66
N GLN D 278 -1.93 -52.31 -19.75
CA GLN D 278 -1.79 -50.91 -20.13
C GLN D 278 -0.33 -50.62 -20.51
N LEU D 279 -0.14 -49.48 -21.18
CA LEU D 279 1.19 -49.14 -21.69
C LEU D 279 2.24 -49.16 -20.59
N ALA D 280 1.91 -48.65 -19.40
CA ALA D 280 2.88 -48.62 -18.31
C ALA D 280 3.35 -50.02 -17.93
N HIS D 281 2.43 -50.99 -17.93
CA HIS D 281 2.82 -52.36 -17.58
C HIS D 281 3.76 -52.92 -18.62
N LEU D 282 3.52 -52.63 -19.90
CA LEU D 282 4.42 -53.07 -20.95
C LEU D 282 5.79 -52.42 -20.83
N CYS D 283 5.84 -51.17 -20.38
CA CYS D 283 7.14 -50.50 -20.23
C CYS D 283 7.93 -51.09 -19.07
N ALA D 284 7.25 -51.48 -17.99
CA ALA D 284 7.94 -52.06 -16.86
C ALA D 284 8.35 -53.51 -17.13
N ASP D 285 7.60 -54.20 -17.99
CA ASP D 285 7.85 -55.61 -18.28
C ASP D 285 7.62 -55.83 -19.77
N PRO D 286 8.56 -55.40 -20.61
CA PRO D 286 8.39 -55.57 -22.07
C PRO D 286 8.21 -57.01 -22.49
N ALA D 287 8.53 -57.98 -21.62
CA ALA D 287 8.25 -59.38 -21.91
C ALA D 287 6.76 -59.62 -22.08
N ALA D 288 5.92 -58.83 -21.41
CA ALA D 288 4.47 -58.96 -21.55
C ALA D 288 3.99 -58.66 -22.96
N ALA D 289 4.83 -58.06 -23.80
CA ALA D 289 4.50 -57.77 -25.18
C ALA D 289 5.09 -58.80 -26.14
N ALA D 290 5.64 -59.89 -25.63
CA ALA D 290 6.33 -60.87 -26.47
C ALA D 290 5.38 -61.47 -27.49
N GLY D 291 5.80 -61.48 -28.75
CA GLY D 291 5.01 -62.02 -29.83
C GLY D 291 4.00 -61.06 -30.42
N ARG D 292 3.75 -59.93 -29.77
CA ARG D 292 2.73 -59.00 -30.25
C ARG D 292 3.21 -58.16 -31.43
N GLN D 293 4.52 -58.08 -31.68
CA GLN D 293 4.98 -57.34 -32.84
C GLN D 293 4.50 -57.97 -34.14
N ASP D 294 4.39 -59.29 -34.18
CA ASP D 294 4.07 -60.00 -35.42
C ASP D 294 2.58 -60.21 -35.65
N THR D 295 1.73 -59.74 -34.75
CA THR D 295 0.29 -59.80 -34.91
C THR D 295 -0.29 -58.40 -34.76
N LEU D 296 -1.61 -58.30 -34.94
CA LEU D 296 -2.27 -57.00 -34.92
C LEU D 296 -2.28 -56.41 -33.53
N SER D 297 -1.86 -55.14 -33.42
CA SER D 297 -1.82 -54.45 -32.14
C SER D 297 -2.34 -53.03 -32.30
N VAL D 298 -2.93 -52.50 -31.23
CA VAL D 298 -3.43 -51.13 -31.18
C VAL D 298 -2.98 -50.49 -29.88
N PHE D 299 -2.35 -49.32 -29.98
CA PHE D 299 -2.11 -48.44 -28.84
C PHE D 299 -3.23 -47.40 -28.83
N ASP D 300 -4.06 -47.42 -27.79
CA ASP D 300 -5.13 -46.45 -27.63
C ASP D 300 -4.59 -45.27 -26.83
N SER D 301 -4.32 -44.17 -27.50
CA SER D 301 -3.72 -42.98 -26.89
C SER D 301 -4.80 -41.94 -26.64
N THR D 302 -4.87 -41.44 -25.40
CA THR D 302 -5.74 -40.32 -25.06
C THR D 302 -5.01 -39.12 -24.49
N GLY D 303 -3.77 -39.29 -24.02
CA GLY D 303 -3.03 -38.21 -23.41
C GLY D 303 -3.37 -38.05 -21.94
N PHE D 304 -2.35 -37.96 -21.09
CA PHE D 304 -2.65 -37.68 -19.69
C PHE D 304 -1.53 -36.82 -19.11
N ALA D 305 -1.87 -36.09 -18.05
CA ALA D 305 -1.07 -34.94 -17.65
C ALA D 305 0.31 -35.30 -17.15
N PHE D 306 0.52 -36.53 -16.68
CA PHE D 306 1.87 -36.99 -16.36
C PHE D 306 2.80 -36.79 -17.55
N GLU D 307 2.31 -37.09 -18.76
CA GLU D 307 3.12 -36.90 -19.96
C GLU D 307 3.50 -35.43 -20.13
N ASP D 308 2.57 -34.52 -19.85
CA ASP D 308 2.86 -33.10 -19.96
C ASP D 308 3.85 -32.65 -18.89
N ALA D 309 3.74 -33.22 -17.70
CA ALA D 309 4.68 -32.87 -16.62
C ALA D 309 6.10 -33.29 -17.00
N LEU D 310 6.26 -34.51 -17.52
CA LEU D 310 7.59 -34.97 -17.92
C LEU D 310 8.16 -34.12 -19.04
N ALA D 311 7.33 -33.80 -20.04
CA ALA D 311 7.80 -32.98 -21.16
C ALA D 311 8.13 -31.56 -20.70
N MET D 312 7.36 -31.04 -19.74
CA MET D 312 7.66 -29.70 -19.21
C MET D 312 9.02 -29.70 -18.51
N GLU D 313 9.33 -30.78 -17.81
CA GLU D 313 10.61 -30.87 -17.12
C GLU D 313 11.77 -30.79 -18.10
N VAL D 314 11.64 -31.45 -19.26
CA VAL D 314 12.68 -31.39 -20.28
C VAL D 314 12.90 -29.96 -20.75
N PHE D 315 11.80 -29.23 -21.01
CA PHE D 315 11.91 -27.84 -21.43
C PHE D 315 12.51 -26.97 -20.34
N LEU D 316 12.08 -27.17 -19.10
CA LEU D 316 12.59 -26.33 -18.02
C LEU D 316 14.09 -26.55 -17.80
N GLU D 317 14.55 -27.80 -17.90
CA GLU D 317 15.99 -28.05 -17.78
C GLU D 317 16.76 -27.33 -18.86
N ALA D 318 16.28 -27.40 -20.12
CA ALA D 318 17.01 -26.77 -21.22
C ALA D 318 16.96 -25.26 -21.13
N ALA D 319 15.82 -24.70 -20.72
CA ALA D 319 15.71 -23.24 -20.58
C ALA D 319 16.58 -22.72 -19.43
N ALA D 320 16.68 -23.50 -18.34
CA ALA D 320 17.49 -23.08 -17.21
C ALA D 320 18.95 -23.01 -17.57
N GLU D 321 19.44 -24.04 -18.27
CA GLU D 321 20.83 -24.05 -18.73
C GLU D 321 21.16 -22.82 -19.57
N ARG D 322 20.20 -22.29 -20.31
CA ARG D 322 20.42 -21.18 -21.22
C ARG D 322 19.86 -19.85 -20.69
N ASP D 323 19.44 -19.81 -19.43
CA ASP D 323 18.94 -18.58 -18.79
C ASP D 323 17.80 -17.96 -19.60
N LEU D 324 16.90 -18.81 -20.10
CA LEU D 324 15.77 -18.36 -20.90
C LEU D 324 14.54 -18.10 -20.02
N GLY D 325 13.62 -17.30 -20.55
CA GLY D 325 12.37 -16.99 -19.90
C GLY D 325 12.45 -15.69 -19.12
N ILE D 326 11.30 -15.30 -18.56
CA ILE D 326 11.20 -14.09 -17.75
C ILE D 326 10.58 -14.46 -16.41
N ARG D 327 10.71 -13.56 -15.46
CA ARG D 327 10.12 -13.71 -14.13
C ARG D 327 9.06 -12.63 -13.96
N VAL D 328 7.85 -13.05 -13.58
CA VAL D 328 6.74 -12.13 -13.44
C VAL D 328 6.10 -12.38 -12.08
N GLY D 329 6.00 -11.33 -11.28
CA GLY D 329 5.27 -11.44 -10.02
C GLY D 329 3.79 -11.32 -10.29
N ILE D 330 3.09 -12.47 -10.32
CA ILE D 330 1.67 -12.50 -10.64
C ILE D 330 0.87 -12.59 -9.35
N GLU D 331 1.15 -13.62 -8.55
CA GLU D 331 0.47 -13.79 -7.28
C GLU D 331 0.79 -12.65 -6.33
N HIS D 332 -0.23 -12.22 -5.58
CA HIS D 332 -0.06 -11.25 -4.52
C HIS D 332 0.36 -12.00 -3.26
N HIS D 333 1.60 -11.78 -2.81
CA HIS D 333 2.07 -12.32 -1.54
C HIS D 333 2.11 -11.19 -0.52
N PRO D 334 1.04 -10.99 0.26
CA PRO D 334 1.00 -9.83 1.14
C PRO D 334 2.13 -9.85 2.16
N GLY D 335 2.59 -8.65 2.54
CA GLY D 335 3.66 -8.56 3.52
C GLY D 335 3.26 -9.10 4.86
N ASP D 336 1.96 -9.11 5.14
CA ASP D 336 1.33 -9.76 6.28
C ASP D 336 0.41 -10.84 5.71
N ALA D 337 0.75 -12.10 5.94
CA ALA D 337 0.01 -13.20 5.31
C ALA D 337 -1.45 -13.27 5.73
N LEU D 338 -1.82 -12.64 6.84
CA LEU D 338 -3.22 -12.59 7.29
C LEU D 338 -3.93 -11.32 6.84
N ASP D 339 -3.36 -10.54 5.93
CA ASP D 339 -3.93 -9.26 5.53
C ASP D 339 -3.95 -9.17 4.00
N PRO D 340 -5.10 -9.46 3.38
CA PRO D 340 -5.16 -9.41 1.91
C PRO D 340 -4.88 -8.03 1.35
N TYR D 341 -5.08 -6.98 2.12
CA TYR D 341 -4.84 -5.62 1.67
C TYR D 341 -3.40 -5.16 1.83
N ALA D 342 -2.52 -6.00 2.40
CA ALA D 342 -1.12 -5.63 2.62
C ALA D 342 -0.35 -5.81 1.31
N LEU D 343 -0.67 -4.98 0.33
CA LEU D 343 0.05 -5.05 -0.94
C LEU D 343 1.46 -4.52 -0.75
N GLN D 344 2.43 -5.19 -1.36
CA GLN D 344 3.83 -4.84 -1.17
C GLN D 344 4.49 -4.38 -2.47
#